data_7JWF
#
_entry.id   7JWF
#
_cell.length_a   98.517
_cell.length_b   124.763
_cell.length_c   142.423
_cell.angle_alpha   90.000
_cell.angle_beta   93.860
_cell.angle_gamma   90.000
#
_symmetry.space_group_name_H-M   'P 1 21 1'
#
loop_
_entity.id
_entity.type
_entity.pdbx_description
1 polymer 'Glycoside hydrolase family 110'
2 branched alpha-D-galactopyranose-(1-3)-beta-D-galactopyranose
3 non-polymer D-MALATE
4 non-polymer 1,2-ETHANEDIOL
5 non-polymer 'IODIDE ION'
6 non-polymer 'TETRAETHYLENE GLYCOL'
7 non-polymer 'CALCIUM ION'
8 non-polymer 'ACETATE ION'
9 non-polymer 'CHLORIDE ION'
10 non-polymer 'MALONIC ACID'
11 non-polymer 'MALONATE ION'
12 non-polymer '4-(2-HYDROXYETHYL)-1-PIPERAZINE ETHANESULFONIC ACID'
13 water water
#
_entity_poly.entity_id   1
_entity_poly.type   'polypeptide(L)'
_entity_poly.pdbx_seq_one_letter_code
;MGSSHHHHHHSSGLVPRGSHMASNDKVIDVSDFGAIKDTGSDSTHSLYKALQEAKKIGATKITFPKGRYDFYEERAADRL
MYISNNDPGIKRITFPLSSFNNLEIDGNNSTFIFHGGLVPFILDESSHIVLRNFSIDFSRAFHSEALIAGAGKGYLDLKF
TDQFPYKINEAGILKFQSQLFQASGIKNKDRLKRKQISQDEYKYEYKRVLEFNFALREPEYMAQDIFTGNALRAEKLNGG
DVVRIFHPNLKAKVGNILVFQAKHRDYPGVVISDSNNVELHNITIHHAGGMGVIAQRSHNITIKDSKVSPSKGRIVSTTA
DATHFVNCTGKIKLIDNLFESQKNDATNIHGVYAAIDKIIDDKTVEIKLQHPQQFGFDFIAPEDELELVHGASLITYETN
KVVTSTRVSNEVTRVQFIKPFDSRIKEGDSVSKVRSYAEVIIKGNIIRKNRARGMLLNSRGKTLIENNYFHTPGSAILFE
GDANFWFEQGGVSDVTIKNNVFENSFYSQWGKGIIAVDAGIDDKFKETSRYNKNIVIKGNTFKVFDKAPILNLFSVSNLV
FENNIIEKTTEYPERKKYNSLFVINNSDNITISINNILQGFSEGKSQLLSPTTTYKRAKN
;
_entity_poly.pdbx_strand_id   A,B,C,D
#
# COMPACT_ATOMS: atom_id res chain seq x y z
N ASP A 25 -9.76 -29.35 15.53
CA ASP A 25 -8.99 -29.71 14.35
C ASP A 25 -9.20 -28.69 13.23
N LYS A 26 -10.28 -28.86 12.48
CA LYS A 26 -10.59 -27.91 11.41
C LYS A 26 -11.11 -26.59 11.98
N VAL A 27 -11.90 -26.66 13.05
CA VAL A 27 -12.47 -25.49 13.70
C VAL A 27 -11.90 -25.41 15.10
N ILE A 28 -11.33 -24.26 15.44
CA ILE A 28 -10.70 -24.05 16.74
C ILE A 28 -11.58 -23.12 17.56
N ASP A 29 -11.94 -23.56 18.76
CA ASP A 29 -12.67 -22.74 19.72
C ASP A 29 -11.67 -21.98 20.56
N VAL A 30 -11.72 -20.65 20.50
CA VAL A 30 -10.73 -19.84 21.20
C VAL A 30 -10.84 -19.98 22.72
N SER A 31 -12.01 -20.39 23.23
CA SER A 31 -12.13 -20.64 24.66
C SER A 31 -11.32 -21.85 25.11
N ASP A 32 -10.97 -22.76 24.18
CA ASP A 32 -10.10 -23.87 24.50
C ASP A 32 -8.67 -23.44 24.77
N PHE A 33 -8.34 -22.17 24.51
CA PHE A 33 -7.01 -21.63 24.78
C PHE A 33 -7.02 -20.60 25.90
N GLY A 34 -8.14 -20.46 26.61
CA GLY A 34 -8.21 -19.59 27.77
C GLY A 34 -8.91 -18.27 27.56
N ALA A 35 -9.42 -18.00 26.36
CA ALA A 35 -10.14 -16.76 26.09
C ALA A 35 -11.55 -16.89 26.66
N ILE A 36 -11.80 -16.24 27.79
CA ILE A 36 -13.05 -16.35 28.52
C ILE A 36 -13.86 -15.09 28.29
N LYS A 37 -15.13 -15.26 27.93
CA LYS A 37 -16.02 -14.14 27.65
C LYS A 37 -16.59 -13.56 28.94
N ASP A 38 -16.99 -12.29 28.85
CA ASP A 38 -17.78 -11.61 29.89
C ASP A 38 -17.05 -11.56 31.24
N THR A 39 -15.72 -11.49 31.21
CA THR A 39 -14.96 -11.34 32.44
C THR A 39 -14.24 -10.00 32.56
N GLY A 40 -14.03 -9.30 31.44
CA GLY A 40 -13.23 -8.10 31.45
C GLY A 40 -11.73 -8.35 31.44
N SER A 41 -11.30 -9.60 31.54
CA SER A 41 -9.89 -9.94 31.53
C SER A 41 -9.34 -9.90 30.10
N ASP A 42 -8.02 -9.74 30.01
CA ASP A 42 -7.34 -9.68 28.73
C ASP A 42 -7.29 -11.07 28.08
N SER A 43 -7.83 -11.17 26.87
CA SER A 43 -7.80 -12.39 26.08
C SER A 43 -6.80 -12.34 24.94
N THR A 44 -5.89 -11.37 24.95
CA THR A 44 -4.96 -11.20 23.84
C THR A 44 -4.03 -12.40 23.71
N HIS A 45 -3.40 -12.81 24.82
CA HIS A 45 -2.43 -13.90 24.75
C HIS A 45 -3.12 -15.23 24.45
N SER A 46 -4.30 -15.45 25.02
CA SER A 46 -5.06 -16.66 24.70
C SER A 46 -5.41 -16.71 23.21
N LEU A 47 -5.80 -15.57 22.65
CA LEU A 47 -6.13 -15.52 21.23
C LEU A 47 -4.91 -15.77 20.37
N TYR A 48 -3.76 -15.23 20.77
CA TYR A 48 -2.53 -15.43 20.00
C TYR A 48 -2.19 -16.91 19.88
N LYS A 49 -2.31 -17.65 20.99
CA LYS A 49 -1.99 -19.07 20.96
C LYS A 49 -3.00 -19.86 20.12
N ALA A 50 -4.26 -19.45 20.12
CA ALA A 50 -5.23 -20.07 19.23
C ALA A 50 -4.88 -19.79 17.77
N LEU A 51 -4.37 -18.59 17.48
CA LEU A 51 -3.99 -18.25 16.12
C LEU A 51 -2.81 -19.10 15.65
N GLN A 52 -1.79 -19.27 16.50
CA GLN A 52 -0.63 -20.05 16.12
C GLN A 52 -0.97 -21.51 15.91
N GLU A 53 -1.93 -22.05 16.69
CA GLU A 53 -2.33 -23.43 16.50
C GLU A 53 -3.08 -23.61 15.20
N ALA A 54 -3.92 -22.64 14.83
CA ALA A 54 -4.63 -22.71 13.56
C ALA A 54 -3.65 -22.73 12.38
N LYS A 55 -2.57 -21.95 12.48
CA LYS A 55 -1.56 -21.96 11.44
C LYS A 55 -0.78 -23.28 11.44
N LYS A 56 -0.56 -23.85 12.62
CA LYS A 56 0.25 -25.07 12.71
C LYS A 56 -0.42 -26.24 12.02
N ILE A 57 -1.73 -26.41 12.21
CA ILE A 57 -2.46 -27.54 11.65
C ILE A 57 -3.29 -27.16 10.44
N GLY A 58 -3.23 -25.92 10.00
CA GLY A 58 -4.02 -25.50 8.85
C GLY A 58 -5.51 -25.50 9.11
N ALA A 59 -5.93 -25.11 10.32
CA ALA A 59 -7.35 -25.00 10.61
C ALA A 59 -7.99 -23.94 9.71
N THR A 60 -9.27 -24.14 9.41
CA THR A 60 -9.98 -23.26 8.50
C THR A 60 -10.85 -22.23 9.21
N LYS A 61 -11.09 -22.38 10.51
CA LYS A 61 -11.99 -21.46 11.20
C LYS A 61 -11.59 -21.35 12.67
N ILE A 62 -11.72 -20.13 13.21
CA ILE A 62 -11.63 -19.88 14.64
C ILE A 62 -12.93 -19.23 15.07
N THR A 63 -13.54 -19.76 16.13
CA THR A 63 -14.82 -19.27 16.61
C THR A 63 -14.67 -18.71 18.02
N PHE A 64 -15.42 -17.65 18.31
CA PHE A 64 -15.57 -17.10 19.65
C PHE A 64 -16.93 -17.46 20.19
N PRO A 65 -17.02 -18.04 21.39
CA PRO A 65 -18.33 -18.12 22.06
C PRO A 65 -18.89 -16.72 22.24
N LYS A 66 -20.16 -16.53 21.85
CA LYS A 66 -20.76 -15.20 21.81
C LYS A 66 -20.68 -14.53 23.18
N GLY A 67 -20.06 -13.35 23.21
CA GLY A 67 -19.93 -12.62 24.46
C GLY A 67 -19.02 -11.42 24.25
N ARG A 68 -18.63 -10.80 25.36
CA ARG A 68 -17.74 -9.66 25.34
C ARG A 68 -16.31 -10.11 25.59
N TYR A 69 -15.39 -9.64 24.75
CA TYR A 69 -13.97 -9.93 24.88
C TYR A 69 -13.19 -8.63 24.94
N ASP A 70 -12.30 -8.52 25.92
CA ASP A 70 -11.50 -7.33 26.13
C ASP A 70 -10.04 -7.62 25.80
N PHE A 71 -9.39 -6.68 25.12
CA PHE A 71 -8.00 -6.81 24.69
C PHE A 71 -7.22 -5.59 25.13
N TYR A 72 -6.04 -5.82 25.70
CA TYR A 72 -5.20 -4.76 26.25
C TYR A 72 -3.86 -4.70 25.53
N GLU A 73 -3.06 -3.69 25.89
CA GLU A 73 -1.79 -3.45 25.20
C GLU A 73 -0.67 -4.34 25.71
N GLU A 74 -0.75 -4.78 26.97
CA GLU A 74 0.42 -5.30 27.67
C GLU A 74 1.02 -6.52 26.99
N ARG A 75 0.20 -7.34 26.33
CA ARG A 75 0.68 -8.58 25.73
C ARG A 75 0.37 -8.65 24.24
N ALA A 76 0.23 -7.51 23.57
CA ALA A 76 -0.03 -7.46 22.14
C ALA A 76 1.29 -7.40 21.37
N ALA A 77 1.35 -8.18 20.29
CA ALA A 77 2.57 -8.23 19.48
C ALA A 77 2.87 -6.86 18.88
N ASP A 78 4.14 -6.47 18.91
CA ASP A 78 4.59 -5.19 18.40
C ASP A 78 5.28 -5.37 17.06
N ARG A 79 4.91 -4.55 16.08
CA ARG A 79 5.54 -4.57 14.77
C ARG A 79 5.61 -3.14 14.23
N LEU A 80 6.67 -2.86 13.48
CA LEU A 80 6.70 -1.64 12.69
C LEU A 80 5.77 -1.80 11.50
N MET A 81 4.96 -0.78 11.25
CA MET A 81 4.01 -0.81 10.15
C MET A 81 3.97 0.54 9.46
N TYR A 82 4.03 0.53 8.13
CA TYR A 82 3.69 1.68 7.32
C TYR A 82 2.29 1.44 6.74
N ILE A 83 1.36 2.32 7.06
CA ILE A 83 -0.05 2.17 6.70
C ILE A 83 -0.45 3.41 5.90
N SER A 84 -0.61 3.24 4.59
CA SER A 84 -0.84 4.38 3.70
C SER A 84 -2.05 5.19 4.14
N ASN A 85 -1.92 6.52 4.05
CA ASN A 85 -2.95 7.47 4.44
C ASN A 85 -3.26 7.41 5.94
N ASN A 86 -2.38 6.78 6.72
CA ASN A 86 -2.50 6.75 8.17
C ASN A 86 -1.11 6.98 8.76
N ASP A 87 -1.01 6.91 10.10
CA ASP A 87 0.24 7.25 10.76
C ASP A 87 1.11 6.01 10.94
N PRO A 88 2.39 6.06 10.56
CA PRO A 88 3.28 4.92 10.73
C PRO A 88 3.89 4.90 12.13
N GLY A 89 4.51 3.77 12.46
CA GLY A 89 5.22 3.62 13.70
C GLY A 89 5.00 2.23 14.29
N ILE A 90 5.33 2.11 15.57
CA ILE A 90 5.14 0.86 16.29
C ILE A 90 3.66 0.62 16.52
N LYS A 91 3.19 -0.57 16.14
CA LYS A 91 1.79 -0.95 16.30
C LYS A 91 1.71 -2.15 17.23
N ARG A 92 0.84 -2.05 18.24
CA ARG A 92 0.45 -3.20 19.05
C ARG A 92 -0.81 -3.79 18.44
N ILE A 93 -0.73 -5.03 17.97
CA ILE A 93 -1.76 -5.65 17.16
C ILE A 93 -2.44 -6.75 17.96
N THR A 94 -3.76 -6.72 18.01
CA THR A 94 -4.52 -7.75 18.72
C THR A 94 -4.66 -9.02 17.90
N PHE A 95 -5.00 -8.88 16.61
CA PHE A 95 -5.05 -10.00 15.68
C PHE A 95 -3.92 -9.85 14.67
N PRO A 96 -2.70 -10.31 14.99
CA PRO A 96 -1.58 -10.18 14.03
C PRO A 96 -1.61 -11.28 12.98
N LEU A 97 -2.40 -11.03 11.93
CA LEU A 97 -2.60 -12.02 10.87
C LEU A 97 -1.53 -11.81 9.79
N SER A 98 -0.31 -12.21 10.12
CA SER A 98 0.82 -12.14 9.21
C SER A 98 1.06 -13.52 8.63
N SER A 99 0.91 -13.65 7.30
CA SER A 99 1.12 -14.90 6.58
C SER A 99 0.18 -16.00 7.09
N PHE A 100 -1.10 -15.64 7.22
CA PHE A 100 -2.16 -16.62 7.47
C PHE A 100 -2.89 -16.91 6.17
N ASN A 101 -3.44 -18.11 6.06
CA ASN A 101 -4.02 -18.54 4.80
C ASN A 101 -5.23 -19.42 5.05
N ASN A 102 -6.30 -19.17 4.30
CA ASN A 102 -7.51 -20.00 4.32
C ASN A 102 -8.07 -20.12 5.73
N LEU A 103 -8.26 -18.98 6.38
CA LEU A 103 -8.70 -18.93 7.77
C LEU A 103 -9.90 -18.01 7.90
N GLU A 104 -10.95 -18.51 8.55
CA GLU A 104 -12.14 -17.73 8.85
C GLU A 104 -12.18 -17.46 10.35
N ILE A 105 -12.57 -16.24 10.72
CA ILE A 105 -12.71 -15.85 12.12
C ILE A 105 -14.16 -15.44 12.33
N ASP A 106 -14.92 -16.29 13.03
CA ASP A 106 -16.34 -16.09 13.28
C ASP A 106 -16.52 -15.74 14.75
N GLY A 107 -16.83 -14.48 15.02
CA GLY A 107 -17.05 -14.05 16.40
C GLY A 107 -18.39 -14.42 16.99
N ASN A 108 -19.30 -14.96 16.18
CA ASN A 108 -20.65 -15.30 16.63
C ASN A 108 -21.36 -14.08 17.22
N ASN A 109 -21.16 -12.92 16.58
CA ASN A 109 -21.73 -11.65 17.03
C ASN A 109 -21.24 -11.27 18.42
N SER A 110 -19.98 -11.60 18.73
CA SER A 110 -19.36 -11.15 19.95
C SER A 110 -19.05 -9.65 19.88
N THR A 111 -18.70 -9.08 21.02
CA THR A 111 -18.30 -7.68 21.12
C THR A 111 -16.84 -7.64 21.55
N PHE A 112 -15.99 -7.02 20.73
CA PHE A 112 -14.57 -6.89 21.02
C PHE A 112 -14.29 -5.46 21.46
N ILE A 113 -13.76 -5.31 22.68
CA ILE A 113 -13.41 -4.02 23.24
C ILE A 113 -11.90 -3.93 23.35
N PHE A 114 -11.33 -2.86 22.81
CA PHE A 114 -9.88 -2.67 22.76
C PHE A 114 -9.51 -1.49 23.65
N HIS A 115 -8.61 -1.74 24.61
CA HIS A 115 -8.26 -0.75 25.63
C HIS A 115 -6.93 -0.10 25.24
N GLY A 116 -6.98 1.17 24.86
CA GLY A 116 -5.77 1.92 24.58
C GLY A 116 -5.38 1.95 23.11
N GLY A 117 -4.07 2.08 22.86
CA GLY A 117 -3.56 2.15 21.50
C GLY A 117 -3.32 0.79 20.88
N LEU A 118 -4.35 0.23 20.24
CA LEU A 118 -4.27 -1.09 19.62
C LEU A 118 -4.81 -1.02 18.20
N VAL A 119 -4.16 -1.74 17.29
CA VAL A 119 -4.70 -2.00 15.97
C VAL A 119 -5.43 -3.35 16.04
N PRO A 120 -6.75 -3.39 15.92
CA PRO A 120 -7.45 -4.67 16.08
C PRO A 120 -6.99 -5.75 15.11
N PHE A 121 -6.90 -5.45 13.82
CA PHE A 121 -6.57 -6.43 12.81
C PHE A 121 -5.53 -5.86 11.87
N ILE A 122 -4.47 -6.62 11.62
CA ILE A 122 -3.51 -6.32 10.56
C ILE A 122 -3.32 -7.61 9.76
N LEU A 123 -3.74 -7.59 8.49
CA LEU A 123 -3.52 -8.70 7.58
C LEU A 123 -2.32 -8.35 6.71
N ASP A 124 -1.24 -9.13 6.87
CA ASP A 124 0.03 -8.85 6.19
C ASP A 124 0.48 -10.11 5.48
N GLU A 125 0.54 -10.05 4.14
CA GLU A 125 0.92 -11.18 3.30
C GLU A 125 0.07 -12.40 3.61
N SER A 126 -1.22 -12.17 3.84
CA SER A 126 -2.18 -13.23 4.10
C SER A 126 -3.10 -13.42 2.91
N SER A 127 -3.78 -14.55 2.87
CA SER A 127 -4.63 -14.86 1.73
C SER A 127 -5.83 -15.67 2.18
N HIS A 128 -6.98 -15.39 1.56
CA HIS A 128 -8.24 -16.10 1.82
C HIS A 128 -8.61 -16.04 3.31
N ILE A 129 -8.78 -14.81 3.79
CA ILE A 129 -9.17 -14.53 5.16
C ILE A 129 -10.61 -14.02 5.15
N VAL A 130 -11.45 -14.58 6.02
CA VAL A 130 -12.82 -14.13 6.18
C VAL A 130 -13.02 -13.75 7.63
N LEU A 131 -13.47 -12.52 7.86
CA LEU A 131 -13.85 -12.05 9.19
C LEU A 131 -15.35 -11.82 9.21
N ARG A 132 -16.02 -12.40 10.20
CA ARG A 132 -17.47 -12.27 10.23
C ARG A 132 -18.00 -12.28 11.66
N ASN A 133 -19.10 -11.54 11.85
CA ASN A 133 -19.91 -11.59 13.06
C ASN A 133 -19.19 -11.15 14.32
N PHE A 134 -18.72 -9.91 14.36
CA PHE A 134 -18.27 -9.31 15.61
C PHE A 134 -18.24 -7.80 15.44
N SER A 135 -18.14 -7.10 16.57
CA SER A 135 -18.06 -5.65 16.59
C SER A 135 -16.74 -5.20 17.22
N ILE A 136 -16.23 -4.07 16.72
CA ILE A 136 -14.97 -3.50 17.17
C ILE A 136 -15.24 -2.13 17.77
N ASP A 137 -14.75 -1.91 18.99
CA ASP A 137 -14.87 -0.62 19.64
C ASP A 137 -13.74 -0.45 20.62
N PHE A 138 -13.53 0.80 21.05
CA PHE A 138 -12.49 1.12 22.02
C PHE A 138 -13.14 1.62 23.32
N SER A 139 -12.47 1.35 24.44
CA SER A 139 -13.01 1.74 25.74
C SER A 139 -13.10 3.25 25.89
N ARG A 140 -12.23 3.99 25.20
CA ARG A 140 -12.31 5.44 25.15
C ARG A 140 -12.00 5.87 23.71
N ALA A 141 -12.87 6.68 23.14
CA ALA A 141 -12.68 7.14 21.77
C ALA A 141 -11.46 8.04 21.69
N PHE A 142 -10.78 8.00 20.54
CA PHE A 142 -9.63 8.86 20.34
C PHE A 142 -10.05 10.30 20.07
N HIS A 143 -11.23 10.49 19.49
CA HIS A 143 -11.83 11.80 19.37
C HIS A 143 -12.60 12.12 20.65
N SER A 144 -13.19 13.31 20.71
CA SER A 144 -13.96 13.72 21.87
C SER A 144 -15.21 14.47 21.40
N GLU A 145 -16.26 14.38 22.22
CA GLU A 145 -17.54 15.01 21.93
C GLU A 145 -18.03 15.72 23.18
N ALA A 146 -18.77 16.81 22.98
CA ALA A 146 -19.35 17.56 24.09
C ALA A 146 -20.60 18.27 23.62
N LEU A 147 -21.55 18.41 24.54
CA LEU A 147 -22.74 19.20 24.28
C LEU A 147 -22.43 20.68 24.49
N ILE A 148 -22.87 21.51 23.55
CA ILE A 148 -22.62 22.96 23.61
C ILE A 148 -23.69 23.56 24.51
N ALA A 149 -23.31 23.92 25.74
CA ALA A 149 -24.24 24.47 26.71
C ALA A 149 -24.34 25.98 26.66
N GLY A 150 -23.38 26.66 26.05
CA GLY A 150 -23.40 28.11 25.95
C GLY A 150 -22.41 28.58 24.91
N ALA A 151 -22.54 29.86 24.57
CA ALA A 151 -21.68 30.46 23.55
C ALA A 151 -21.55 31.95 23.79
N GLY A 152 -20.43 32.50 23.34
CA GLY A 152 -20.20 33.93 23.43
C GLY A 152 -19.07 34.32 22.50
N LYS A 153 -18.70 35.61 22.58
CA LYS A 153 -17.63 36.12 21.75
C LYS A 153 -16.30 35.43 22.06
N GLY A 154 -15.89 34.51 21.20
CA GLY A 154 -14.60 33.87 21.34
C GLY A 154 -14.54 32.70 22.29
N TYR A 155 -15.66 32.09 22.63
CA TYR A 155 -15.65 30.93 23.51
C TYR A 155 -16.87 30.06 23.27
N LEU A 156 -16.84 28.88 23.87
CA LEU A 156 -17.95 27.94 23.88
C LEU A 156 -17.98 27.25 25.23
N ASP A 157 -19.18 27.08 25.79
CA ASP A 157 -19.37 26.34 27.03
C ASP A 157 -19.79 24.91 26.69
N LEU A 158 -19.05 23.95 27.22
CA LEU A 158 -19.22 22.55 26.83
C LEU A 158 -19.49 21.67 28.06
N LYS A 159 -20.26 20.61 27.84
CA LYS A 159 -20.54 19.60 28.85
C LYS A 159 -20.09 18.25 28.30
N PHE A 160 -19.16 17.60 29.00
CA PHE A 160 -18.60 16.33 28.59
C PHE A 160 -19.23 15.20 29.42
N THR A 161 -19.69 14.15 28.74
CA THR A 161 -20.12 12.96 29.46
C THR A 161 -18.91 12.23 30.04
N ASP A 162 -19.20 11.23 30.88
CA ASP A 162 -18.14 10.55 31.61
C ASP A 162 -17.20 9.76 30.71
N GLN A 163 -17.64 9.37 29.52
CA GLN A 163 -16.81 8.56 28.64
C GLN A 163 -15.80 9.39 27.85
N PHE A 164 -15.77 10.71 28.06
CA PHE A 164 -14.76 11.58 27.45
C PHE A 164 -13.98 12.29 28.57
N PRO A 165 -13.15 11.56 29.31
CA PRO A 165 -12.41 12.19 30.40
C PRO A 165 -11.40 13.20 29.88
N TYR A 166 -11.16 14.22 30.70
CA TYR A 166 -10.30 15.33 30.31
C TYR A 166 -9.59 15.87 31.54
N LYS A 167 -8.63 16.75 31.27
CA LYS A 167 -7.93 17.48 32.32
C LYS A 167 -7.68 18.90 31.85
N ILE A 168 -7.65 19.83 32.79
CA ILE A 168 -7.23 21.21 32.54
C ILE A 168 -6.03 21.46 33.43
N ASN A 169 -4.84 21.49 32.85
CA ASN A 169 -3.62 21.58 33.64
C ASN A 169 -3.46 22.99 34.21
N GLU A 170 -2.40 23.18 34.98
CA GLU A 170 -2.14 24.48 35.59
C GLU A 170 -1.85 25.55 34.55
N ALA A 171 -1.43 25.15 33.34
CA ALA A 171 -1.28 26.11 32.25
C ALA A 171 -2.62 26.59 31.70
N GLY A 172 -3.73 25.99 32.13
CA GLY A 172 -5.04 26.36 31.62
C GLY A 172 -5.35 25.79 30.26
N ILE A 173 -4.86 24.60 29.95
CA ILE A 173 -5.04 23.98 28.63
C ILE A 173 -5.86 22.72 28.79
N LEU A 174 -6.81 22.52 27.87
CA LEU A 174 -7.64 21.34 27.87
C LEU A 174 -6.89 20.17 27.23
N LYS A 175 -6.73 19.08 27.98
CA LYS A 175 -6.03 17.90 27.51
C LYS A 175 -6.87 16.66 27.83
N PHE A 176 -7.34 15.99 26.79
CA PHE A 176 -8.16 14.80 26.98
C PHE A 176 -7.30 13.63 27.47
N GLN A 177 -7.88 12.83 28.36
CA GLN A 177 -7.17 11.73 29.00
C GLN A 177 -7.78 10.39 28.61
N SER A 178 -7.00 9.33 28.79
CA SER A 178 -7.54 7.99 28.65
C SER A 178 -8.46 7.62 29.80
N GLN A 179 -8.27 8.25 30.96
CA GLN A 179 -9.06 7.98 32.15
C GLN A 179 -8.69 9.03 33.19
N LEU A 180 -9.50 9.11 34.25
CA LEU A 180 -9.17 9.91 35.41
C LEU A 180 -8.38 9.06 36.39
N PHE A 181 -7.39 9.68 37.04
CA PHE A 181 -6.57 8.97 38.00
C PHE A 181 -7.28 8.83 39.35
N ASP A 190 -0.27 6.46 42.65
CA ASP A 190 1.04 5.87 42.39
C ASP A 190 1.77 6.64 41.29
N ARG A 191 3.08 6.82 41.47
CA ARG A 191 3.87 7.60 40.52
C ARG A 191 3.92 6.93 39.15
N LEU A 192 4.06 5.60 39.12
CA LEU A 192 4.14 4.90 37.84
C LEU A 192 2.82 4.95 37.09
N LYS A 193 1.69 4.92 37.81
CA LYS A 193 0.39 4.97 37.14
C LYS A 193 0.14 6.34 36.52
N ARG A 194 0.57 7.41 37.21
CA ARG A 194 0.42 8.75 36.66
C ARG A 194 1.26 8.92 35.38
N LYS A 195 2.44 8.31 35.36
CA LYS A 195 3.29 8.40 34.17
C LYS A 195 2.67 7.68 32.98
N GLN A 196 2.09 6.50 33.21
CA GLN A 196 1.45 5.76 32.12
C GLN A 196 0.27 6.54 31.55
N ILE A 197 -0.54 7.14 32.41
CA ILE A 197 -1.69 7.92 31.93
C ILE A 197 -1.22 9.16 31.18
N SER A 198 -0.17 9.81 31.67
CA SER A 198 0.31 11.02 31.02
C SER A 198 0.83 10.74 29.61
N GLN A 199 1.48 9.60 29.42
CA GLN A 199 1.94 9.22 28.09
C GLN A 199 0.78 8.96 27.13
N ASP A 200 -0.40 8.61 27.66
CA ASP A 200 -1.56 8.38 26.81
C ASP A 200 -2.16 9.66 26.26
N GLU A 201 -1.75 10.82 26.78
CA GLU A 201 -2.33 12.09 26.32
C GLU A 201 -2.15 12.27 24.82
N TYR A 202 -1.03 11.81 24.29
CA TYR A 202 -0.77 11.94 22.85
C TYR A 202 -1.85 11.26 22.02
N LYS A 203 -2.40 10.15 22.51
CA LYS A 203 -3.39 9.40 21.74
C LYS A 203 -4.66 10.20 21.53
N TYR A 204 -4.99 11.13 22.43
CA TYR A 204 -6.24 11.86 22.39
C TYR A 204 -6.04 13.34 22.11
N GLU A 205 -4.93 13.69 21.45
CA GLU A 205 -4.75 15.06 20.98
C GLU A 205 -5.75 15.40 19.89
N TYR A 206 -6.21 16.64 19.88
CA TYR A 206 -7.10 17.15 18.86
C TYR A 206 -6.35 18.12 17.96
N LYS A 207 -7.03 18.58 16.90
CA LYS A 207 -6.41 19.56 16.02
C LYS A 207 -7.45 20.51 15.42
N ARG A 208 -8.72 20.12 15.48
CA ARG A 208 -9.80 20.95 14.97
C ARG A 208 -11.11 20.49 15.58
N VAL A 209 -12.15 21.31 15.40
CA VAL A 209 -13.47 21.01 15.92
C VAL A 209 -14.49 21.13 14.80
N LEU A 210 -15.56 20.35 14.91
CA LEU A 210 -16.65 20.36 13.94
C LEU A 210 -17.97 20.29 14.68
N GLU A 211 -18.92 21.13 14.25
CA GLU A 211 -20.22 21.23 14.89
C GLU A 211 -21.20 20.24 14.24
N PHE A 212 -21.90 19.47 15.08
CA PHE A 212 -22.87 18.49 14.62
C PHE A 212 -24.27 18.92 15.04
N ASN A 213 -25.22 18.81 14.11
CA ASN A 213 -26.62 19.10 14.42
C ASN A 213 -27.16 18.05 15.37
N PHE A 214 -27.75 18.49 16.48
CA PHE A 214 -28.17 17.56 17.53
C PHE A 214 -29.29 16.66 17.03
N ALA A 215 -30.30 17.22 16.37
CA ALA A 215 -31.48 16.44 15.99
C ALA A 215 -31.14 15.45 14.87
N LEU A 216 -30.44 15.90 13.85
CA LEU A 216 -30.16 15.07 12.68
C LEU A 216 -28.84 14.31 12.79
N ARG A 217 -28.08 14.53 13.85
CA ARG A 217 -26.86 13.76 14.14
C ARG A 217 -25.93 13.70 12.92
N GLU A 218 -25.72 14.86 12.31
CA GLU A 218 -24.91 15.03 11.12
C GLU A 218 -24.11 16.31 11.29
N PRO A 219 -23.06 16.50 10.51
CA PRO A 219 -22.37 17.80 10.51
C PRO A 219 -23.37 18.92 10.24
N GLU A 220 -23.30 19.96 11.06
CA GLU A 220 -24.25 21.07 10.98
C GLU A 220 -24.27 21.66 9.58
N TYR A 221 -25.46 22.04 9.13
CA TYR A 221 -25.66 22.59 7.79
C TYR A 221 -24.70 23.74 7.53
N MET A 222 -23.86 23.57 6.50
CA MET A 222 -22.88 24.54 6.03
C MET A 222 -21.78 24.83 7.04
N ALA A 223 -21.74 24.15 8.18
CA ALA A 223 -20.63 24.31 9.11
C ALA A 223 -19.37 23.72 8.50
N GLN A 224 -18.22 24.29 8.88
CA GLN A 224 -16.94 23.86 8.36
C GLN A 224 -16.00 23.56 9.52
N ASP A 225 -14.90 22.87 9.21
CA ASP A 225 -13.87 22.62 10.19
C ASP A 225 -13.34 23.93 10.75
N ILE A 226 -13.17 23.98 12.07
CA ILE A 226 -12.59 25.14 12.74
C ILE A 226 -11.25 24.68 13.33
N PHE A 227 -10.16 25.10 12.70
CA PHE A 227 -8.84 24.70 13.17
C PHE A 227 -8.54 25.34 14.52
N THR A 228 -7.96 24.54 15.42
CA THR A 228 -7.64 25.02 16.76
C THR A 228 -6.20 24.72 17.13
N GLY A 229 -5.65 23.63 16.59
CA GLY A 229 -4.42 23.07 17.11
C GLY A 229 -4.71 22.11 18.25
N ASN A 230 -3.65 21.61 18.86
CA ASN A 230 -3.79 20.62 19.93
C ASN A 230 -3.84 21.24 21.31
N ALA A 231 -3.91 22.57 21.42
CA ALA A 231 -3.85 23.25 22.71
C ALA A 231 -4.90 24.35 22.73
N LEU A 232 -5.99 24.11 23.45
CA LEU A 232 -7.06 25.08 23.63
C LEU A 232 -7.04 25.60 25.06
N ARG A 233 -7.05 26.92 25.21
CA ARG A 233 -7.22 27.52 26.53
C ARG A 233 -8.59 27.13 27.09
N ALA A 234 -8.63 26.73 28.35
CA ALA A 234 -9.86 26.27 28.96
C ALA A 234 -9.87 26.60 30.43
N GLU A 235 -11.08 26.68 30.99
CA GLU A 235 -11.27 26.85 32.42
C GLU A 235 -12.60 26.23 32.81
N LYS A 236 -12.64 25.65 34.01
CA LYS A 236 -13.84 25.01 34.53
C LYS A 236 -14.68 26.06 35.25
N LEU A 237 -15.92 26.26 34.79
CA LEU A 237 -16.79 27.26 35.38
C LEU A 237 -17.27 26.81 36.74
N ASN A 238 -17.35 27.74 37.68
CA ASN A 238 -17.75 27.48 39.06
C ASN A 238 -16.87 26.40 39.70
N GLY A 240 -17.41 23.11 38.74
CA GLY A 240 -17.17 22.26 37.59
C GLY A 240 -18.42 21.88 36.82
N ASP A 241 -18.25 20.89 35.93
CA ASP A 241 -19.28 20.26 35.10
C ASP A 241 -19.43 20.94 33.75
N VAL A 242 -19.10 22.22 33.65
CA VAL A 242 -19.10 22.94 32.38
C VAL A 242 -17.69 23.43 32.12
N VAL A 243 -17.19 23.21 30.91
CA VAL A 243 -15.86 23.63 30.49
C VAL A 243 -16.01 24.71 29.43
N ARG A 244 -15.30 25.82 29.60
CA ARG A 244 -15.28 26.90 28.63
C ARG A 244 -13.95 26.86 27.89
N ILE A 245 -14.04 26.74 26.56
CA ILE A 245 -12.86 26.74 25.71
C ILE A 245 -12.79 28.08 24.98
N PHE A 246 -11.58 28.61 24.83
CA PHE A 246 -11.37 29.94 24.26
C PHE A 246 -10.64 29.82 22.93
N HIS A 247 -11.20 30.44 21.89
CA HIS A 247 -10.57 30.56 20.58
C HIS A 247 -11.34 31.61 19.78
N PRO A 248 -10.65 32.52 19.10
CA PRO A 248 -11.36 33.59 18.39
C PRO A 248 -12.24 33.11 17.25
N ASN A 249 -11.99 31.92 16.69
CA ASN A 249 -12.75 31.42 15.55
C ASN A 249 -13.84 30.45 15.96
N LEU A 250 -14.10 30.28 17.25
CA LEU A 250 -15.13 29.37 17.70
C LEU A 250 -16.51 29.93 17.39
N LYS A 251 -17.34 29.12 16.73
CA LYS A 251 -18.69 29.54 16.36
C LYS A 251 -19.54 28.29 16.21
N ALA A 252 -20.63 28.21 16.97
CA ALA A 252 -21.52 27.06 16.91
C ALA A 252 -22.84 27.44 17.58
N LYS A 253 -23.86 26.60 17.37
CA LYS A 253 -25.16 26.82 17.95
C LYS A 253 -25.26 26.12 19.30
N VAL A 254 -25.80 26.83 20.29
CA VAL A 254 -26.07 26.21 21.58
C VAL A 254 -27.06 25.06 21.39
N GLY A 255 -26.85 23.97 22.11
CA GLY A 255 -27.64 22.78 21.94
C GLY A 255 -27.07 21.77 20.97
N ASN A 256 -26.20 22.20 20.06
CA ASN A 256 -25.55 21.28 19.15
C ASN A 256 -24.43 20.54 19.87
N ILE A 257 -23.74 19.68 19.14
CA ILE A 257 -22.66 18.86 19.69
C ILE A 257 -21.36 19.24 18.98
N LEU A 258 -20.32 19.51 19.75
CA LEU A 258 -19.01 19.83 19.21
C LEU A 258 -18.12 18.60 19.27
N VAL A 259 -17.50 18.27 18.14
CA VAL A 259 -16.64 17.09 18.01
C VAL A 259 -15.19 17.57 17.91
N PHE A 260 -14.34 17.04 18.77
CA PHE A 260 -12.90 17.31 18.71
C PHE A 260 -12.26 16.25 17.81
N GLN A 261 -11.79 16.66 16.64
CA GLN A 261 -11.19 15.74 15.69
C GLN A 261 -9.86 15.21 16.23
N ALA A 262 -9.69 13.89 16.18
CA ALA A 262 -8.43 13.29 16.59
C ALA A 262 -7.30 13.74 15.68
N LYS A 263 -6.18 14.14 16.29
CA LYS A 263 -5.08 14.67 15.50
C LYS A 263 -4.32 13.56 14.76
N HIS A 264 -4.36 12.34 15.26
CA HIS A 264 -3.54 11.26 14.72
C HIS A 264 -4.41 10.16 14.14
N ARG A 265 -3.80 9.35 13.28
CA ARG A 265 -4.43 8.16 12.71
C ARG A 265 -3.57 6.94 13.00
N ASP A 266 -3.40 6.62 14.28
CA ASP A 266 -2.43 5.61 14.69
C ASP A 266 -3.02 4.21 14.79
N TYR A 267 -4.33 4.08 14.94
CA TYR A 267 -4.96 2.79 15.25
C TYR A 267 -6.17 2.55 14.35
N PRO A 268 -5.93 2.28 13.06
CA PRO A 268 -7.04 1.89 12.19
C PRO A 268 -7.63 0.56 12.62
N GLY A 269 -8.89 0.34 12.22
CA GLY A 269 -9.61 -0.86 12.63
C GLY A 269 -9.07 -2.13 12.01
N VAL A 270 -9.15 -2.24 10.69
CA VAL A 270 -8.70 -3.40 9.95
C VAL A 270 -7.75 -2.95 8.86
N VAL A 271 -6.52 -3.45 8.90
CA VAL A 271 -5.50 -3.14 7.90
C VAL A 271 -5.31 -4.37 7.03
N ILE A 272 -5.43 -4.18 5.72
CA ILE A 272 -5.22 -5.24 4.73
C ILE A 272 -4.04 -4.82 3.87
N SER A 273 -2.89 -5.44 4.10
CA SER A 273 -1.63 -5.00 3.49
C SER A 273 -0.97 -6.17 2.78
N ASP A 274 -0.69 -6.01 1.49
CA ASP A 274 -0.01 -7.02 0.67
C ASP A 274 -0.69 -8.38 0.79
N SER A 275 -2.01 -8.37 0.88
CA SER A 275 -2.81 -9.57 1.08
C SER A 275 -3.76 -9.75 -0.09
N ASN A 276 -4.48 -10.87 -0.10
CA ASN A 276 -5.41 -11.11 -1.20
C ASN A 276 -6.60 -11.93 -0.72
N ASN A 277 -7.72 -11.75 -1.41
CA ASN A 277 -8.96 -12.48 -1.16
C ASN A 277 -9.39 -12.38 0.30
N VAL A 278 -9.71 -11.15 0.71
CA VAL A 278 -10.15 -10.84 2.06
C VAL A 278 -11.63 -10.50 2.02
N GLU A 279 -12.40 -11.05 2.94
CA GLU A 279 -13.83 -10.80 3.02
C GLU A 279 -14.20 -10.41 4.44
N LEU A 280 -15.00 -9.35 4.55
CA LEU A 280 -15.59 -8.92 5.82
C LEU A 280 -17.11 -9.04 5.70
N HIS A 281 -17.73 -9.78 6.62
CA HIS A 281 -19.16 -10.00 6.59
C HIS A 281 -19.75 -9.70 7.97
N ASN A 282 -20.74 -8.82 8.02
CA ASN A 282 -21.41 -8.46 9.26
C ASN A 282 -20.41 -8.02 10.33
N ILE A 283 -19.51 -7.13 9.94
CA ILE A 283 -18.50 -6.56 10.84
C ILE A 283 -18.96 -5.16 11.21
N THR A 284 -19.10 -4.90 12.51
CA THR A 284 -19.49 -3.59 13.00
C THR A 284 -18.25 -2.91 13.58
N ILE A 285 -17.77 -1.88 12.89
CA ILE A 285 -16.64 -1.08 13.36
C ILE A 285 -17.23 0.17 13.99
N HIS A 286 -17.28 0.20 15.32
CA HIS A 286 -17.84 1.34 16.01
C HIS A 286 -16.88 2.51 16.08
N HIS A 287 -15.57 2.23 16.04
CA HIS A 287 -14.57 3.28 16.24
C HIS A 287 -13.22 2.77 15.80
N ALA A 288 -12.34 3.71 15.46
CA ALA A 288 -10.95 3.41 15.15
C ALA A 288 -10.15 4.70 15.29
N GLY A 289 -8.86 4.54 15.59
CA GLY A 289 -7.95 5.67 15.61
C GLY A 289 -7.44 5.95 14.20
N GLY A 290 -8.31 6.51 13.38
CA GLY A 290 -8.08 6.62 11.95
C GLY A 290 -9.19 5.94 11.16
N MET A 291 -8.79 5.18 10.14
CA MET A 291 -9.74 4.60 9.22
C MET A 291 -10.26 3.26 9.71
N GLY A 292 -11.53 2.97 9.40
CA GLY A 292 -12.13 1.70 9.73
C GLY A 292 -11.45 0.54 9.04
N VAL A 293 -11.42 0.57 7.71
CA VAL A 293 -10.73 -0.43 6.91
C VAL A 293 -9.81 0.29 5.94
N ILE A 294 -8.51 0.02 6.04
CA ILE A 294 -7.51 0.57 5.13
C ILE A 294 -6.80 -0.59 4.45
N ALA A 295 -6.83 -0.60 3.12
CA ALA A 295 -6.20 -1.64 2.33
C ALA A 295 -5.14 -1.04 1.43
N GLN A 296 -3.98 -1.68 1.35
CA GLN A 296 -2.89 -1.22 0.50
C GLN A 296 -2.28 -2.41 -0.23
N ARG A 297 -2.10 -2.26 -1.54
CA ARG A 297 -1.39 -3.22 -2.37
C ARG A 297 -1.97 -4.63 -2.21
N SER A 298 -3.29 -4.71 -2.23
CA SER A 298 -4.00 -5.97 -1.97
C SER A 298 -4.99 -6.26 -3.08
N HIS A 299 -5.28 -7.55 -3.26
CA HIS A 299 -6.00 -8.06 -4.41
C HIS A 299 -7.27 -8.77 -3.95
N ASN A 300 -8.42 -8.35 -4.50
CA ASN A 300 -9.73 -8.91 -4.16
C ASN A 300 -10.09 -8.68 -2.70
N ILE A 301 -10.95 -7.70 -2.44
CA ILE A 301 -11.43 -7.40 -1.09
C ILE A 301 -12.93 -7.22 -1.15
N THR A 302 -13.63 -7.78 -0.15
CA THR A 302 -15.08 -7.73 -0.08
C THR A 302 -15.51 -7.31 1.31
N ILE A 303 -16.36 -6.30 1.40
CA ILE A 303 -16.98 -5.86 2.64
C ILE A 303 -18.47 -5.89 2.43
N LYS A 304 -19.17 -6.77 3.15
CA LYS A 304 -20.58 -7.03 2.90
C LYS A 304 -21.34 -7.11 4.22
N ASP A 305 -22.56 -6.54 4.23
CA ASP A 305 -23.49 -6.61 5.35
C ASP A 305 -22.88 -6.05 6.64
N SER A 306 -21.87 -5.21 6.52
CA SER A 306 -21.16 -4.65 7.65
C SER A 306 -21.59 -3.20 7.87
N LYS A 307 -21.11 -2.61 8.96
CA LYS A 307 -21.49 -1.23 9.20
C LYS A 307 -20.43 -0.50 10.03
N VAL A 308 -20.29 0.79 9.74
CA VAL A 308 -19.50 1.71 10.55
C VAL A 308 -20.48 2.71 11.14
N SER A 309 -20.63 2.67 12.46
CA SER A 309 -21.66 3.44 13.16
C SER A 309 -21.22 3.64 14.59
N PRO A 310 -21.58 4.75 15.22
CA PRO A 310 -21.10 5.00 16.59
C PRO A 310 -21.69 4.03 17.58
N SER A 311 -20.97 3.85 18.69
CA SER A 311 -21.49 3.10 19.81
C SER A 311 -22.37 4.01 20.67
N LYS A 312 -22.85 3.48 21.80
CA LYS A 312 -23.77 4.21 22.64
C LYS A 312 -23.11 5.47 23.21
N GLY A 313 -23.86 6.56 23.21
CA GLY A 313 -23.40 7.81 23.78
C GLY A 313 -22.51 8.63 22.88
N ARG A 314 -22.34 8.24 21.62
CA ARG A 314 -21.45 8.93 20.69
C ARG A 314 -22.20 9.31 19.43
N ILE A 315 -21.76 10.42 18.84
CA ILE A 315 -22.31 10.88 17.56
C ILE A 315 -21.39 10.59 16.39
N VAL A 316 -20.14 10.21 16.66
CA VAL A 316 -19.12 9.96 15.63
C VAL A 316 -18.63 8.53 15.77
N SER A 317 -18.37 7.87 14.63
CA SER A 317 -17.77 6.54 14.66
C SER A 317 -16.26 6.63 14.51
N THR A 318 -15.73 6.21 13.36
CA THR A 318 -14.29 6.25 13.15
C THR A 318 -13.80 7.67 12.89
N THR A 319 -12.58 7.95 13.32
CA THR A 319 -12.03 9.30 13.24
C THR A 319 -11.52 9.65 11.84
N ALA A 320 -11.53 8.70 10.90
CA ALA A 320 -11.17 9.00 9.52
C ALA A 320 -12.04 8.13 8.61
N ASP A 321 -11.56 7.89 7.39
CA ASP A 321 -12.35 7.23 6.35
C ASP A 321 -12.94 5.92 6.85
N ALA A 322 -14.19 5.66 6.44
CA ALA A 322 -14.79 4.36 6.73
C ALA A 322 -14.01 3.25 6.01
N THR A 323 -13.83 3.39 4.70
CA THR A 323 -13.08 2.44 3.90
C THR A 323 -12.09 3.21 3.04
N HIS A 324 -11.01 2.53 2.65
CA HIS A 324 -9.95 3.15 1.88
C HIS A 324 -9.05 2.11 1.24
N PHE A 325 -8.76 2.26 -0.06
CA PHE A 325 -8.01 1.27 -0.81
C PHE A 325 -6.94 1.98 -1.63
N VAL A 326 -5.71 1.51 -1.51
CA VAL A 326 -4.54 2.16 -2.11
C VAL A 326 -3.79 1.13 -2.94
N ASN A 327 -3.67 1.39 -4.24
CA ASN A 327 -2.95 0.52 -5.16
C ASN A 327 -3.51 -0.90 -5.16
N CYS A 328 -4.82 -1.03 -4.96
CA CYS A 328 -5.45 -2.34 -4.89
C CYS A 328 -5.85 -2.81 -6.28
N THR A 329 -5.95 -4.12 -6.43
CA THR A 329 -6.24 -4.77 -7.71
C THR A 329 -7.36 -5.78 -7.53
N GLY A 330 -7.76 -6.40 -8.64
CA GLY A 330 -8.84 -7.37 -8.62
C GLY A 330 -10.20 -6.73 -8.46
N LYS A 331 -11.03 -7.29 -7.59
CA LYS A 331 -12.38 -6.79 -7.35
C LYS A 331 -12.48 -6.22 -5.95
N ILE A 332 -12.95 -4.97 -5.86
CA ILE A 332 -13.26 -4.33 -4.59
C ILE A 332 -14.77 -4.24 -4.50
N LYS A 333 -15.35 -4.97 -3.55
CA LYS A 333 -16.80 -5.04 -3.40
C LYS A 333 -17.20 -4.45 -2.06
N LEU A 334 -18.09 -3.46 -2.10
CA LEU A 334 -18.75 -2.92 -0.92
C LEU A 334 -20.24 -3.13 -1.12
N ILE A 335 -20.82 -4.08 -0.39
CA ILE A 335 -22.17 -4.57 -0.65
C ILE A 335 -23.01 -4.43 0.62
N ASP A 336 -24.12 -3.71 0.50
CA ASP A 336 -25.16 -3.66 1.54
C ASP A 336 -24.59 -3.28 2.90
N ASN A 337 -23.74 -2.25 2.92
CA ASN A 337 -23.15 -1.78 4.16
C ASN A 337 -23.78 -0.47 4.59
N LEU A 338 -23.54 -0.12 5.85
CA LEU A 338 -23.93 1.16 6.42
C LEU A 338 -22.67 1.90 6.86
N PHE A 339 -22.34 2.98 6.16
CA PHE A 339 -21.20 3.83 6.52
C PHE A 339 -21.76 5.16 6.97
N GLU A 340 -21.76 5.40 8.28
CA GLU A 340 -22.30 6.63 8.83
C GLU A 340 -21.43 7.13 9.98
N SER A 341 -21.44 8.46 10.14
CA SER A 341 -20.93 9.19 11.30
C SER A 341 -19.40 9.28 11.39
N GLN A 342 -18.67 8.82 10.37
CA GLN A 342 -17.22 8.91 10.44
C GLN A 342 -16.75 10.31 10.04
N LYS A 343 -15.57 10.68 10.52
CA LYS A 343 -15.05 12.02 10.32
C LYS A 343 -14.39 12.22 8.95
N ASN A 344 -14.70 11.40 7.96
CA ASN A 344 -14.12 11.54 6.63
C ASN A 344 -14.98 10.79 5.62
N ASP A 345 -14.44 10.59 4.42
CA ASP A 345 -15.18 9.98 3.33
C ASP A 345 -15.54 8.54 3.65
N ALA A 346 -16.59 8.06 2.97
CA ALA A 346 -16.98 6.66 3.14
C ALA A 346 -16.01 5.73 2.43
N THR A 347 -15.53 6.13 1.24
CA THR A 347 -14.54 5.31 0.54
C THR A 347 -13.65 6.19 -0.33
N ASN A 348 -12.49 5.64 -0.66
CA ASN A 348 -11.54 6.26 -1.58
C ASN A 348 -10.71 5.14 -2.18
N ILE A 349 -10.75 4.99 -3.50
CA ILE A 349 -10.06 3.93 -4.21
C ILE A 349 -9.14 4.59 -5.22
N HIS A 350 -7.83 4.58 -4.96
CA HIS A 350 -6.90 5.38 -5.74
C HIS A 350 -5.56 4.66 -5.82
N GLY A 351 -4.64 5.27 -6.58
CA GLY A 351 -3.26 4.86 -6.64
C GLY A 351 -2.34 5.91 -6.02
N VAL A 352 -1.04 5.64 -6.12
CA VAL A 352 -0.02 6.47 -5.49
C VAL A 352 0.81 7.14 -6.57
N TYR A 353 0.83 8.47 -6.54
CA TYR A 353 1.79 9.26 -7.31
C TYR A 353 3.05 9.44 -6.48
N ALA A 354 4.21 9.22 -7.10
CA ALA A 354 5.49 9.48 -6.47
C ALA A 354 6.23 10.51 -7.31
N ALA A 355 6.64 11.61 -6.68
CA ALA A 355 7.27 12.70 -7.40
C ALA A 355 8.69 12.32 -7.83
N ILE A 356 9.05 12.74 -9.04
CA ILE A 356 10.43 12.59 -9.51
C ILE A 356 11.28 13.63 -8.80
N ASP A 357 12.06 13.18 -7.81
CA ASP A 357 12.85 14.09 -6.99
C ASP A 357 14.21 14.40 -7.61
N LYS A 358 14.83 13.42 -8.25
CA LYS A 358 16.18 13.58 -8.80
C LYS A 358 16.27 12.81 -10.11
N ILE A 359 16.79 13.46 -11.14
CA ILE A 359 17.08 12.82 -12.42
C ILE A 359 18.58 12.53 -12.45
N ILE A 360 18.93 11.25 -12.41
CA ILE A 360 20.34 10.87 -12.41
C ILE A 360 20.92 10.93 -13.81
N ASP A 361 20.32 10.20 -14.74
CA ASP A 361 20.70 10.25 -16.14
C ASP A 361 19.44 10.09 -16.98
N ASP A 362 19.62 9.85 -18.28
CA ASP A 362 18.48 9.74 -19.20
C ASP A 362 17.60 8.53 -18.91
N LYS A 363 18.08 7.58 -18.10
CA LYS A 363 17.30 6.39 -17.77
C LYS A 363 17.01 6.25 -16.28
N THR A 364 17.68 7.00 -15.42
CA THR A 364 17.67 6.76 -13.98
C THR A 364 17.10 7.96 -13.25
N VAL A 365 16.12 7.71 -12.39
CA VAL A 365 15.53 8.74 -11.55
C VAL A 365 15.49 8.25 -10.11
N GLU A 366 15.32 9.20 -9.19
CA GLU A 366 15.01 8.89 -7.80
C GLU A 366 13.66 9.50 -7.48
N ILE A 367 12.69 8.65 -7.15
CA ILE A 367 11.35 9.11 -6.82
C ILE A 367 11.27 9.30 -5.31
N LYS A 368 10.35 10.16 -4.89
CA LYS A 368 10.19 10.46 -3.47
C LYS A 368 8.71 10.53 -3.12
N LEU A 369 8.33 9.77 -2.09
CA LEU A 369 6.99 9.90 -1.53
C LEU A 369 6.83 11.26 -0.85
N GLN A 370 5.68 11.89 -1.07
CA GLN A 370 5.52 13.30 -0.72
C GLN A 370 4.71 13.52 0.55
N HIS A 371 3.50 12.99 0.62
CA HIS A 371 2.69 13.18 1.82
C HIS A 371 3.26 12.33 2.95
N PRO A 372 3.31 12.88 4.18
CA PRO A 372 3.91 12.12 5.28
C PRO A 372 3.24 10.78 5.55
N GLN A 373 1.92 10.69 5.36
CA GLN A 373 1.22 9.44 5.54
C GLN A 373 1.37 8.49 4.35
N GLN A 374 2.25 8.83 3.40
CA GLN A 374 2.62 7.95 2.31
C GLN A 374 4.01 7.34 2.47
N PHE A 375 4.80 7.83 3.44
CA PHE A 375 6.15 7.32 3.62
C PHE A 375 6.12 5.82 3.90
N GLY A 376 7.15 5.13 3.40
CA GLY A 376 7.23 3.69 3.57
C GLY A 376 6.37 2.87 2.64
N PHE A 377 5.75 3.50 1.65
CA PHE A 377 4.90 2.81 0.68
C PHE A 377 5.78 2.37 -0.47
N ASP A 378 6.32 1.16 -0.38
CA ASP A 378 7.14 0.57 -1.44
C ASP A 378 6.24 -0.13 -2.45
N PHE A 379 6.44 0.16 -3.74
CA PHE A 379 5.56 -0.41 -4.76
C PHE A 379 6.23 -0.54 -6.12
N ILE A 380 7.40 0.07 -6.30
CA ILE A 380 8.11 0.01 -7.58
C ILE A 380 9.10 -1.15 -7.55
N ALA A 381 8.91 -2.09 -8.45
CA ALA A 381 9.73 -3.30 -8.56
C ALA A 381 10.15 -3.48 -10.01
N PRO A 382 11.22 -4.23 -10.26
CA PRO A 382 11.60 -4.54 -11.63
C PRO A 382 10.47 -5.18 -12.41
N GLU A 383 10.42 -4.88 -13.71
CA GLU A 383 9.43 -5.29 -14.69
C GLU A 383 8.10 -4.54 -14.52
N ASP A 384 7.94 -3.74 -13.47
CA ASP A 384 6.77 -2.88 -13.38
C ASP A 384 6.79 -1.82 -14.48
N GLU A 385 5.60 -1.47 -14.96
CA GLU A 385 5.44 -0.37 -15.90
C GLU A 385 4.92 0.84 -15.15
N LEU A 386 5.54 1.99 -15.38
CA LEU A 386 5.20 3.21 -14.68
C LEU A 386 4.65 4.25 -15.65
N GLU A 387 3.61 4.94 -15.23
CA GLU A 387 3.15 6.14 -15.94
C GLU A 387 4.07 7.30 -15.58
N LEU A 388 4.50 8.06 -16.58
CA LEU A 388 5.33 9.23 -16.39
C LEU A 388 4.47 10.45 -16.70
N VAL A 389 4.09 11.19 -15.66
CA VAL A 389 2.98 12.13 -15.73
C VAL A 389 3.50 13.55 -15.46
N HIS A 390 3.06 14.50 -16.30
CA HIS A 390 3.30 15.91 -16.04
C HIS A 390 2.52 16.34 -14.81
N GLY A 391 3.21 17.01 -13.88
CA GLY A 391 2.62 17.25 -12.56
C GLY A 391 1.43 18.19 -12.60
N ALA A 392 1.60 19.37 -13.21
CA ALA A 392 0.58 20.40 -13.13
C ALA A 392 -0.66 20.08 -13.97
N SER A 393 -0.55 19.16 -14.93
CA SER A 393 -1.65 18.84 -15.82
C SER A 393 -2.24 17.45 -15.62
N LEU A 394 -1.52 16.55 -14.95
CA LEU A 394 -1.91 15.15 -14.82
C LEU A 394 -2.04 14.48 -16.19
N ILE A 395 -1.27 14.97 -17.17
CA ILE A 395 -1.21 14.37 -18.49
C ILE A 395 -0.02 13.43 -18.55
N THR A 396 -0.25 12.20 -19.02
CA THR A 396 0.80 11.19 -19.06
C THR A 396 1.66 11.39 -20.30
N TYR A 397 2.96 11.60 -20.10
CA TYR A 397 3.89 11.67 -21.21
C TYR A 397 4.01 10.31 -21.90
N GLU A 398 4.28 9.26 -21.12
CA GLU A 398 4.59 7.94 -21.66
C GLU A 398 4.49 6.93 -20.52
N THR A 399 4.54 5.66 -20.88
CA THR A 399 4.76 4.57 -19.93
C THR A 399 6.13 3.96 -20.19
N ASN A 400 6.81 3.57 -19.12
CA ASN A 400 8.16 3.03 -19.20
C ASN A 400 8.29 1.87 -18.23
N LYS A 401 9.11 0.89 -18.60
CA LYS A 401 9.29 -0.32 -17.81
C LYS A 401 10.53 -0.19 -16.94
N VAL A 402 10.41 -0.64 -15.69
CA VAL A 402 11.48 -0.59 -14.70
C VAL A 402 12.37 -1.81 -14.86
N VAL A 403 13.68 -1.61 -14.82
CA VAL A 403 14.65 -2.69 -14.82
C VAL A 403 15.30 -2.85 -13.45
N THR A 404 15.63 -1.75 -12.78
CA THR A 404 16.28 -1.81 -11.48
C THR A 404 15.53 -0.92 -10.50
N SER A 405 15.46 -1.34 -9.25
CA SER A 405 14.79 -0.63 -8.18
C SER A 405 15.59 -0.78 -6.90
N THR A 406 15.83 0.33 -6.20
CA THR A 406 16.61 0.32 -4.98
C THR A 406 15.97 1.27 -3.97
N ARG A 407 15.51 0.71 -2.85
CA ARG A 407 14.91 1.51 -1.79
C ARG A 407 16.01 2.18 -0.97
N VAL A 408 16.01 3.51 -0.94
CA VAL A 408 17.02 4.27 -0.21
C VAL A 408 16.55 4.59 1.20
N SER A 409 15.29 5.00 1.35
CA SER A 409 14.74 5.40 2.64
C SER A 409 13.23 5.12 2.61
N ASN A 410 12.53 5.55 3.65
CA ASN A 410 11.07 5.46 3.62
C ASN A 410 10.44 6.57 2.79
N GLU A 411 11.26 7.36 2.09
CA GLU A 411 10.79 8.38 1.17
C GLU A 411 11.30 8.19 -0.25
N VAL A 412 12.59 7.88 -0.41
CA VAL A 412 13.26 7.91 -1.71
C VAL A 412 13.54 6.49 -2.18
N THR A 413 13.28 6.24 -3.46
CA THR A 413 13.63 4.99 -4.13
C THR A 413 14.23 5.32 -5.48
N ARG A 414 15.38 4.74 -5.79
CA ARG A 414 16.01 4.95 -7.09
C ARG A 414 15.43 3.96 -8.10
N VAL A 415 15.11 4.46 -9.28
CA VAL A 415 14.47 3.67 -10.33
C VAL A 415 15.26 3.83 -11.62
N GLN A 416 15.50 2.72 -12.31
CA GLN A 416 16.13 2.72 -13.63
C GLN A 416 15.16 2.11 -14.63
N PHE A 417 15.08 2.72 -15.81
CA PHE A 417 14.15 2.31 -16.86
C PHE A 417 14.89 1.57 -17.98
N ILE A 418 14.11 0.85 -18.78
CA ILE A 418 14.69 0.05 -19.85
C ILE A 418 15.12 0.92 -21.02
N LYS A 419 14.48 2.06 -21.20
CA LYS A 419 14.77 2.97 -22.29
C LYS A 419 14.82 4.40 -21.73
N PRO A 420 15.53 5.30 -22.40
CA PRO A 420 15.54 6.70 -21.96
C PRO A 420 14.13 7.28 -21.96
N PHE A 421 13.76 7.92 -20.86
CA PHE A 421 12.41 8.41 -20.72
C PHE A 421 12.21 9.70 -21.52
N ASP A 422 10.97 10.18 -21.55
CA ASP A 422 10.60 11.34 -22.34
C ASP A 422 11.46 12.55 -21.97
N SER A 423 11.98 13.22 -22.98
CA SER A 423 12.86 14.37 -22.76
C SER A 423 12.16 15.52 -22.05
N ARG A 424 10.82 15.57 -22.12
CA ARG A 424 10.06 16.62 -21.46
C ARG A 424 9.91 16.38 -19.97
N ILE A 425 10.25 15.19 -19.47
CA ILE A 425 10.11 14.89 -18.05
C ILE A 425 11.07 15.75 -17.26
N LYS A 426 10.56 16.39 -16.20
CA LYS A 426 11.36 17.24 -15.33
C LYS A 426 11.25 16.74 -13.89
N GLU A 427 12.23 17.11 -13.08
CA GLU A 427 12.09 16.95 -11.64
C GLU A 427 10.91 17.79 -11.16
N GLY A 428 10.05 17.17 -10.36
CA GLY A 428 8.77 17.76 -9.99
C GLY A 428 7.59 17.08 -10.64
N ASP A 429 7.79 16.40 -11.77
CA ASP A 429 6.78 15.51 -12.31
C ASP A 429 6.66 14.28 -11.41
N SER A 430 5.75 13.37 -11.77
CA SER A 430 5.45 12.24 -10.92
C SER A 430 5.34 10.97 -11.75
N VAL A 431 5.53 9.84 -11.08
CA VAL A 431 5.32 8.52 -11.67
C VAL A 431 4.20 7.81 -10.91
N SER A 432 3.57 6.87 -11.60
CA SER A 432 2.54 6.03 -11.02
C SER A 432 2.67 4.64 -11.61
N LYS A 433 2.40 3.62 -10.81
CA LYS A 433 2.51 2.24 -11.25
C LYS A 433 1.30 1.88 -12.09
N VAL A 434 1.54 1.38 -13.30
CA VAL A 434 0.47 0.82 -14.12
C VAL A 434 0.08 -0.53 -13.53
N ARG A 435 -1.16 -0.64 -13.07
CA ARG A 435 -1.66 -1.84 -12.43
C ARG A 435 -2.88 -2.36 -13.16
N SER A 436 -3.25 -3.59 -12.84
CA SER A 436 -4.58 -4.10 -13.18
C SER A 436 -5.56 -3.43 -12.22
N TYR A 437 -5.93 -2.20 -12.58
CA TYR A 437 -6.72 -1.36 -11.69
C TYR A 437 -7.98 -2.09 -11.24
N ALA A 438 -8.31 -1.92 -9.96
CA ALA A 438 -9.37 -2.70 -9.36
C ALA A 438 -10.71 -2.44 -10.03
N GLU A 439 -11.47 -3.51 -10.23
CA GLU A 439 -12.87 -3.37 -10.64
C GLU A 439 -13.69 -3.09 -9.40
N VAL A 440 -14.38 -1.96 -9.39
CA VAL A 440 -15.08 -1.46 -8.21
C VAL A 440 -16.56 -1.76 -8.35
N ILE A 441 -17.11 -2.48 -7.37
CA ILE A 441 -18.53 -2.82 -7.33
C ILE A 441 -19.05 -2.33 -5.97
N ILE A 442 -19.77 -1.21 -5.97
CA ILE A 442 -20.29 -0.60 -4.76
C ILE A 442 -21.81 -0.57 -4.90
N LYS A 443 -22.49 -1.49 -4.20
CA LYS A 443 -23.92 -1.67 -4.35
C LYS A 443 -24.62 -1.74 -3.00
N GLY A 444 -25.79 -1.11 -2.91
CA GLY A 444 -26.67 -1.30 -1.78
C GLY A 444 -26.24 -0.66 -0.47
N ASN A 445 -25.33 0.31 -0.52
CA ASN A 445 -24.80 0.89 0.71
C ASN A 445 -25.58 2.16 1.09
N ILE A 446 -25.45 2.54 2.36
CA ILE A 446 -26.02 3.76 2.90
C ILE A 446 -24.87 4.61 3.43
N ILE A 447 -24.78 5.84 2.94
CA ILE A 447 -23.68 6.75 3.26
C ILE A 447 -24.28 8.06 3.72
N ARG A 448 -24.12 8.36 5.01
CA ARG A 448 -24.80 9.52 5.60
C ARG A 448 -24.06 9.95 6.86
N LYS A 449 -24.39 11.16 7.31
CA LYS A 449 -24.02 11.68 8.63
C LYS A 449 -22.52 11.82 8.85
N ASN A 450 -21.73 11.51 7.84
CA ASN A 450 -20.28 11.57 7.96
C ASN A 450 -19.77 12.96 7.60
N ARG A 451 -18.54 13.25 8.02
CA ARG A 451 -17.87 14.46 7.57
C ARG A 451 -17.34 14.25 6.15
N ALA A 452 -17.29 15.34 5.38
CA ALA A 452 -16.69 15.39 4.06
C ALA A 452 -17.51 14.64 3.01
N ARG A 453 -16.84 13.91 2.13
CA ARG A 453 -17.44 13.40 0.91
C ARG A 453 -18.04 12.01 1.11
N GLY A 454 -18.69 11.52 0.06
CA GLY A 454 -19.22 10.17 0.07
C GLY A 454 -18.23 9.16 -0.48
N MET A 455 -18.00 9.18 -1.79
CA MET A 455 -17.09 8.26 -2.44
C MET A 455 -16.13 9.04 -3.33
N LEU A 456 -14.84 8.90 -3.08
CA LEU A 456 -13.81 9.43 -3.97
C LEU A 456 -13.52 8.37 -5.02
N LEU A 457 -14.06 8.57 -6.22
CA LEU A 457 -13.92 7.61 -7.31
C LEU A 457 -12.65 7.95 -8.10
N ASN A 458 -11.52 7.51 -7.54
CA ASN A 458 -10.23 7.63 -8.21
C ASN A 458 -9.81 6.31 -8.85
N SER A 459 -10.77 5.49 -9.24
CA SER A 459 -10.53 4.15 -9.75
C SER A 459 -10.54 4.16 -11.27
N ARG A 460 -9.40 3.81 -11.87
CA ARG A 460 -9.31 3.74 -13.33
C ARG A 460 -9.90 2.45 -13.89
N GLY A 461 -10.08 1.43 -13.05
CA GLY A 461 -10.73 0.21 -13.50
C GLY A 461 -12.22 0.38 -13.63
N LYS A 462 -12.86 -0.68 -14.17
CA LYS A 462 -14.31 -0.66 -14.33
C LYS A 462 -14.99 -0.45 -13.00
N THR A 463 -15.82 0.60 -12.92
CA THR A 463 -16.44 1.02 -11.67
C THR A 463 -17.94 1.02 -11.82
N LEU A 464 -18.63 0.43 -10.84
CA LEU A 464 -20.09 0.38 -10.82
C LEU A 464 -20.57 0.90 -9.46
N ILE A 465 -21.38 1.96 -9.50
CA ILE A 465 -21.98 2.54 -8.30
C ILE A 465 -23.49 2.39 -8.47
N GLU A 466 -24.09 1.44 -7.76
CA GLU A 466 -25.46 1.05 -8.04
C GLU A 466 -26.25 0.90 -6.74
N ASN A 467 -27.46 1.47 -6.72
CA ASN A 467 -28.42 1.24 -5.65
C ASN A 467 -27.89 1.66 -4.29
N ASN A 468 -27.16 2.78 -4.27
CA ASN A 468 -26.67 3.34 -3.02
C ASN A 468 -27.51 4.55 -2.62
N TYR A 469 -27.49 4.85 -1.33
CA TYR A 469 -28.14 6.05 -0.79
C TYR A 469 -27.07 7.00 -0.27
N PHE A 470 -27.13 8.24 -0.72
CA PHE A 470 -26.17 9.28 -0.34
C PHE A 470 -26.88 10.38 0.42
N HIS A 471 -26.34 10.76 1.59
CA HIS A 471 -26.74 11.98 2.28
C HIS A 471 -25.49 12.53 2.97
N THR A 472 -24.69 13.27 2.21
CA THR A 472 -23.40 13.75 2.68
C THR A 472 -23.36 15.27 2.67
N PRO A 473 -22.71 15.89 3.66
CA PRO A 473 -22.51 17.34 3.61
C PRO A 473 -21.57 17.76 2.50
N GLY A 474 -20.58 16.92 2.17
CA GLY A 474 -19.73 17.16 1.02
C GLY A 474 -20.29 16.53 -0.24
N SER A 475 -19.48 16.55 -1.29
CA SER A 475 -19.85 15.91 -2.54
C SER A 475 -20.12 14.42 -2.32
N ALA A 476 -21.25 13.95 -2.83
CA ALA A 476 -21.55 12.52 -2.74
C ALA A 476 -20.54 11.70 -3.51
N ILE A 477 -20.17 12.15 -4.70
CA ILE A 477 -19.17 11.49 -5.54
C ILE A 477 -18.18 12.54 -6.00
N LEU A 478 -16.89 12.28 -5.80
CA LEU A 478 -15.85 13.22 -6.15
C LEU A 478 -14.75 12.51 -6.93
N PHE A 479 -14.42 13.04 -8.10
CA PHE A 479 -13.26 12.62 -8.87
C PHE A 479 -12.13 13.60 -8.54
N GLU A 480 -11.15 13.13 -7.77
CA GLU A 480 -10.10 14.01 -7.27
C GLU A 480 -8.76 13.53 -7.81
N GLY A 481 -7.79 13.26 -6.96
CA GLY A 481 -6.43 12.99 -7.40
C GLY A 481 -5.65 14.26 -7.63
N ASP A 482 -4.35 14.24 -7.35
CA ASP A 482 -3.48 15.35 -7.65
C ASP A 482 -2.04 14.85 -7.62
N ALA A 483 -1.14 15.67 -8.14
CA ALA A 483 0.30 15.43 -8.06
C ALA A 483 1.00 16.64 -7.48
N ASN A 484 0.41 17.23 -6.44
CA ASN A 484 0.99 18.39 -5.77
C ASN A 484 0.82 18.41 -4.27
N PHE A 485 -0.08 17.62 -3.69
CA PHE A 485 -0.21 17.57 -2.23
C PHE A 485 -0.54 16.16 -1.75
N TRP A 486 -1.74 15.67 -2.08
CA TRP A 486 -2.11 14.31 -1.68
C TRP A 486 -1.34 13.27 -2.47
N PHE A 487 -0.97 13.58 -3.71
CA PHE A 487 -0.27 12.66 -4.60
C PHE A 487 -0.98 11.33 -4.69
N GLU A 488 -2.27 11.41 -5.02
CA GLU A 488 -3.11 10.23 -5.25
C GLU A 488 -3.42 10.13 -6.73
N GLN A 489 -3.18 8.96 -7.30
CA GLN A 489 -3.44 8.74 -8.71
C GLN A 489 -4.92 8.38 -8.91
N GLY A 490 -5.62 9.17 -9.72
CA GLY A 490 -7.01 8.89 -10.02
C GLY A 490 -7.25 8.78 -11.51
N GLY A 491 -8.29 9.45 -12.00
CA GLY A 491 -8.58 9.43 -13.41
C GLY A 491 -9.31 8.19 -13.86
N VAL A 492 -10.63 8.29 -13.99
CA VAL A 492 -11.45 7.13 -14.31
C VAL A 492 -11.45 6.88 -15.82
N SER A 493 -11.83 5.66 -16.20
CA SER A 493 -11.94 5.29 -17.60
C SER A 493 -13.21 4.50 -17.93
N ASP A 494 -14.00 4.13 -16.93
CA ASP A 494 -15.19 3.31 -17.14
C ASP A 494 -16.06 3.34 -15.88
N VAL A 495 -17.02 4.26 -15.81
CA VAL A 495 -17.83 4.47 -14.62
C VAL A 495 -19.29 4.38 -15.00
N THR A 496 -20.05 3.61 -14.21
CA THR A 496 -21.50 3.55 -14.32
C THR A 496 -22.08 3.88 -12.94
N ILE A 497 -22.78 5.00 -12.86
CA ILE A 497 -23.46 5.43 -11.64
C ILE A 497 -24.95 5.26 -11.91
N LYS A 498 -25.55 4.21 -11.37
CA LYS A 498 -26.85 3.73 -11.81
C LYS A 498 -27.77 3.51 -10.62
N ASN A 499 -28.98 4.09 -10.69
CA ASN A 499 -30.07 3.78 -9.77
C ASN A 499 -29.69 4.08 -8.31
N ASN A 500 -29.03 5.21 -8.08
CA ASN A 500 -28.72 5.65 -6.74
C ASN A 500 -29.71 6.72 -6.29
N VAL A 501 -29.69 7.02 -4.99
CA VAL A 501 -30.51 8.07 -4.41
C VAL A 501 -29.58 9.08 -3.74
N PHE A 502 -29.55 10.30 -4.28
CA PHE A 502 -28.79 11.40 -3.72
C PHE A 502 -29.78 12.35 -3.07
N GLU A 503 -29.98 12.22 -1.76
CA GLU A 503 -30.97 13.02 -1.04
C GLU A 503 -30.28 14.11 -0.24
N ASN A 504 -30.47 15.37 -0.67
CA ASN A 504 -29.97 16.54 0.05
C ASN A 504 -28.50 16.42 0.38
N SER A 505 -27.72 15.94 -0.59
CA SER A 505 -26.28 15.82 -0.42
C SER A 505 -25.58 17.09 -0.90
N PHE A 506 -24.31 17.23 -0.50
CA PHE A 506 -23.57 18.47 -0.68
C PHE A 506 -24.30 19.65 -0.05
N TYR A 507 -24.82 19.43 1.16
CA TYR A 507 -25.48 20.53 1.86
C TYR A 507 -24.51 21.44 2.60
N SER A 508 -23.22 21.08 2.65
CA SER A 508 -22.20 21.95 3.19
C SER A 508 -21.19 22.32 2.10
N GLN A 509 -19.89 22.31 2.41
CA GLN A 509 -18.91 22.91 1.52
C GLN A 509 -17.71 22.00 1.22
N TRP A 510 -17.80 20.70 1.50
CA TRP A 510 -16.69 19.80 1.20
C TRP A 510 -16.84 19.26 -0.23
N GLY A 511 -16.59 20.14 -1.18
CA GLY A 511 -16.64 19.77 -2.58
C GLY A 511 -17.13 20.92 -3.43
N LYS A 512 -17.57 20.58 -4.65
CA LYS A 512 -18.04 21.57 -5.62
C LYS A 512 -19.37 21.18 -6.24
N GLY A 513 -20.14 20.31 -5.59
CA GLY A 513 -21.39 19.85 -6.15
C GLY A 513 -21.70 18.45 -5.64
N ILE A 514 -22.84 17.93 -6.10
CA ILE A 514 -23.25 16.59 -5.69
C ILE A 514 -22.36 15.54 -6.33
N ILE A 515 -22.11 15.67 -7.63
CA ILE A 515 -21.10 14.88 -8.34
C ILE A 515 -20.16 15.86 -9.00
N ALA A 516 -18.90 15.87 -8.57
CA ALA A 516 -17.98 16.93 -8.97
C ALA A 516 -16.59 16.37 -9.25
N VAL A 517 -15.86 17.08 -10.10
CA VAL A 517 -14.45 16.80 -10.37
C VAL A 517 -13.63 17.87 -9.66
N ASP A 518 -12.54 17.46 -9.03
CA ASP A 518 -11.62 18.39 -8.39
C ASP A 518 -10.19 17.88 -8.51
N ALA A 519 -9.86 17.27 -9.64
CA ALA A 519 -8.50 16.78 -9.87
C ALA A 519 -7.52 17.94 -9.89
N GLY A 520 -6.32 17.69 -9.38
CA GLY A 520 -5.30 18.71 -9.31
C GLY A 520 -4.73 19.08 -10.66
N ILE A 521 -5.55 19.72 -11.50
CA ILE A 521 -5.15 20.14 -12.84
C ILE A 521 -5.22 21.66 -12.88
N ASP A 522 -4.08 22.30 -13.15
CA ASP A 522 -4.04 23.75 -13.24
C ASP A 522 -4.98 24.25 -14.33
N ASP A 523 -5.50 25.47 -14.15
CA ASP A 523 -6.36 26.08 -15.16
C ASP A 523 -5.65 26.17 -16.50
N LYS A 524 -4.33 26.32 -16.48
CA LYS A 524 -3.55 26.39 -17.72
C LYS A 524 -3.77 25.18 -18.61
N PHE A 525 -4.04 24.02 -18.03
CA PHE A 525 -4.07 22.76 -18.77
C PHE A 525 -5.43 22.08 -18.75
N LYS A 526 -6.46 22.72 -18.18
CA LYS A 526 -7.77 22.09 -18.10
C LYS A 526 -8.33 21.79 -19.49
N GLU A 527 -8.00 22.61 -20.48
CA GLU A 527 -8.58 22.46 -21.82
C GLU A 527 -7.98 21.26 -22.56
N THR A 528 -6.70 20.99 -22.37
CA THR A 528 -6.04 19.88 -23.06
C THR A 528 -6.01 18.61 -22.25
N SER A 529 -6.15 18.68 -20.92
CA SER A 529 -6.13 17.50 -20.08
C SER A 529 -7.51 16.84 -20.07
N ARG A 530 -7.53 15.52 -20.24
CA ARG A 530 -8.75 14.72 -20.17
C ARG A 530 -8.50 13.57 -19.18
N TYR A 531 -8.57 13.91 -17.89
CA TYR A 531 -8.19 12.97 -16.84
C TYR A 531 -9.25 11.89 -16.59
N ASN A 532 -10.53 12.22 -16.78
CA ASN A 532 -11.63 11.30 -16.52
C ASN A 532 -12.42 11.08 -17.80
N LYS A 533 -12.72 9.81 -18.10
CA LYS A 533 -13.35 9.45 -19.36
C LYS A 533 -14.44 8.40 -19.13
N ASN A 534 -15.42 8.40 -20.03
CA ASN A 534 -16.41 7.33 -20.17
C ASN A 534 -17.18 7.11 -18.86
N ILE A 535 -18.08 8.05 -18.60
CA ILE A 535 -18.90 8.04 -17.38
C ILE A 535 -20.36 8.02 -17.80
N VAL A 536 -21.13 7.13 -17.18
CA VAL A 536 -22.57 7.03 -17.42
C VAL A 536 -23.28 7.23 -16.09
N ILE A 537 -24.18 8.21 -16.05
CA ILE A 537 -24.97 8.52 -14.86
C ILE A 537 -26.44 8.42 -15.27
N LYS A 538 -27.08 7.32 -14.91
CA LYS A 538 -28.42 7.03 -15.38
C LYS A 538 -29.26 6.39 -14.28
N GLY A 539 -30.57 6.59 -14.36
CA GLY A 539 -31.51 5.94 -13.47
C GLY A 539 -31.47 6.41 -12.03
N ASN A 540 -30.76 7.48 -11.73
CA ASN A 540 -30.63 7.96 -10.36
C ASN A 540 -31.74 8.95 -10.01
N THR A 541 -31.95 9.14 -8.72
CA THR A 541 -32.89 10.12 -8.20
C THR A 541 -32.12 11.14 -7.38
N PHE A 542 -32.15 12.40 -7.81
CA PHE A 542 -31.48 13.50 -7.13
C PHE A 542 -32.53 14.35 -6.42
N LYS A 543 -32.55 14.28 -5.09
CA LYS A 543 -33.41 15.14 -4.28
C LYS A 543 -32.55 16.28 -3.78
N VAL A 544 -32.79 17.49 -4.30
CA VAL A 544 -31.95 18.64 -4.05
C VAL A 544 -32.77 19.74 -3.38
N PHE A 545 -32.12 20.52 -2.53
CA PHE A 545 -32.79 21.59 -1.81
C PHE A 545 -32.53 22.97 -2.39
N ASP A 546 -31.49 23.14 -3.19
CA ASP A 546 -31.26 24.40 -3.90
C ASP A 546 -30.72 24.05 -5.29
N LYS A 547 -30.12 25.04 -5.95
CA LYS A 547 -29.60 24.84 -7.30
C LYS A 547 -28.09 24.71 -7.32
N ALA A 548 -27.53 24.08 -6.29
CA ALA A 548 -26.13 23.68 -6.34
C ALA A 548 -25.92 22.70 -7.49
N PRO A 549 -24.72 22.64 -8.05
CA PRO A 549 -24.50 21.76 -9.21
C PRO A 549 -24.74 20.30 -8.87
N ILE A 550 -25.56 19.64 -9.70
CA ILE A 550 -25.62 18.19 -9.66
C ILE A 550 -24.34 17.60 -10.27
N LEU A 551 -23.90 18.16 -11.40
CA LEU A 551 -22.63 17.83 -12.01
C LEU A 551 -21.77 19.09 -12.06
N ASN A 552 -20.51 18.97 -11.62
CA ASN A 552 -19.52 20.03 -11.72
C ASN A 552 -18.27 19.40 -12.30
N LEU A 553 -18.12 19.48 -13.62
CA LEU A 553 -17.10 18.73 -14.33
C LEU A 553 -16.10 19.67 -15.01
N PHE A 554 -14.85 19.22 -15.06
CA PHE A 554 -13.85 19.80 -15.94
C PHE A 554 -12.89 18.71 -16.36
N SER A 555 -12.35 18.83 -17.57
CA SER A 555 -11.37 17.89 -18.12
C SER A 555 -11.94 16.48 -18.22
N VAL A 556 -13.21 16.39 -18.63
CA VAL A 556 -13.92 15.13 -18.77
C VAL A 556 -14.24 14.92 -20.25
N SER A 557 -14.07 13.68 -20.72
CA SER A 557 -14.44 13.31 -22.07
C SER A 557 -15.43 12.16 -22.01
N ASN A 558 -16.52 12.27 -22.78
CA ASN A 558 -17.55 11.24 -22.88
C ASN A 558 -18.26 11.02 -21.54
N LEU A 559 -19.31 11.79 -21.28
CA LEU A 559 -20.19 11.59 -20.15
C LEU A 559 -21.63 11.70 -20.62
N VAL A 560 -22.49 10.83 -20.09
CA VAL A 560 -23.90 10.81 -20.46
C VAL A 560 -24.72 10.86 -19.18
N PHE A 561 -25.56 11.87 -19.05
CA PHE A 561 -26.47 12.06 -17.93
C PHE A 561 -27.89 11.92 -18.48
N GLU A 562 -28.54 10.80 -18.18
CA GLU A 562 -29.80 10.47 -18.82
C GLU A 562 -30.68 9.69 -17.86
N ASN A 563 -32.00 9.75 -18.12
CA ASN A 563 -32.98 8.94 -17.40
C ASN A 563 -32.91 9.13 -15.89
N ASN A 564 -32.56 10.32 -15.44
CA ASN A 564 -32.51 10.63 -14.02
C ASN A 564 -33.73 11.44 -13.60
N ILE A 565 -34.05 11.37 -12.31
CA ILE A 565 -35.15 12.11 -11.73
C ILE A 565 -34.58 13.13 -10.77
N ILE A 566 -34.91 14.40 -10.97
CA ILE A 566 -34.42 15.50 -10.15
C ILE A 566 -35.62 16.15 -9.46
N GLU A 567 -35.62 16.14 -8.13
CA GLU A 567 -36.76 16.56 -7.33
C GLU A 567 -36.34 17.65 -6.37
N LYS A 568 -37.06 18.77 -6.38
CA LYS A 568 -36.76 19.90 -5.52
C LYS A 568 -37.26 19.62 -4.10
N THR A 569 -36.42 19.89 -3.11
CA THR A 569 -36.78 19.76 -1.70
C THR A 569 -36.68 21.12 -1.02
N THR A 570 -37.01 21.13 0.27
CA THR A 570 -36.85 22.31 1.12
C THR A 570 -36.17 21.92 2.44
N GLU A 571 -35.30 20.91 2.39
CA GLU A 571 -34.73 20.35 3.62
C GLU A 571 -33.78 21.33 4.30
N TYR A 572 -33.03 22.09 3.52
CA TYR A 572 -32.08 23.07 4.02
C TYR A 572 -32.33 24.40 3.35
N PRO A 573 -31.90 25.50 3.97
CA PRO A 573 -32.03 26.81 3.30
C PRO A 573 -31.26 26.85 2.01
N GLU A 574 -31.85 27.50 1.00
CA GLU A 574 -31.21 27.62 -0.30
C GLU A 574 -30.00 28.54 -0.22
N ARG A 575 -29.00 28.24 -1.04
CA ARG A 575 -27.75 29.01 -1.09
C ARG A 575 -27.76 29.86 -2.36
N LYS A 576 -27.76 31.19 -2.19
CA LYS A 576 -27.99 32.09 -3.31
C LYS A 576 -26.83 32.10 -4.30
N LYS A 577 -25.63 31.68 -3.90
CA LYS A 577 -24.50 31.69 -4.83
C LYS A 577 -24.54 30.53 -5.82
N TYR A 578 -25.55 29.67 -5.76
CA TYR A 578 -25.72 28.57 -6.70
C TYR A 578 -26.97 28.81 -7.53
N ASN A 579 -26.83 28.71 -8.86
CA ASN A 579 -27.97 28.87 -9.75
C ASN A 579 -27.73 28.11 -11.05
N SER A 580 -27.21 26.88 -10.95
CA SER A 580 -26.98 26.05 -12.11
C SER A 580 -26.77 24.60 -11.71
N LEU A 581 -27.67 23.71 -12.13
CA LEU A 581 -27.56 22.30 -11.76
C LEU A 581 -26.44 21.59 -12.52
N PHE A 582 -25.89 22.20 -13.57
CA PHE A 582 -24.86 21.56 -14.38
C PHE A 582 -23.80 22.60 -14.73
N VAL A 583 -22.63 22.48 -14.13
CA VAL A 583 -21.50 23.37 -14.38
C VAL A 583 -20.43 22.55 -15.07
N ILE A 584 -20.14 22.88 -16.34
CA ILE A 584 -19.24 22.10 -17.17
C ILE A 584 -18.23 23.03 -17.83
N ASN A 585 -16.95 22.70 -17.69
CA ASN A 585 -15.87 23.46 -18.30
C ASN A 585 -14.87 22.50 -18.92
N ASN A 586 -14.23 22.95 -20.00
CA ASN A 586 -13.07 22.28 -20.61
C ASN A 586 -13.30 20.78 -20.76
N SER A 587 -14.40 20.43 -21.44
CA SER A 587 -14.80 19.04 -21.59
C SER A 587 -15.33 18.84 -23.00
N ASP A 588 -15.54 17.57 -23.35
CA ASP A 588 -16.02 17.21 -24.68
C ASP A 588 -16.94 16.00 -24.57
N ASN A 589 -17.88 15.92 -25.51
CA ASN A 589 -18.83 14.80 -25.60
C ASN A 589 -19.60 14.62 -24.30
N ILE A 590 -20.11 15.72 -23.77
CA ILE A 590 -20.97 15.71 -22.59
C ILE A 590 -22.42 15.81 -23.05
N THR A 591 -23.27 14.93 -22.53
CA THR A 591 -24.68 14.88 -22.92
C THR A 591 -25.54 14.94 -21.67
N ILE A 592 -26.18 16.09 -21.45
CA ILE A 592 -27.24 16.23 -20.45
C ILE A 592 -28.54 16.01 -21.22
N SER A 593 -28.97 14.76 -21.27
CA SER A 593 -30.00 14.35 -22.22
C SER A 593 -31.36 14.95 -21.87
N ILE A 594 -32.19 15.08 -22.91
CA ILE A 594 -33.52 15.64 -22.76
C ILE A 594 -34.45 14.71 -22.01
N ASN A 595 -34.14 13.41 -21.93
CA ASN A 595 -35.04 12.46 -21.29
C ASN A 595 -34.93 12.46 -19.76
N ASN A 596 -34.19 13.40 -19.18
CA ASN A 596 -34.20 13.55 -17.73
C ASN A 596 -35.50 14.23 -17.29
N ILE A 597 -35.87 14.00 -16.03
CA ILE A 597 -37.13 14.47 -15.48
C ILE A 597 -36.84 15.35 -14.27
N LEU A 598 -37.46 16.53 -14.23
CA LEU A 598 -37.33 17.46 -13.12
C LEU A 598 -38.70 17.79 -12.57
N GLN A 599 -38.84 17.72 -11.25
CA GLN A 599 -40.11 17.97 -10.58
C GLN A 599 -39.91 18.99 -9.46
N GLY A 600 -40.88 19.89 -9.31
CA GLY A 600 -40.89 20.83 -8.22
C GLY A 600 -40.12 22.11 -8.45
N PHE A 601 -39.64 22.36 -9.66
CA PHE A 601 -38.92 23.58 -9.97
C PHE A 601 -39.82 24.57 -10.69
N SER A 602 -39.42 25.84 -10.66
CA SER A 602 -40.20 26.89 -11.30
C SER A 602 -39.74 27.17 -12.73
N GLU A 603 -38.45 27.06 -13.01
CA GLU A 603 -37.95 27.33 -14.35
C GLU A 603 -38.31 26.18 -15.30
N GLY A 604 -38.19 26.46 -16.59
CA GLY A 604 -38.49 25.45 -17.58
C GLY A 604 -37.45 24.36 -17.64
N LYS A 605 -37.87 23.21 -18.17
CA LYS A 605 -36.97 22.08 -18.32
C LYS A 605 -35.79 22.42 -19.22
N SER A 606 -36.03 23.22 -20.27
CA SER A 606 -34.95 23.61 -21.17
C SER A 606 -33.87 24.38 -20.43
N GLN A 607 -34.25 25.29 -19.55
CA GLN A 607 -33.26 26.11 -18.85
C GLN A 607 -32.53 25.32 -17.77
N LEU A 608 -33.23 24.39 -17.10
CA LEU A 608 -32.62 23.67 -15.99
C LEU A 608 -31.56 22.68 -16.45
N LEU A 609 -31.68 22.17 -17.67
CA LEU A 609 -30.74 21.19 -18.20
C LEU A 609 -29.65 21.81 -19.07
N SER A 610 -29.61 23.14 -19.16
CA SER A 610 -28.61 23.81 -19.99
C SER A 610 -27.36 24.09 -19.16
N PRO A 611 -26.21 23.51 -19.49
CA PRO A 611 -25.03 23.68 -18.65
C PRO A 611 -24.48 25.09 -18.70
N THR A 612 -23.78 25.46 -17.64
CA THR A 612 -23.08 26.73 -17.53
C THR A 612 -21.61 26.50 -17.23
N THR A 613 -20.82 27.56 -17.34
CA THR A 613 -19.42 27.52 -16.96
C THR A 613 -19.17 28.04 -15.55
N THR A 614 -20.17 28.68 -14.94
CA THR A 614 -20.07 29.24 -13.60
C THR A 614 -21.20 28.70 -12.74
N TYR A 615 -21.10 28.97 -11.43
CA TYR A 615 -22.16 28.55 -10.52
C TYR A 615 -23.47 29.26 -10.81
N LYS A 616 -23.40 30.46 -11.40
CA LYS A 616 -24.61 31.22 -11.71
C LYS A 616 -24.57 31.72 -13.15
N ARG A 617 -24.54 33.05 -13.33
CA ARG A 617 -24.56 33.65 -14.65
C ARG A 617 -24.16 35.13 -14.59
N ASP B 25 39.93 1.11 -0.60
CA ASP B 25 41.20 0.48 -0.27
C ASP B 25 41.14 -0.09 1.14
N LYS B 26 42.29 -0.04 1.83
CA LYS B 26 42.27 -0.24 3.27
CA LYS B 26 42.28 -0.24 3.27
C LYS B 26 41.64 0.96 3.98
N VAL B 27 41.86 2.15 3.44
CA VAL B 27 41.29 3.40 3.92
C VAL B 27 40.41 3.95 2.81
N ILE B 28 39.18 4.35 3.15
CA ILE B 28 38.20 4.85 2.19
C ILE B 28 37.99 6.33 2.44
N ASP B 29 38.08 7.13 1.38
CA ASP B 29 37.84 8.56 1.42
C ASP B 29 36.40 8.82 0.97
N VAL B 30 35.60 9.46 1.84
CA VAL B 30 34.19 9.67 1.52
C VAL B 30 34.03 10.57 0.31
N SER B 31 34.99 11.46 0.05
CA SER B 31 34.88 12.34 -1.10
C SER B 31 34.92 11.55 -2.41
N ASP B 32 35.54 10.38 -2.41
CA ASP B 32 35.53 9.52 -3.58
C ASP B 32 34.15 8.95 -3.88
N PHE B 33 33.18 9.13 -2.98
CA PHE B 33 31.82 8.64 -3.17
C PHE B 33 30.81 9.77 -3.31
N GLY B 34 31.26 11.02 -3.35
CA GLY B 34 30.39 12.15 -3.59
C GLY B 34 30.14 13.04 -2.39
N ALA B 35 30.59 12.66 -1.21
CA ALA B 35 30.43 13.49 -0.02
C ALA B 35 31.44 14.62 -0.07
N ILE B 36 30.95 15.83 -0.39
CA ILE B 36 31.80 16.99 -0.63
C ILE B 36 31.55 18.01 0.47
N LYS B 37 32.62 18.55 1.04
CA LYS B 37 32.55 19.43 2.20
C LYS B 37 32.19 20.86 1.80
N ASP B 38 31.65 21.59 2.77
CA ASP B 38 31.47 23.04 2.69
C ASP B 38 30.53 23.46 1.56
N THR B 39 29.60 22.59 1.17
CA THR B 39 28.62 22.93 0.15
C THR B 39 27.20 23.08 0.68
N GLY B 40 26.91 22.54 1.86
CA GLY B 40 25.56 22.56 2.39
C GLY B 40 24.63 21.52 1.79
N SER B 41 25.13 20.68 0.89
CA SER B 41 24.31 19.65 0.27
C SER B 41 24.31 18.39 1.14
N ASP B 42 23.28 17.57 0.93
CA ASP B 42 23.12 16.34 1.72
C ASP B 42 24.17 15.31 1.31
N SER B 43 25.01 14.91 2.28
CA SER B 43 26.02 13.89 2.04
C SER B 43 25.60 12.53 2.56
N THR B 44 24.31 12.33 2.87
CA THR B 44 23.87 11.10 3.51
C THR B 44 24.06 9.89 2.60
N HIS B 45 23.60 9.98 1.35
CA HIS B 45 23.64 8.81 0.48
C HIS B 45 25.05 8.50 0.01
N SER B 46 25.86 9.54 -0.24
CA SER B 46 27.27 9.29 -0.57
C SER B 46 27.97 8.58 0.58
N LEU B 47 27.69 8.99 1.81
CA LEU B 47 28.26 8.31 2.97
C LEU B 47 27.78 6.87 3.04
N TYR B 48 26.51 6.63 2.75
CA TYR B 48 25.97 5.27 2.82
C TYR B 48 26.69 4.34 1.84
N LYS B 49 26.96 4.83 0.62
CA LYS B 49 27.64 4.00 -0.36
C LYS B 49 29.09 3.75 0.04
N ALA B 50 29.74 4.73 0.66
CA ALA B 50 31.09 4.51 1.18
C ALA B 50 31.08 3.49 2.30
N LEU B 51 30.02 3.50 3.13
CA LEU B 51 29.92 2.52 4.20
C LEU B 51 29.74 1.11 3.66
N GLN B 52 28.89 0.94 2.64
CA GLN B 52 28.68 -0.38 2.07
C GLN B 52 29.92 -0.90 1.37
N GLU B 53 30.69 -0.02 0.73
CA GLU B 53 31.94 -0.45 0.12
C GLU B 53 32.95 -0.88 1.17
N ALA B 54 32.99 -0.19 2.30
CA ALA B 54 33.90 -0.58 3.37
C ALA B 54 33.55 -1.97 3.92
N LYS B 55 32.26 -2.26 4.04
CA LYS B 55 31.85 -3.60 4.44
C LYS B 55 32.16 -4.64 3.37
N LYS B 56 32.04 -4.25 2.09
CA LYS B 56 32.24 -5.19 1.00
C LYS B 56 33.67 -5.69 0.95
N ILE B 57 34.64 -4.78 1.03
CA ILE B 57 36.05 -5.15 0.93
C ILE B 57 36.73 -5.23 2.29
N GLY B 58 36.00 -5.03 3.37
CA GLY B 58 36.60 -5.09 4.70
C GLY B 58 37.57 -3.96 4.98
N ALA B 59 37.27 -2.76 4.51
CA ALA B 59 38.13 -1.62 4.77
C ALA B 59 38.19 -1.33 6.26
N THR B 60 39.35 -0.88 6.72
CA THR B 60 39.57 -0.64 8.14
C THR B 60 39.30 0.78 8.57
N LYS B 61 39.25 1.73 7.64
CA LYS B 61 39.07 3.13 8.01
C LYS B 61 38.31 3.88 6.93
N ILE B 62 37.44 4.79 7.38
CA ILE B 62 36.76 5.75 6.54
C ILE B 62 37.11 7.14 7.05
N THR B 63 37.56 8.02 6.16
CA THR B 63 38.01 9.36 6.55
C THR B 63 37.25 10.44 5.79
N PHE B 64 37.07 11.58 6.45
CA PHE B 64 36.45 12.77 5.89
C PHE B 64 37.50 13.84 5.68
N PRO B 65 37.58 14.46 4.50
CA PRO B 65 38.35 15.70 4.38
C PRO B 65 37.78 16.75 5.32
N LYS B 66 38.66 17.39 6.08
CA LYS B 66 38.22 18.31 7.12
C LYS B 66 37.33 19.41 6.55
N GLY B 67 36.10 19.49 7.06
CA GLY B 67 35.16 20.50 6.59
C GLY B 67 33.81 20.29 7.24
N ARG B 68 32.83 21.02 6.72
CA ARG B 68 31.46 20.94 7.20
C ARG B 68 30.66 20.00 6.30
N TYR B 69 29.91 19.09 6.92
CA TYR B 69 29.08 18.14 6.21
C TYR B 69 27.67 18.21 6.77
N ASP B 70 26.68 18.35 5.89
CA ASP B 70 25.28 18.44 6.29
C ASP B 70 24.55 17.15 5.92
N PHE B 71 23.67 16.70 6.81
CA PHE B 71 22.92 15.46 6.63
C PHE B 71 21.44 15.74 6.87
N TYR B 72 20.60 15.31 5.95
CA TYR B 72 19.16 15.55 5.99
C TYR B 72 18.41 14.22 6.16
N GLU B 73 17.09 14.31 6.22
CA GLU B 73 16.25 13.16 6.53
C GLU B 73 15.89 12.32 5.31
N GLU B 74 15.82 12.95 4.13
CA GLU B 74 15.08 12.36 3.01
C GLU B 74 15.69 11.05 2.52
N ARG B 75 17.00 10.86 2.70
CA ARG B 75 17.68 9.67 2.18
C ARG B 75 18.37 8.87 3.28
N ALA B 76 18.01 9.10 4.54
CA ALA B 76 18.58 8.35 5.65
C ALA B 76 17.81 7.05 5.87
N ALA B 77 18.54 6.00 6.23
CA ALA B 77 17.93 4.69 6.41
C ALA B 77 17.00 4.69 7.61
N ASP B 78 15.86 4.03 7.47
CA ASP B 78 14.84 3.93 8.50
C ASP B 78 14.88 2.55 9.13
N ARG B 79 14.92 2.50 10.46
CA ARG B 79 14.90 1.25 11.20
C ARG B 79 14.08 1.43 12.47
N LEU B 80 13.40 0.36 12.87
CA LEU B 80 12.76 0.35 14.18
C LEU B 80 13.82 0.16 15.25
N MET B 81 13.76 0.98 16.31
CA MET B 81 14.75 0.92 17.37
C MET B 81 14.10 1.13 18.72
N TYR B 82 14.42 0.23 19.65
CA TYR B 82 14.18 0.45 21.07
C TYR B 82 15.49 0.88 21.70
N ILE B 83 15.51 2.05 22.34
CA ILE B 83 16.73 2.61 22.92
C ILE B 83 16.46 2.89 24.39
N SER B 84 17.15 2.18 25.27
CA SER B 84 16.88 2.25 26.70
C SER B 84 17.02 3.68 27.20
N ASN B 85 16.09 4.07 28.08
CA ASN B 85 16.03 5.40 28.69
C ASN B 85 15.85 6.50 27.66
N ASN B 86 15.42 6.16 26.46
CA ASN B 86 15.12 7.11 25.41
C ASN B 86 13.82 6.67 24.72
N ASP B 87 13.38 7.45 23.73
CA ASP B 87 12.09 7.18 23.12
C ASP B 87 12.22 6.18 21.98
N PRO B 88 11.40 5.14 21.92
CA PRO B 88 11.44 4.19 20.81
C PRO B 88 10.58 4.64 19.64
N GLY B 89 10.82 4.03 18.50
CA GLY B 89 10.05 4.30 17.30
C GLY B 89 10.94 4.17 16.07
N ILE B 90 10.40 4.66 14.95
CA ILE B 90 11.17 4.69 13.71
C ILE B 90 12.28 5.72 13.85
N LYS B 91 13.49 5.34 13.43
CA LYS B 91 14.65 6.21 13.47
C LYS B 91 15.23 6.34 12.07
N ARG B 92 15.47 7.59 11.66
CA ARG B 92 16.27 7.86 10.47
C ARG B 92 17.72 8.05 10.92
N ILE B 93 18.62 7.21 10.41
CA ILE B 93 19.98 7.12 10.92
C ILE B 93 20.95 7.54 9.82
N THR B 94 21.82 8.51 10.15
CA THR B 94 22.82 8.98 9.20
C THR B 94 23.96 7.99 9.05
N PHE B 95 24.47 7.46 10.16
CA PHE B 95 25.51 6.42 10.16
C PHE B 95 24.91 5.11 10.65
N PRO B 96 24.23 4.34 9.79
CA PRO B 96 23.65 3.06 10.26
C PRO B 96 24.69 1.95 10.31
N LEU B 97 25.44 1.93 11.40
CA LEU B 97 26.52 0.96 11.59
C LEU B 97 25.96 -0.32 12.21
N SER B 98 25.24 -1.06 11.37
CA SER B 98 24.67 -2.34 11.76
C SER B 98 25.55 -3.47 11.22
N SER B 99 26.04 -4.32 12.12
CA SER B 99 26.86 -5.48 11.75
C SER B 99 28.14 -5.04 11.04
N PHE B 100 28.77 -3.98 11.54
CA PHE B 100 30.07 -3.55 11.04
C PHE B 100 31.15 -4.04 11.99
N ASN B 101 32.34 -4.28 11.44
CA ASN B 101 33.42 -4.86 12.21
C ASN B 101 34.75 -4.28 11.76
N ASN B 102 35.60 -3.94 12.74
CA ASN B 102 36.97 -3.50 12.47
C ASN B 102 36.97 -2.27 11.55
N LEU B 103 36.20 -1.26 11.93
CA LEU B 103 36.05 -0.05 11.13
C LEU B 103 36.29 1.17 12.00
N GLU B 104 37.11 2.09 11.49
CA GLU B 104 37.34 3.37 12.12
C GLU B 104 36.81 4.49 11.24
N ILE B 105 36.16 5.46 11.85
CA ILE B 105 35.66 6.64 11.16
C ILE B 105 36.40 7.84 11.72
N ASP B 106 37.29 8.42 10.91
CA ASP B 106 38.11 9.57 11.29
C ASP B 106 37.59 10.79 10.54
N GLY B 107 37.01 11.74 11.26
CA GLY B 107 36.47 12.92 10.62
C GLY B 107 37.47 14.02 10.35
N ASN B 108 38.72 13.88 10.82
CA ASN B 108 39.75 14.92 10.66
C ASN B 108 39.28 16.26 11.22
N ASN B 109 38.56 16.20 12.34
CA ASN B 109 38.00 17.38 13.00
C ASN B 109 36.99 18.09 12.10
N SER B 110 36.21 17.30 11.35
CA SER B 110 35.15 17.86 10.54
C SER B 110 33.95 18.24 11.42
N THR B 111 33.05 19.03 10.84
CA THR B 111 31.82 19.45 11.51
C THR B 111 30.64 18.77 10.83
N PHE B 112 29.86 18.03 11.60
CA PHE B 112 28.69 17.32 11.10
C PHE B 112 27.43 18.03 11.60
N ILE B 113 26.62 18.52 10.67
CA ILE B 113 25.37 19.21 10.99
C ILE B 113 24.22 18.36 10.50
N PHE B 114 23.30 18.03 11.41
CA PHE B 114 22.17 17.16 11.12
C PHE B 114 20.90 17.99 11.11
N HIS B 115 20.11 17.85 10.03
CA HIS B 115 18.94 18.68 9.80
C HIS B 115 17.68 17.86 10.09
N GLY B 116 16.96 18.24 11.14
CA GLY B 116 15.70 17.60 11.46
C GLY B 116 15.83 16.44 12.44
N GLY B 117 14.92 15.47 12.33
CA GLY B 117 14.91 14.35 13.25
C GLY B 117 15.78 13.20 12.80
N LEU B 118 17.05 13.22 13.17
CA LEU B 118 18.02 12.22 12.75
C LEU B 118 18.77 11.69 13.96
N VAL B 119 19.00 10.38 13.98
CA VAL B 119 19.93 9.77 14.90
C VAL B 119 21.29 9.71 14.20
N PRO B 120 22.28 10.48 14.65
CA PRO B 120 23.57 10.51 13.95
C PRO B 120 24.20 9.13 13.80
N PHE B 121 24.40 8.42 14.91
CA PHE B 121 25.09 7.15 14.92
C PHE B 121 24.27 6.11 15.66
N ILE B 122 24.11 4.94 15.05
CA ILE B 122 23.60 3.76 15.73
C ILE B 122 24.54 2.61 15.44
N LEU B 123 25.13 2.05 16.51
CA LEU B 123 25.98 0.87 16.40
C LEU B 123 25.16 -0.32 16.87
N ASP B 124 24.81 -1.20 15.94
CA ASP B 124 23.92 -2.33 16.21
C ASP B 124 24.63 -3.61 15.81
N GLU B 125 24.94 -4.45 16.81
CA GLU B 125 25.61 -5.73 16.59
C GLU B 125 26.92 -5.53 15.83
N SER B 126 27.63 -4.47 16.17
CA SER B 126 28.91 -4.15 15.56
C SER B 126 30.05 -4.46 16.53
N SER B 127 31.27 -4.41 16.02
CA SER B 127 32.43 -4.81 16.81
C SER B 127 33.66 -4.03 16.37
N HIS B 128 34.45 -3.61 17.34
CA HIS B 128 35.71 -2.89 17.12
C HIS B 128 35.51 -1.68 16.21
N ILE B 129 34.69 -0.76 16.69
CA ILE B 129 34.37 0.47 15.97
C ILE B 129 35.04 1.63 16.69
N VAL B 130 35.74 2.47 15.92
CA VAL B 130 36.40 3.67 16.44
C VAL B 130 35.80 4.88 15.76
N LEU B 131 35.27 5.80 16.55
CA LEU B 131 34.79 7.09 16.06
C LEU B 131 35.76 8.17 16.52
N ARG B 132 36.22 9.00 15.59
CA ARG B 132 37.36 9.86 15.88
C ARG B 132 37.24 11.20 15.16
N ASN B 133 37.49 12.28 15.90
CA ASN B 133 37.78 13.61 15.34
C ASN B 133 36.63 14.16 14.52
N PHE B 134 35.49 14.39 15.18
CA PHE B 134 34.43 15.16 14.54
C PHE B 134 33.48 15.70 15.61
N SER B 135 32.64 16.65 15.19
CA SER B 135 31.64 17.25 16.06
C SER B 135 30.25 16.95 15.52
N ILE B 136 29.29 16.83 16.44
CA ILE B 136 27.91 16.55 16.12
C ILE B 136 27.05 17.71 16.60
N ASP B 137 26.19 18.21 15.73
CA ASP B 137 25.25 19.26 16.10
C ASP B 137 24.06 19.21 15.17
N PHE B 138 22.97 19.84 15.60
CA PHE B 138 21.74 19.92 14.81
C PHE B 138 21.50 21.35 14.38
N SER B 139 20.89 21.52 13.20
CA SER B 139 20.67 22.85 12.65
C SER B 139 19.72 23.66 13.52
N ARG B 140 18.77 23.01 14.20
CA ARG B 140 17.92 23.66 15.18
C ARG B 140 17.83 22.76 16.40
N ALA B 141 18.11 23.32 17.58
CA ALA B 141 18.06 22.54 18.80
C ALA B 141 16.64 22.03 19.04
N PHE B 142 16.55 20.89 19.73
CA PHE B 142 15.24 20.35 20.08
C PHE B 142 14.65 21.05 21.30
N HIS B 143 15.51 21.50 22.22
CA HIS B 143 15.09 22.39 23.28
C HIS B 143 15.07 23.83 22.77
N SER B 144 14.67 24.75 23.63
CA SER B 144 14.67 26.17 23.27
C SER B 144 15.19 26.99 24.45
N GLU B 145 15.69 28.18 24.13
CA GLU B 145 16.26 29.08 25.12
C GLU B 145 15.80 30.50 24.83
N ALA B 146 15.69 31.29 25.90
CA ALA B 146 15.25 32.67 25.77
C ALA B 146 15.88 33.51 26.87
N LEU B 147 16.10 34.79 26.56
CA LEU B 147 16.57 35.75 27.56
C LEU B 147 15.38 36.30 28.33
N ILE B 148 15.48 36.28 29.66
CA ILE B 148 14.39 36.73 30.53
C ILE B 148 14.46 38.26 30.62
N ALA B 149 13.57 38.94 29.92
CA ALA B 149 13.55 40.40 29.89
C ALA B 149 12.69 41.01 30.99
N GLY B 150 11.71 40.28 31.51
CA GLY B 150 10.85 40.79 32.55
C GLY B 150 10.20 39.65 33.31
N ALA B 151 9.62 39.99 34.45
CA ALA B 151 9.02 38.98 35.30
C ALA B 151 7.96 39.61 36.19
N GLY B 152 6.91 38.84 36.46
CA GLY B 152 5.86 39.24 37.37
C GLY B 152 5.11 38.00 37.81
N LYS B 153 4.07 38.23 38.62
CA LYS B 153 3.27 37.13 39.15
C LYS B 153 2.62 36.36 38.01
N GLY B 154 3.02 35.11 37.83
CA GLY B 154 2.40 34.25 36.84
C GLY B 154 2.79 34.50 35.41
N TYR B 155 3.93 35.14 35.15
CA TYR B 155 4.37 35.35 33.78
C TYR B 155 5.86 35.66 33.75
N LEU B 156 6.44 35.50 32.55
CA LEU B 156 7.80 35.90 32.26
C LEU B 156 7.84 36.53 30.87
N ASP B 157 8.65 37.57 30.72
CA ASP B 157 8.85 38.23 29.43
C ASP B 157 10.15 37.73 28.82
N LEU B 158 10.08 37.24 27.58
CA LEU B 158 11.19 36.55 26.95
C LEU B 158 11.52 37.15 25.60
N LYS B 159 12.80 37.12 25.26
CA LYS B 159 13.30 37.51 23.95
C LYS B 159 14.05 36.33 23.36
N PHE B 160 13.61 35.88 22.18
CA PHE B 160 14.18 34.71 21.54
C PHE B 160 15.13 35.13 20.42
N THR B 161 16.30 34.48 20.38
CA THR B 161 17.21 34.68 19.27
C THR B 161 16.69 33.94 18.02
N ASP B 162 17.31 34.22 16.89
CA ASP B 162 16.79 33.73 15.61
C ASP B 162 16.91 32.22 15.50
N GLN B 163 17.87 31.60 16.19
CA GLN B 163 18.08 30.16 16.07
C GLN B 163 17.05 29.34 16.84
N PHE B 164 16.10 29.99 17.52
CA PHE B 164 14.99 29.31 18.18
C PHE B 164 13.68 29.82 17.58
N PRO B 165 13.36 29.43 16.35
CA PRO B 165 12.12 29.92 15.73
C PRO B 165 10.89 29.40 16.47
N TYR B 166 9.85 30.22 16.47
CA TYR B 166 8.63 29.90 17.19
C TYR B 166 7.46 30.57 16.47
N LYS B 167 6.25 30.23 16.93
CA LYS B 167 5.06 30.95 16.51
C LYS B 167 4.01 30.81 17.59
N ILE B 168 3.14 31.82 17.68
CA ILE B 168 2.00 31.82 18.57
C ILE B 168 0.76 31.71 17.70
N ASN B 169 0.06 30.58 17.80
CA ASN B 169 -1.07 30.33 16.91
C ASN B 169 -2.28 31.17 17.33
N GLU B 170 -3.39 30.97 16.62
CA GLU B 170 -4.60 31.71 16.94
C GLU B 170 -5.16 31.34 18.32
N ALA B 171 -4.84 30.15 18.81
CA ALA B 171 -5.23 29.75 20.17
C ALA B 171 -4.40 30.45 21.24
N GLY B 172 -3.39 31.22 20.87
CA GLY B 172 -2.56 31.89 21.85
C GLY B 172 -1.56 30.98 22.55
N ILE B 173 -1.06 29.97 21.85
CA ILE B 173 -0.16 28.97 22.42
C ILE B 173 1.23 29.13 21.79
N LEU B 174 2.26 29.04 22.63
CA LEU B 174 3.63 29.10 22.14
C LEU B 174 4.05 27.74 21.60
N LYS B 175 4.41 27.69 20.32
CA LYS B 175 4.83 26.46 19.66
C LYS B 175 6.11 26.73 18.89
N PHE B 176 7.19 26.08 19.30
CA PHE B 176 8.47 26.24 18.63
C PHE B 176 8.46 25.48 17.30
N GLN B 177 9.21 26.01 16.34
CA GLN B 177 9.21 25.50 14.98
C GLN B 177 10.61 25.06 14.58
N SER B 178 10.67 24.19 13.55
CA SER B 178 11.95 23.88 12.94
C SER B 178 12.47 25.05 12.13
N GLN B 179 11.57 25.84 11.55
CA GLN B 179 11.92 26.98 10.72
C GLN B 179 10.66 27.80 10.48
N LEU B 180 10.86 29.07 10.12
CA LEU B 180 9.75 29.90 9.70
C LEU B 180 9.44 29.66 8.23
N PHE B 181 8.18 29.90 7.87
CA PHE B 181 7.76 29.73 6.48
C PHE B 181 7.95 31.02 5.70
N ASP B 190 4.08 25.09 -1.23
CA ASP B 190 3.62 25.87 -0.09
C ASP B 190 2.76 25.02 0.86
N ARG B 191 1.64 24.50 0.36
CA ARG B 191 0.76 23.69 1.20
C ARG B 191 1.49 22.45 1.72
N LEU B 192 2.16 21.72 0.82
CA LEU B 192 2.95 20.58 1.26
C LEU B 192 4.13 21.00 2.12
N LYS B 193 4.70 22.18 1.84
CA LYS B 193 5.79 22.68 2.66
C LYS B 193 5.30 23.04 4.07
N ARG B 194 4.11 23.65 4.13
CA ARG B 194 3.47 23.99 5.42
C ARG B 194 3.17 22.70 6.19
N LYS B 195 2.70 21.66 5.49
CA LYS B 195 2.39 20.37 6.11
C LYS B 195 3.63 19.74 6.72
N GLN B 196 4.76 19.82 6.02
CA GLN B 196 6.01 19.29 6.55
C GLN B 196 6.43 20.06 7.80
N ILE B 197 6.36 21.38 7.75
CA ILE B 197 6.70 22.20 8.91
C ILE B 197 5.74 21.92 10.05
N SER B 198 4.45 21.71 9.74
CA SER B 198 3.48 21.41 10.77
C SER B 198 3.81 20.10 11.48
N GLN B 199 4.26 19.10 10.74
CA GLN B 199 4.61 17.82 11.35
C GLN B 199 5.88 17.91 12.20
N ASP B 200 6.72 18.91 11.96
CA ASP B 200 7.94 19.07 12.74
C ASP B 200 7.70 19.65 14.12
N GLU B 201 6.50 20.18 14.40
CA GLU B 201 6.24 20.79 15.69
C GLU B 201 6.41 19.80 16.83
N TYR B 202 6.19 18.51 16.57
CA TYR B 202 6.34 17.50 17.61
C TYR B 202 7.77 17.42 18.12
N LYS B 203 8.75 17.57 17.21
CA LYS B 203 10.15 17.41 17.59
C LYS B 203 10.59 18.44 18.62
N TYR B 204 9.94 19.60 18.64
CA TYR B 204 10.37 20.72 19.48
C TYR B 204 9.34 21.03 20.58
N GLU B 205 8.57 20.02 20.98
CA GLU B 205 7.66 20.18 22.09
C GLU B 205 8.44 20.26 23.40
N TYR B 206 7.97 21.12 24.30
CA TYR B 206 8.55 21.28 25.62
C TYR B 206 7.65 20.65 26.66
N LYS B 207 8.19 20.50 27.88
CA LYS B 207 7.40 19.98 29.00
C LYS B 207 7.69 20.68 30.31
N ARG B 208 8.81 21.39 30.45
CA ARG B 208 9.14 22.12 31.66
C ARG B 208 10.17 23.19 31.29
N VAL B 209 10.39 24.12 32.22
CA VAL B 209 11.38 25.16 32.03
C VAL B 209 12.34 25.16 33.20
N LEU B 210 13.57 25.62 32.94
CA LEU B 210 14.60 25.70 33.96
C LEU B 210 15.38 26.98 33.75
N GLU B 211 15.60 27.72 34.84
CA GLU B 211 16.32 28.99 34.78
C GLU B 211 17.81 28.75 34.90
N PHE B 212 18.58 29.44 34.06
CA PHE B 212 20.03 29.34 34.04
C PHE B 212 20.64 30.69 34.38
N ASN B 213 21.64 30.69 35.26
CA ASN B 213 22.36 31.93 35.59
C ASN B 213 23.13 32.42 34.37
N PHE B 214 22.98 33.72 34.07
CA PHE B 214 23.56 34.26 32.85
C PHE B 214 25.09 34.27 32.90
N ALA B 215 25.67 34.70 34.02
CA ALA B 215 27.11 34.85 34.10
C ALA B 215 27.81 33.50 34.22
N LEU B 216 27.32 32.62 35.09
CA LEU B 216 27.96 31.34 35.32
C LEU B 216 27.55 30.27 34.31
N ARG B 217 26.52 30.54 33.50
CA ARG B 217 26.07 29.62 32.46
C ARG B 217 25.80 28.22 33.04
N GLU B 218 25.11 28.20 34.16
CA GLU B 218 24.76 27.00 34.89
C GLU B 218 23.32 27.14 35.35
N PRO B 219 22.67 26.05 35.76
CA PRO B 219 21.35 26.17 36.39
C PRO B 219 21.39 27.14 37.56
N GLU B 220 20.40 28.03 37.61
CA GLU B 220 20.38 29.07 38.63
C GLU B 220 20.37 28.47 40.02
N TYR B 221 21.09 29.11 40.94
CA TYR B 221 21.25 28.61 42.30
C TYR B 221 19.91 28.33 42.95
N MET B 222 19.73 27.09 43.40
CA MET B 222 18.54 26.61 44.09
C MET B 222 17.28 26.66 43.25
N ALA B 223 17.39 26.96 41.95
CA ALA B 223 16.23 26.88 41.08
C ALA B 223 15.88 25.43 40.79
N GLN B 224 14.59 25.19 40.55
CA GLN B 224 14.09 23.85 40.29
C GLN B 224 13.38 23.81 38.94
N ASP B 225 13.15 22.60 38.45
CA ASP B 225 12.33 22.42 37.27
C ASP B 225 10.92 22.93 37.52
N ILE B 226 10.40 23.74 36.60
CA ILE B 226 9.05 24.26 36.68
C ILE B 226 8.24 23.57 35.59
N PHE B 227 7.38 22.63 35.99
CA PHE B 227 6.59 21.89 35.03
C PHE B 227 5.56 22.79 34.37
N THR B 228 5.40 22.63 33.05
CA THR B 228 4.45 23.42 32.28
C THR B 228 3.55 22.61 31.36
N GLY B 229 3.95 21.40 30.95
CA GLY B 229 3.29 20.73 29.86
C GLY B 229 3.74 21.31 28.53
N ASN B 230 3.17 20.79 27.46
CA ASN B 230 3.59 21.17 26.11
C ASN B 230 2.80 22.36 25.56
N ALA B 231 2.02 23.05 26.39
CA ALA B 231 1.18 24.14 25.91
C ALA B 231 1.24 25.29 26.92
N LEU B 232 1.94 26.36 26.56
CA LEU B 232 2.03 27.56 27.37
C LEU B 232 1.26 28.69 26.70
N ARG B 233 0.35 29.32 27.44
CA ARG B 233 -0.28 30.54 26.96
C ARG B 233 0.77 31.61 26.75
N ALA B 234 0.65 32.34 25.64
CA ALA B 234 1.66 33.33 25.30
C ALA B 234 1.04 34.40 24.42
N GLU B 235 1.70 35.56 24.37
CA GLU B 235 1.32 36.63 23.47
C GLU B 235 2.49 37.57 23.27
N LYS B 236 2.64 38.07 22.04
CA LYS B 236 3.69 39.01 21.71
C LYS B 236 3.30 40.41 22.18
N LEU B 237 4.14 41.01 23.01
CA LEU B 237 3.84 42.34 23.54
C LEU B 237 3.97 43.39 22.44
N ASN B 238 2.89 44.10 22.19
CA ASN B 238 2.87 45.14 21.15
C ASN B 238 2.36 46.46 21.72
N ASP B 241 8.97 42.32 19.89
CA ASP B 241 10.03 41.32 19.89
C ASP B 241 10.06 40.52 21.19
N VAL B 242 9.23 40.95 22.15
CA VAL B 242 9.17 40.32 23.46
C VAL B 242 7.94 39.42 23.51
N VAL B 243 8.12 38.19 23.99
CA VAL B 243 7.04 37.23 24.15
C VAL B 243 6.79 37.03 25.64
N ARG B 244 5.54 37.18 26.06
CA ARG B 244 5.14 36.94 27.44
C ARG B 244 4.48 35.56 27.53
N ILE B 245 5.00 34.71 28.39
CA ILE B 245 4.43 33.40 28.65
C ILE B 245 3.75 33.43 30.02
N PHE B 246 2.68 32.64 30.16
CA PHE B 246 1.85 32.65 31.35
C PHE B 246 1.82 31.27 31.99
N HIS B 247 2.12 31.22 33.28
CA HIS B 247 1.96 30.02 34.10
C HIS B 247 2.06 30.42 35.57
N PRO B 248 1.13 29.96 36.42
CA PRO B 248 1.12 30.43 37.82
C PRO B 248 2.36 30.04 38.62
N ASN B 249 3.15 29.07 38.15
CA ASN B 249 4.33 28.62 38.86
C ASN B 249 5.62 29.19 38.27
N LEU B 250 5.53 30.18 37.39
CA LEU B 250 6.71 30.77 36.78
C LEU B 250 7.40 31.72 37.75
N LYS B 251 8.70 31.52 37.95
CA LYS B 251 9.51 32.42 38.76
C LYS B 251 10.95 32.32 38.27
N ALA B 252 11.58 33.47 38.07
CA ALA B 252 12.95 33.51 37.57
C ALA B 252 13.47 34.93 37.72
N LYS B 253 14.80 35.06 37.70
CA LYS B 253 15.44 36.37 37.82
C LYS B 253 15.56 37.01 36.44
N VAL B 254 15.27 38.31 36.38
CA VAL B 254 15.45 39.06 35.14
C VAL B 254 16.92 39.05 34.76
N GLY B 255 17.18 38.88 33.46
CA GLY B 255 18.53 38.79 32.96
C GLY B 255 19.06 37.38 32.80
N ASN B 256 18.43 36.41 33.45
CA ASN B 256 18.84 35.01 33.32
C ASN B 256 18.30 34.42 32.02
N ILE B 257 18.65 33.17 31.76
CA ILE B 257 18.25 32.46 30.56
C ILE B 257 17.24 31.38 30.95
N LEU B 258 16.11 31.35 30.26
CA LEU B 258 15.10 30.33 30.47
C LEU B 258 15.23 29.26 29.38
N VAL B 259 15.35 28.00 29.81
CA VAL B 259 15.51 26.87 28.92
C VAL B 259 14.20 26.08 28.88
N PHE B 260 13.68 25.85 27.69
CA PHE B 260 12.50 25.02 27.50
C PHE B 260 12.96 23.58 27.29
N GLN B 261 12.76 22.73 28.28
CA GLN B 261 13.21 21.35 28.20
C GLN B 261 12.43 20.58 27.15
N ALA B 262 13.15 19.95 26.23
CA ALA B 262 12.50 19.15 25.19
C ALA B 262 11.75 17.99 25.81
N LYS B 263 10.53 17.76 25.31
CA LYS B 263 9.66 16.75 25.90
C LYS B 263 10.09 15.33 25.54
N HIS B 264 10.76 15.15 24.41
CA HIS B 264 11.05 13.82 23.88
C HIS B 264 12.54 13.53 23.88
N ARG B 265 12.86 12.24 23.74
CA ARG B 265 14.23 11.76 23.59
C ARG B 265 14.31 10.86 22.36
N ASP B 266 14.04 11.45 21.20
CA ASP B 266 13.87 10.68 19.97
C ASP B 266 15.17 10.50 19.18
N TYR B 267 16.15 11.38 19.36
CA TYR B 267 17.34 11.41 18.52
C TYR B 267 18.60 11.55 19.38
N PRO B 268 19.00 10.47 20.06
CA PRO B 268 20.27 10.52 20.78
C PRO B 268 21.44 10.60 19.81
N GLY B 269 22.57 11.08 20.33
CA GLY B 269 23.74 11.31 19.52
C GLY B 269 24.38 10.07 18.96
N VAL B 270 24.85 9.18 19.85
CA VAL B 270 25.49 7.94 19.45
C VAL B 270 24.84 6.81 20.23
N VAL B 271 24.26 5.86 19.51
CA VAL B 271 23.62 4.68 20.12
C VAL B 271 24.54 3.48 19.95
N ILE B 272 24.87 2.83 21.05
CA ILE B 272 25.70 1.62 21.06
C ILE B 272 24.82 0.50 21.58
N SER B 273 24.42 -0.41 20.69
CA SER B 273 23.43 -1.43 21.00
C SER B 273 23.96 -2.79 20.59
N ASP B 274 24.01 -3.72 21.55
CA ASP B 274 24.39 -5.11 21.30
C ASP B 274 25.73 -5.20 20.56
N SER B 275 26.64 -4.26 20.85
CA SER B 275 27.93 -4.18 20.18
C SER B 275 29.04 -4.33 21.21
N ASN B 276 30.28 -4.42 20.73
CA ASN B 276 31.40 -4.60 21.64
C ASN B 276 32.63 -3.89 21.13
N ASN B 277 33.52 -3.54 22.07
CA ASN B 277 34.80 -2.90 21.78
C ASN B 277 34.63 -1.64 20.94
N VAL B 278 33.97 -0.65 21.53
CA VAL B 278 33.67 0.61 20.86
C VAL B 278 34.47 1.71 21.54
N GLU B 279 35.07 2.58 20.73
CA GLU B 279 35.90 3.67 21.22
C GLU B 279 35.48 4.99 20.58
N LEU B 280 35.37 6.03 21.39
CA LEU B 280 35.12 7.38 20.93
C LEU B 280 36.31 8.25 21.36
N HIS B 281 36.97 8.87 20.39
CA HIS B 281 38.14 9.69 20.65
C HIS B 281 37.94 11.06 20.00
N ASN B 282 38.03 12.11 20.81
CA ASN B 282 37.93 13.49 20.32
C ASN B 282 36.62 13.71 19.57
N ILE B 283 35.52 13.28 20.18
CA ILE B 283 34.17 13.47 19.62
C ILE B 283 33.50 14.59 20.39
N THR B 284 33.07 15.62 19.69
CA THR B 284 32.33 16.72 20.31
C THR B 284 30.85 16.56 19.98
N ILE B 285 30.04 16.35 21.02
CA ILE B 285 28.59 16.27 20.86
C ILE B 285 28.01 17.57 21.36
N HIS B 286 27.69 18.47 20.44
CA HIS B 286 27.13 19.76 20.81
C HIS B 286 25.66 19.66 21.19
N HIS B 287 24.93 18.68 20.66
CA HIS B 287 23.51 18.60 20.89
C HIS B 287 23.01 17.23 20.50
N ALA B 288 21.87 16.84 21.08
CA ALA B 288 21.20 15.60 20.74
C ALA B 288 19.77 15.68 21.24
N GLY B 289 18.86 15.04 20.50
CA GLY B 289 17.49 14.91 20.93
C GLY B 289 17.38 13.83 21.98
N GLY B 290 17.92 14.10 23.17
CA GLY B 290 18.08 13.11 24.21
C GLY B 290 19.53 13.01 24.65
N MET B 291 19.99 11.78 24.86
CA MET B 291 21.31 11.55 25.42
C MET B 291 22.39 11.67 24.35
N GLY B 292 23.57 12.12 24.78
CA GLY B 292 24.72 12.22 23.89
C GLY B 292 25.18 10.85 23.42
N VAL B 293 25.49 9.97 24.37
CA VAL B 293 25.86 8.59 24.08
C VAL B 293 25.02 7.69 24.98
N ILE B 294 24.29 6.76 24.37
CA ILE B 294 23.48 5.79 25.09
C ILE B 294 23.93 4.40 24.66
N ALA B 295 24.30 3.57 25.64
CA ALA B 295 24.77 2.22 25.39
C ALA B 295 23.86 1.23 26.11
N GLN B 296 23.54 0.14 25.42
CA GLN B 296 22.71 -0.91 26.01
C GLN B 296 23.25 -2.27 25.59
N ARG B 297 23.42 -3.16 26.56
CA ARG B 297 23.80 -4.56 26.32
C ARG B 297 25.08 -4.65 25.49
N SER B 298 26.07 -3.83 25.83
CA SER B 298 27.30 -3.73 25.06
C SER B 298 28.51 -3.93 25.96
N HIS B 299 29.62 -4.35 25.34
CA HIS B 299 30.79 -4.85 26.04
C HIS B 299 32.02 -4.05 25.64
N ASN B 300 32.76 -3.55 26.62
CA ASN B 300 33.96 -2.75 26.39
C ASN B 300 33.66 -1.47 25.62
N ILE B 301 33.55 -0.34 26.32
CA ILE B 301 33.24 0.94 25.69
C ILE B 301 34.15 2.01 26.29
N THR B 302 34.79 2.80 25.43
CA THR B 302 35.71 3.83 25.85
C THR B 302 35.33 5.16 25.20
N ILE B 303 35.22 6.21 26.01
CA ILE B 303 35.04 7.58 25.55
C ILE B 303 36.18 8.40 26.11
N LYS B 304 37.02 8.93 25.22
CA LYS B 304 38.26 9.60 25.62
C LYS B 304 38.41 10.92 24.88
N ASP B 305 38.94 11.92 25.59
CA ASP B 305 39.32 13.21 25.01
C ASP B 305 38.16 13.86 24.25
N SER B 306 36.93 13.53 24.64
CA SER B 306 35.73 14.01 23.99
C SER B 306 35.04 15.06 24.86
N LYS B 307 33.98 15.66 24.32
CA LYS B 307 33.27 16.66 25.10
C LYS B 307 31.82 16.77 24.64
N VAL B 308 30.96 17.05 25.61
CA VAL B 308 29.58 17.46 25.38
C VAL B 308 29.47 18.90 25.85
N SER B 309 29.25 19.82 24.91
CA SER B 309 29.32 21.24 25.20
C SER B 309 28.48 21.97 24.17
N PRO B 310 27.81 23.06 24.54
CA PRO B 310 26.92 23.74 23.60
C PRO B 310 27.68 24.39 22.45
N SER B 311 26.98 24.58 21.34
CA SER B 311 27.53 25.30 20.22
C SER B 311 27.25 26.80 20.40
N LYS B 312 27.59 27.59 19.39
CA LYS B 312 27.50 29.04 19.51
C LYS B 312 26.06 29.49 19.73
N GLY B 313 25.89 30.45 20.63
CA GLY B 313 24.58 31.02 20.91
C GLY B 313 23.68 30.18 21.79
N ARG B 314 24.20 29.13 22.41
CA ARG B 314 23.40 28.26 23.28
C ARG B 314 24.06 28.13 24.64
N ILE B 315 23.22 27.92 25.66
CA ILE B 315 23.69 27.66 27.01
C ILE B 315 23.55 26.20 27.40
N VAL B 316 22.90 25.37 26.57
CA VAL B 316 22.63 23.97 26.88
C VAL B 316 23.21 23.11 25.75
N SER B 317 23.76 21.96 26.11
CA SER B 317 24.28 21.02 25.12
C SER B 317 23.21 20.00 24.74
N THR B 318 23.34 18.76 25.23
CA THR B 318 22.35 17.74 24.93
C THR B 318 21.15 17.89 25.87
N THR B 319 19.99 17.40 25.42
CA THR B 319 18.75 17.56 26.16
C THR B 319 18.54 16.48 27.22
N ALA B 320 19.44 15.50 27.31
CA ALA B 320 19.38 14.50 28.36
C ALA B 320 20.81 14.13 28.75
N ASP B 321 20.99 12.95 29.34
CA ASP B 321 22.28 12.55 29.90
C ASP B 321 23.39 12.68 28.86
N ALA B 322 24.57 13.10 29.33
CA ALA B 322 25.74 13.13 28.46
C ALA B 322 26.10 11.72 28.00
N THR B 323 26.26 10.81 28.96
CA THR B 323 26.51 9.40 28.66
C THR B 323 25.62 8.55 29.54
N HIS B 324 25.44 7.28 29.14
CA HIS B 324 24.51 6.39 29.81
C HIS B 324 24.76 4.97 29.34
N PHE B 325 24.76 4.03 30.29
CA PHE B 325 25.10 2.64 29.99
C PHE B 325 24.11 1.73 30.71
N VAL B 326 23.50 0.81 29.95
CA VAL B 326 22.44 -0.07 30.47
C VAL B 326 22.83 -1.51 30.19
N ASN B 327 22.97 -2.31 31.26
CA ASN B 327 23.28 -3.74 31.15
C ASN B 327 24.58 -3.96 30.37
N CYS B 328 25.54 -3.07 30.56
CA CYS B 328 26.82 -3.18 29.86
C CYS B 328 27.83 -3.95 30.70
N THR B 329 28.80 -4.56 30.01
CA THR B 329 29.81 -5.42 30.63
C THR B 329 31.19 -5.01 30.14
N GLY B 330 32.19 -5.73 30.63
CA GLY B 330 33.56 -5.38 30.29
C GLY B 330 34.00 -4.11 30.99
N LYS B 331 34.85 -3.34 30.33
CA LYS B 331 35.38 -2.10 30.89
C LYS B 331 34.66 -0.91 30.26
N ILE B 332 34.16 -0.03 31.11
CA ILE B 332 33.59 1.26 30.69
C ILE B 332 34.56 2.34 31.10
N LYS B 333 35.14 3.03 30.11
CA LYS B 333 36.19 4.01 30.36
C LYS B 333 35.72 5.38 29.90
N LEU B 334 35.60 6.31 30.86
CA LEU B 334 35.42 7.73 30.58
C LEU B 334 36.70 8.43 31.00
N ILE B 335 37.50 8.85 30.02
CA ILE B 335 38.85 9.34 30.27
C ILE B 335 39.00 10.73 29.67
N ASP B 336 39.30 11.71 30.52
CA ASP B 336 39.71 13.04 30.08
C ASP B 336 38.67 13.69 29.16
N ASN B 337 37.41 13.59 29.56
CA ASN B 337 36.32 14.21 28.82
C ASN B 337 35.86 15.50 29.51
N LEU B 338 35.05 16.27 28.79
CA LEU B 338 34.37 17.43 29.33
C LEU B 338 32.87 17.24 29.10
N PHE B 339 32.13 17.05 30.18
CA PHE B 339 30.67 16.93 30.12
C PHE B 339 30.07 18.14 30.81
N GLU B 340 29.50 19.05 30.02
CA GLU B 340 28.97 20.29 30.57
C GLU B 340 27.70 20.71 29.83
N SER B 341 26.82 21.37 30.57
CA SER B 341 25.66 22.10 30.08
C SER B 341 24.53 21.20 29.57
N GLN B 342 24.59 19.90 29.80
CA GLN B 342 23.50 19.06 29.37
C GLN B 342 22.36 19.10 30.38
N LYS B 343 21.16 18.74 29.93
CA LYS B 343 19.96 18.85 30.75
C LYS B 343 19.75 17.65 31.66
N ASN B 344 20.78 16.89 32.00
CA ASN B 344 20.63 15.74 32.88
C ASN B 344 22.01 15.31 33.37
N ASP B 345 22.08 14.11 33.94
CA ASP B 345 23.31 13.62 34.54
C ASP B 345 24.42 13.47 33.51
N ALA B 346 25.66 13.50 34.00
CA ALA B 346 26.79 13.28 33.11
C ALA B 346 26.90 11.82 32.71
N THR B 347 26.67 10.90 33.66
CA THR B 347 26.69 9.49 33.35
C THR B 347 25.79 8.72 34.30
N ASN B 348 25.42 7.52 33.87
CA ASN B 348 24.63 6.59 34.68
C ASN B 348 24.95 5.19 34.16
N ILE B 349 25.46 4.33 35.04
CA ILE B 349 25.84 2.97 34.68
C ILE B 349 25.03 2.03 35.56
N HIS B 350 24.09 1.31 34.96
CA HIS B 350 23.10 0.58 35.75
C HIS B 350 22.60 -0.64 34.98
N GLY B 351 21.84 -1.47 35.69
CA GLY B 351 21.14 -2.58 35.11
C GLY B 351 19.64 -2.34 35.03
N VAL B 352 18.93 -3.37 34.60
CA VAL B 352 17.48 -3.30 34.39
C VAL B 352 16.78 -4.21 35.40
N TYR B 353 15.83 -3.63 36.13
CA TYR B 353 14.87 -4.40 36.91
C TYR B 353 13.61 -4.58 36.08
N ALA B 354 13.12 -5.81 36.01
CA ALA B 354 11.85 -6.13 35.36
C ALA B 354 10.91 -6.68 36.42
N ALA B 355 9.74 -6.07 36.54
CA ALA B 355 8.81 -6.45 37.59
C ALA B 355 8.20 -7.82 37.31
N ILE B 356 7.92 -8.56 38.39
CA ILE B 356 7.25 -9.84 38.30
C ILE B 356 5.76 -9.56 38.19
N ASP B 357 5.23 -9.66 36.97
CA ASP B 357 3.85 -9.29 36.71
C ASP B 357 2.86 -10.42 36.98
N LYS B 358 3.21 -11.65 36.59
CA LYS B 358 2.29 -12.78 36.67
C LYS B 358 3.04 -14.00 37.16
N ILE B 359 2.55 -14.60 38.24
CA ILE B 359 3.08 -15.86 38.75
C ILE B 359 2.16 -16.97 38.25
N ILE B 360 2.67 -17.81 37.35
CA ILE B 360 1.87 -18.84 36.72
C ILE B 360 1.93 -20.11 37.56
N ASP B 361 3.03 -20.84 37.48
CA ASP B 361 3.27 -22.00 38.32
C ASP B 361 4.52 -21.75 39.18
N ASP B 362 4.89 -22.78 39.95
CA ASP B 362 6.02 -22.67 40.87
C ASP B 362 7.35 -22.46 40.16
N LYS B 363 7.41 -22.65 38.84
CA LYS B 363 8.65 -22.51 38.09
C LYS B 363 8.59 -21.49 36.97
N THR B 364 7.41 -20.97 36.64
CA THR B 364 7.24 -20.09 35.50
C THR B 364 6.71 -18.74 35.95
N VAL B 365 7.26 -17.68 35.35
CA VAL B 365 6.87 -16.31 35.67
C VAL B 365 6.80 -15.52 34.37
N GLU B 366 5.99 -14.46 34.38
CA GLU B 366 5.93 -13.49 33.29
C GLU B 366 6.38 -12.14 33.84
N ILE B 367 7.51 -11.64 33.35
CA ILE B 367 8.03 -10.36 33.78
C ILE B 367 7.55 -9.28 32.83
N LYS B 368 7.53 -8.04 33.32
CA LYS B 368 7.01 -6.92 32.55
C LYS B 368 7.90 -5.71 32.72
N LEU B 369 8.34 -5.13 31.61
CA LEU B 369 9.09 -3.88 31.65
C LEU B 369 8.16 -2.74 32.05
N GLN B 370 8.65 -1.87 32.95
CA GLN B 370 7.79 -0.94 33.66
C GLN B 370 7.85 0.48 33.09
N HIS B 371 9.02 1.09 33.09
CA HIS B 371 9.12 2.45 32.58
C HIS B 371 8.93 2.47 31.07
N PRO B 372 8.17 3.42 30.53
CA PRO B 372 7.91 3.41 29.08
C PRO B 372 9.16 3.42 28.22
N GLN B 373 10.20 4.12 28.64
CA GLN B 373 11.44 4.16 27.89
C GLN B 373 12.30 2.91 28.11
N GLN B 374 11.77 1.91 28.81
CA GLN B 374 12.39 0.60 28.92
C GLN B 374 11.71 -0.45 28.05
N PHE B 375 10.58 -0.12 27.43
CA PHE B 375 9.87 -1.08 26.60
C PHE B 375 10.77 -1.57 25.47
N GLY B 376 10.60 -2.85 25.11
CA GLY B 376 11.42 -3.43 24.06
C GLY B 376 12.83 -3.77 24.46
N PHE B 377 13.16 -3.73 25.75
CA PHE B 377 14.49 -4.08 26.23
C PHE B 377 14.49 -5.58 26.52
N ASP B 378 14.96 -6.37 25.56
CA ASP B 378 15.08 -7.81 25.72
C ASP B 378 16.46 -8.15 26.26
N PHE B 379 16.49 -8.92 27.35
CA PHE B 379 17.77 -9.22 28.00
C PHE B 379 17.77 -10.57 28.71
N ILE B 380 16.60 -11.20 28.84
CA ILE B 380 16.49 -12.49 29.52
C ILE B 380 16.56 -13.58 28.47
N ALA B 381 17.64 -14.35 28.50
CA ALA B 381 17.90 -15.44 27.57
C ALA B 381 18.06 -16.76 28.33
N PRO B 382 17.87 -17.89 27.67
CA PRO B 382 18.08 -19.18 28.35
C PRO B 382 19.48 -19.29 28.94
N GLU B 383 19.57 -20.01 30.05
CA GLU B 383 20.79 -20.25 30.83
C GLU B 383 21.33 -18.99 31.50
N ASP B 384 20.59 -17.89 31.46
CA ASP B 384 20.97 -16.71 32.24
C ASP B 384 20.66 -16.94 33.71
N GLU B 385 21.40 -16.24 34.57
CA GLU B 385 21.12 -16.22 36.00
C GLU B 385 20.43 -14.90 36.34
N LEU B 386 19.35 -14.99 37.10
CA LEU B 386 18.56 -13.83 37.48
C LEU B 386 18.52 -13.68 38.99
N GLU B 387 18.67 -12.45 39.45
CA GLU B 387 18.39 -12.12 40.84
C GLU B 387 16.89 -11.94 41.01
N LEU B 388 16.33 -12.57 42.04
CA LEU B 388 14.92 -12.42 42.38
C LEU B 388 14.85 -11.53 43.61
N VAL B 389 14.45 -10.28 43.39
CA VAL B 389 14.65 -9.19 44.35
C VAL B 389 13.31 -8.75 44.92
N HIS B 390 13.28 -8.52 46.23
CA HIS B 390 12.11 -7.94 46.87
C HIS B 390 12.02 -6.46 46.55
N GLY B 391 10.86 -6.04 46.05
CA GLY B 391 10.68 -4.69 45.55
C GLY B 391 10.97 -3.58 46.54
N ALA B 392 10.28 -3.59 47.68
CA ALA B 392 10.38 -2.50 48.64
C ALA B 392 11.68 -2.50 49.44
N SER B 393 12.44 -3.60 49.41
CA SER B 393 13.68 -3.69 50.18
C SER B 393 14.93 -3.69 49.32
N LEU B 394 14.83 -4.06 48.05
CA LEU B 394 15.98 -4.29 47.17
C LEU B 394 16.91 -5.38 47.72
N ILE B 395 16.37 -6.27 48.55
CA ILE B 395 17.12 -7.41 49.07
C ILE B 395 16.85 -8.61 48.18
N THR B 396 17.92 -9.27 47.74
CA THR B 396 17.79 -10.41 46.84
C THR B 396 17.37 -11.65 47.62
N TYR B 397 16.25 -12.25 47.21
CA TYR B 397 15.84 -13.52 47.81
C TYR B 397 16.80 -14.64 47.45
N GLU B 398 17.11 -14.78 46.16
CA GLU B 398 17.91 -15.89 45.65
C GLU B 398 18.33 -15.55 44.24
N THR B 399 19.16 -16.42 43.67
CA THR B 399 19.51 -16.40 42.26
C THR B 399 19.05 -17.70 41.63
N ASN B 400 18.23 -17.60 40.58
CA ASN B 400 17.72 -18.75 39.87
C ASN B 400 18.18 -18.69 38.42
N LYS B 401 18.30 -19.86 37.80
CA LYS B 401 18.74 -19.97 36.41
C LYS B 401 17.54 -20.12 35.48
N VAL B 402 17.61 -19.47 34.34
CA VAL B 402 16.55 -19.50 33.34
C VAL B 402 16.76 -20.70 32.43
N VAL B 403 15.70 -21.48 32.20
CA VAL B 403 15.74 -22.56 31.24
C VAL B 403 15.10 -22.17 29.92
N THR B 404 13.96 -21.45 29.97
CA THR B 404 13.27 -20.98 28.79
C THR B 404 12.92 -19.51 28.92
N SER B 405 12.88 -18.82 27.80
CA SER B 405 12.46 -17.43 27.72
C SER B 405 11.63 -17.25 26.46
N THR B 406 10.48 -16.58 26.60
CA THR B 406 9.59 -16.34 25.46
C THR B 406 9.12 -14.90 25.51
N ARG B 407 9.49 -14.11 24.51
CA ARG B 407 9.08 -12.73 24.41
C ARG B 407 7.64 -12.67 23.89
N VAL B 408 6.75 -12.08 24.68
CA VAL B 408 5.34 -11.97 24.30
C VAL B 408 5.06 -10.65 23.61
N SER B 409 5.65 -9.56 24.10
CA SER B 409 5.42 -8.23 23.56
C SER B 409 6.65 -7.37 23.89
N ASN B 410 6.55 -6.07 23.61
CA ASN B 410 7.63 -5.16 24.00
C ASN B 410 7.58 -4.81 25.48
N GLU B 411 6.70 -5.44 26.24
CA GLU B 411 6.61 -5.26 27.68
C GLU B 411 6.82 -6.57 28.44
N VAL B 412 6.18 -7.66 28.01
CA VAL B 412 6.06 -8.88 28.78
C VAL B 412 6.93 -9.97 28.16
N THR B 413 7.62 -10.72 29.02
CA THR B 413 8.38 -11.89 28.62
C THR B 413 8.12 -13.00 29.63
N ARG B 414 7.79 -14.20 29.14
CA ARG B 414 7.59 -15.34 30.01
C ARG B 414 8.93 -16.01 30.30
N VAL B 415 9.19 -16.32 31.57
CA VAL B 415 10.46 -16.88 32.00
C VAL B 415 10.17 -18.09 32.89
N GLN B 416 10.77 -19.23 32.55
CA GLN B 416 10.70 -20.44 33.36
C GLN B 416 12.08 -20.75 33.93
N PHE B 417 12.10 -21.11 35.20
CA PHE B 417 13.34 -21.35 35.92
C PHE B 417 13.65 -22.85 36.02
N ILE B 418 14.91 -23.14 36.34
CA ILE B 418 15.34 -24.53 36.42
C ILE B 418 14.77 -25.23 37.65
N LYS B 419 14.52 -24.49 38.72
CA LYS B 419 13.99 -25.01 39.96
C LYS B 419 12.92 -24.07 40.46
N PRO B 420 12.00 -24.54 41.32
CA PRO B 420 11.00 -23.65 41.90
C PRO B 420 11.66 -22.49 42.64
N PHE B 421 11.20 -21.28 42.35
CA PHE B 421 11.80 -20.09 42.94
C PHE B 421 11.35 -19.94 44.40
N ASP B 422 11.90 -18.94 45.07
CA ASP B 422 11.64 -18.74 46.49
C ASP B 422 10.15 -18.55 46.75
N SER B 423 9.66 -19.18 47.82
CA SER B 423 8.23 -19.14 48.14
C SER B 423 7.77 -17.76 48.58
N ARG B 424 8.70 -16.87 48.95
CA ARG B 424 8.33 -15.53 49.41
C ARG B 424 8.12 -14.55 48.27
N ILE B 425 8.42 -14.93 47.03
CA ILE B 425 8.33 -14.00 45.91
C ILE B 425 6.86 -13.75 45.57
N LYS B 426 6.49 -12.49 45.54
CA LYS B 426 5.14 -12.06 45.18
C LYS B 426 5.17 -11.32 43.84
N GLU B 427 3.99 -11.13 43.28
CA GLU B 427 3.86 -10.22 42.15
C GLU B 427 4.09 -8.80 42.62
N GLY B 428 4.83 -8.03 41.83
CA GLY B 428 5.30 -6.73 42.24
C GLY B 428 6.75 -6.71 42.66
N ASP B 429 7.34 -7.87 42.92
CA ASP B 429 8.79 -7.98 43.03
C ASP B 429 9.41 -7.87 41.64
N SER B 430 10.74 -7.89 41.58
CA SER B 430 11.42 -7.66 40.32
C SER B 430 12.55 -8.66 40.15
N VAL B 431 12.94 -8.86 38.89
CA VAL B 431 14.08 -9.70 38.54
C VAL B 431 15.15 -8.82 37.90
N SER B 432 16.40 -9.26 38.01
CA SER B 432 17.52 -8.58 37.39
C SER B 432 18.51 -9.64 36.91
N LYS B 433 19.17 -9.36 35.79
CA LYS B 433 20.10 -10.32 35.21
C LYS B 433 21.44 -10.24 35.92
N VAL B 434 21.91 -11.37 36.44
CA VAL B 434 23.26 -11.45 36.99
C VAL B 434 24.25 -11.39 35.83
N ARG B 435 24.93 -10.25 35.70
CA ARG B 435 25.88 -10.03 34.62
C ARG B 435 27.29 -9.95 35.16
N SER B 436 28.26 -10.08 34.26
CA SER B 436 29.64 -9.71 34.55
C SER B 436 29.68 -8.19 34.55
N TYR B 437 29.33 -7.62 35.70
CA TYR B 437 29.09 -6.18 35.80
C TYR B 437 30.30 -5.39 35.33
N ALA B 438 30.02 -4.26 34.67
CA ALA B 438 31.07 -3.50 34.00
C ALA B 438 32.06 -2.94 35.01
N GLU B 439 33.34 -3.11 34.72
CA GLU B 439 34.40 -2.43 35.47
C GLU B 439 34.45 -0.99 35.02
N VAL B 440 34.21 -0.06 35.95
CA VAL B 440 34.03 1.35 35.62
C VAL B 440 35.31 2.11 35.93
N ILE B 441 35.83 2.82 34.93
CA ILE B 441 37.04 3.63 35.04
C ILE B 441 36.70 5.02 34.55
N ILE B 442 36.54 5.96 35.48
CA ILE B 442 36.16 7.33 35.16
C ILE B 442 37.25 8.24 35.70
N LYS B 443 38.09 8.78 34.80
CA LYS B 443 39.26 9.53 35.21
C LYS B 443 39.43 10.77 34.35
N GLY B 444 39.85 11.87 34.99
CA GLY B 444 40.23 13.08 34.31
C GLY B 444 39.11 13.90 33.70
N ASN B 445 37.86 13.65 34.09
CA ASN B 445 36.73 14.32 33.47
C ASN B 445 36.34 15.58 34.23
N ILE B 446 35.70 16.51 33.51
CA ILE B 446 35.17 17.74 34.08
C ILE B 446 33.65 17.66 33.98
N ILE B 447 32.97 17.82 35.11
CA ILE B 447 31.52 17.70 35.20
C ILE B 447 31.00 19.01 35.79
N ARG B 448 30.29 19.80 34.99
CA ARG B 448 29.88 21.12 35.43
C ARG B 448 28.73 21.63 34.58
N LYS B 449 28.02 22.63 35.12
CA LYS B 449 27.03 23.45 34.42
C LYS B 449 25.81 22.67 33.93
N ASN B 450 25.67 21.40 34.30
CA ASN B 450 24.59 20.56 33.81
C ASN B 450 23.43 20.54 34.80
N ARG B 451 22.24 20.28 34.27
CA ARG B 451 21.10 20.03 35.14
C ARG B 451 21.26 18.67 35.83
N ALA B 452 20.76 18.60 37.06
CA ALA B 452 20.68 17.37 37.86
C ALA B 452 22.04 16.93 38.39
N ARG B 453 22.26 15.62 38.43
CA ARG B 453 23.37 15.04 39.16
C ARG B 453 24.63 14.98 38.29
N GLY B 454 25.72 14.54 38.91
CA GLY B 454 26.96 14.32 38.17
C GLY B 454 27.07 12.91 37.65
N MET B 455 27.25 11.94 38.54
CA MET B 455 27.39 10.54 38.17
C MET B 455 26.46 9.70 39.02
N LEU B 456 25.64 8.86 38.37
CA LEU B 456 24.84 7.86 39.07
C LEU B 456 25.64 6.57 39.09
N LEU B 457 26.26 6.28 40.23
CA LEU B 457 27.09 5.08 40.38
C LEU B 457 26.19 3.92 40.81
N ASN B 458 25.50 3.35 39.83
CA ASN B 458 24.74 2.12 40.02
C ASN B 458 25.52 0.90 39.54
N SER B 459 26.85 1.00 39.53
CA SER B 459 27.73 -0.03 38.99
C SER B 459 28.11 -1.01 40.10
N ARG B 460 27.69 -2.26 39.96
CA ARG B 460 28.05 -3.29 40.93
C ARG B 460 29.46 -3.82 40.72
N GLY B 461 30.04 -3.61 39.54
CA GLY B 461 31.41 -4.03 39.28
C GLY B 461 32.42 -3.11 39.95
N LYS B 462 33.69 -3.47 39.78
CA LYS B 462 34.78 -2.66 40.30
C LYS B 462 34.72 -1.27 39.67
N THR B 463 34.59 -0.25 40.51
CA THR B 463 34.38 1.11 40.07
C THR B 463 35.48 2.01 40.60
N LEU B 464 36.08 2.80 39.71
CA LEU B 464 37.13 3.75 40.07
C LEU B 464 36.75 5.13 39.57
N ILE B 465 36.66 6.08 40.49
CA ILE B 465 36.36 7.48 40.18
C ILE B 465 37.56 8.28 40.66
N GLU B 466 38.43 8.70 39.73
CA GLU B 466 39.70 9.30 40.08
C GLU B 466 39.95 10.55 39.24
N ASN B 467 40.42 11.61 39.91
CA ASN B 467 40.91 12.82 39.25
C ASN B 467 39.84 13.49 38.40
N ASN B 468 38.62 13.55 38.93
CA ASN B 468 37.54 14.25 38.25
C ASN B 468 37.23 15.56 38.97
N TYR B 469 36.66 16.50 38.22
CA TYR B 469 36.20 17.78 38.75
C TYR B 469 34.69 17.83 38.66
N PHE B 470 34.03 18.18 39.77
CA PHE B 470 32.59 18.26 39.86
C PHE B 470 32.17 19.67 40.23
N HIS B 471 31.23 20.24 39.48
CA HIS B 471 30.49 21.45 39.88
C HIS B 471 29.07 21.29 39.38
N THR B 472 28.24 20.62 40.18
CA THR B 472 26.88 20.29 39.76
C THR B 472 25.86 20.86 40.73
N PRO B 473 24.72 21.34 40.23
CA PRO B 473 23.64 21.76 41.15
C PRO B 473 23.07 20.61 41.94
N GLY B 474 23.04 19.41 41.37
CA GLY B 474 22.61 18.24 42.08
C GLY B 474 23.77 17.52 42.75
N SER B 475 23.47 16.32 43.25
CA SER B 475 24.49 15.49 43.86
C SER B 475 25.58 15.15 42.84
N ALA B 476 26.84 15.46 43.21
CA ALA B 476 27.95 15.13 42.33
C ALA B 476 28.02 13.64 42.06
N ILE B 477 27.82 12.83 43.09
CA ILE B 477 27.79 11.37 42.97
C ILE B 477 26.54 10.87 43.69
N LEU B 478 25.81 9.96 43.05
CA LEU B 478 24.56 9.46 43.60
C LEU B 478 24.47 7.95 43.39
N PHE B 479 24.26 7.22 44.48
CA PHE B 479 23.90 5.81 44.43
C PHE B 479 22.38 5.72 44.48
N GLU B 480 21.76 5.39 43.35
CA GLU B 480 20.30 5.41 43.23
C GLU B 480 19.81 4.00 42.95
N GLY B 481 19.03 3.81 41.90
CA GLY B 481 18.38 2.53 41.67
C GLY B 481 17.09 2.38 42.44
N ASP B 482 16.11 1.70 41.85
CA ASP B 482 14.87 1.39 42.56
C ASP B 482 14.17 0.27 41.80
N ALA B 483 13.12 -0.28 42.42
CA ALA B 483 12.25 -1.26 41.80
C ALA B 483 10.80 -0.83 41.96
N ASN B 484 10.54 0.47 41.83
CA ASN B 484 9.18 1.00 41.94
C ASN B 484 8.83 2.05 40.89
N PHE B 485 9.80 2.66 40.21
CA PHE B 485 9.50 3.60 39.14
C PHE B 485 10.50 3.50 38.00
N TRP B 486 11.75 3.90 38.25
CA TRP B 486 12.78 3.80 37.22
C TRP B 486 13.12 2.35 36.92
N PHE B 487 13.04 1.47 37.92
CA PHE B 487 13.36 0.05 37.77
C PHE B 487 14.76 -0.14 37.20
N GLU B 488 15.72 0.56 37.79
CA GLU B 488 17.12 0.46 37.42
C GLU B 488 17.87 -0.30 38.50
N GLN B 489 18.62 -1.32 38.10
CA GLN B 489 19.36 -2.14 39.04
C GLN B 489 20.68 -1.44 39.40
N GLY B 490 20.86 -1.16 40.69
CA GLY B 490 22.10 -0.57 41.16
C GLY B 490 22.76 -1.42 42.22
N GLY B 491 23.28 -0.77 43.27
CA GLY B 491 23.88 -1.50 44.37
C GLY B 491 25.34 -1.80 44.16
N VAL B 492 26.21 -0.93 44.67
CA VAL B 492 27.63 -1.07 44.43
C VAL B 492 28.24 -2.11 45.37
N SER B 493 29.42 -2.60 45.00
CA SER B 493 30.15 -3.56 45.83
C SER B 493 31.65 -3.29 45.87
N ASP B 494 32.18 -2.33 45.11
CA ASP B 494 33.62 -2.10 45.05
C ASP B 494 33.83 -0.74 44.37
N VAL B 495 33.86 0.32 45.18
CA VAL B 495 33.97 1.69 44.69
C VAL B 495 35.16 2.35 45.35
N THR B 496 35.94 3.08 44.54
CA THR B 496 37.04 3.91 45.03
C THR B 496 36.87 5.30 44.43
N ILE B 497 36.63 6.29 45.28
CA ILE B 497 36.48 7.68 44.87
C ILE B 497 37.70 8.41 45.41
N LYS B 498 38.71 8.62 44.57
CA LYS B 498 40.00 9.13 45.01
C LYS B 498 40.45 10.32 44.17
N ASN B 499 41.01 11.32 44.86
CA ASN B 499 41.72 12.43 44.23
C ASN B 499 40.81 13.25 43.29
N ASN B 500 39.55 13.39 43.66
CA ASN B 500 38.63 14.23 42.92
C ASN B 500 38.46 15.57 43.61
N VAL B 501 38.00 16.56 42.84
CA VAL B 501 37.70 17.89 43.36
C VAL B 501 36.20 18.12 43.23
N PHE B 502 35.55 18.33 44.37
CA PHE B 502 34.12 18.65 44.43
C PHE B 502 34.01 20.12 44.84
N GLU B 503 33.83 21.00 43.87
CA GLU B 503 33.78 22.44 44.12
C GLU B 503 32.34 22.92 44.05
N ASN B 504 31.80 23.30 45.22
CA ASN B 504 30.49 23.96 45.32
C ASN B 504 29.40 23.19 44.59
N SER B 505 29.46 21.86 44.69
CA SER B 505 28.45 21.02 44.08
C SER B 505 27.28 20.79 45.05
N PHE B 506 26.18 20.28 44.49
CA PHE B 506 24.91 20.20 45.21
C PHE B 506 24.49 21.58 45.73
N TYR B 507 24.67 22.60 44.88
CA TYR B 507 24.23 23.94 45.25
C TYR B 507 22.74 24.16 45.01
N SER B 508 22.04 23.14 44.51
CA SER B 508 20.58 23.16 44.45
C SER B 508 20.00 21.89 45.04
N GLN B 509 18.92 21.36 44.46
CA GLN B 509 18.08 20.38 45.15
C GLN B 509 17.96 19.04 44.44
N TRP B 510 18.73 18.79 43.38
CA TRP B 510 18.66 17.51 42.67
C TRP B 510 19.53 16.47 43.40
N GLY B 511 19.03 16.04 44.55
CA GLY B 511 19.70 15.02 45.33
C GLY B 511 19.59 15.32 46.81
N LYS B 512 20.45 14.65 47.60
CA LYS B 512 20.40 14.75 49.05
C LYS B 512 21.77 15.05 49.65
N GLY B 513 22.68 15.62 48.88
CA GLY B 513 24.03 15.88 49.35
C GLY B 513 25.03 15.74 48.21
N ILE B 514 26.28 16.09 48.52
CA ILE B 514 27.33 16.04 47.50
C ILE B 514 27.54 14.60 47.04
N ILE B 515 27.73 13.69 47.99
CA ILE B 515 27.74 12.25 47.73
C ILE B 515 26.62 11.64 48.57
N ALA B 516 25.61 11.09 47.91
CA ALA B 516 24.39 10.70 48.59
C ALA B 516 23.86 9.39 48.05
N VAL B 517 23.22 8.62 48.93
CA VAL B 517 22.46 7.43 48.56
C VAL B 517 20.99 7.82 48.50
N ASP B 518 20.31 7.35 47.45
CA ASP B 518 18.86 7.56 47.36
C ASP B 518 18.22 6.35 46.67
N ALA B 519 18.62 5.15 47.07
CA ALA B 519 18.03 3.95 46.52
C ALA B 519 16.58 3.80 46.98
N GLY B 520 15.78 3.15 46.14
CA GLY B 520 14.37 2.97 46.44
C GLY B 520 14.11 1.93 47.50
N ILE B 521 14.46 2.23 48.74
CA ILE B 521 14.30 1.32 49.87
C ILE B 521 13.35 1.98 50.86
N ASP B 522 12.24 1.29 51.16
CA ASP B 522 11.29 1.82 52.13
C ASP B 522 11.95 1.98 53.50
N ASP B 523 11.42 2.92 54.29
CA ASP B 523 12.00 3.22 55.58
C ASP B 523 12.07 2.00 56.48
N LYS B 524 11.02 1.17 56.47
CA LYS B 524 10.96 0.00 57.33
C LYS B 524 11.94 -1.10 56.92
N PHE B 525 12.65 -0.94 55.81
CA PHE B 525 13.63 -1.92 55.36
C PHE B 525 15.05 -1.37 55.32
N LYS B 526 15.25 -0.09 55.66
CA LYS B 526 16.58 0.51 55.56
C LYS B 526 17.56 -0.15 56.51
N GLU B 527 17.12 -0.48 57.73
CA GLU B 527 17.99 -1.14 58.68
C GLU B 527 18.33 -2.56 58.23
N THR B 528 17.42 -3.20 57.51
CA THR B 528 17.62 -4.59 57.09
C THR B 528 18.45 -4.69 55.82
N SER B 529 18.22 -3.78 54.87
CA SER B 529 18.85 -3.86 53.56
C SER B 529 20.23 -3.22 53.58
N ARG B 530 21.14 -3.79 52.80
CA ARG B 530 22.50 -3.25 52.60
C ARG B 530 22.76 -3.31 51.10
N TYR B 531 22.35 -2.26 50.40
CA TYR B 531 22.37 -2.25 48.93
C TYR B 531 23.75 -1.87 48.39
N ASN B 532 24.45 -0.96 49.07
CA ASN B 532 25.75 -0.47 48.62
C ASN B 532 26.81 -0.84 49.65
N LYS B 533 27.92 -1.40 49.18
CA LYS B 533 28.95 -1.93 50.07
C LYS B 533 30.34 -1.57 49.53
N ASN B 534 31.29 -1.47 50.46
CA ASN B 534 32.71 -1.33 50.15
C ASN B 534 33.01 -0.10 49.30
N ILE B 535 33.00 1.07 49.94
CA ILE B 535 33.23 2.34 49.27
C ILE B 535 34.39 3.06 49.96
N VAL B 536 35.39 3.46 49.17
CA VAL B 536 36.54 4.19 49.68
C VAL B 536 36.50 5.60 49.10
N ILE B 537 36.53 6.60 49.97
CA ILE B 537 36.51 8.00 49.58
C ILE B 537 37.74 8.64 50.22
N LYS B 538 38.79 8.81 49.42
CA LYS B 538 40.08 9.25 49.94
C LYS B 538 40.72 10.26 49.01
N GLY B 539 41.52 11.15 49.58
CA GLY B 539 42.31 12.09 48.81
C GLY B 539 41.54 13.13 48.04
N ASN B 540 40.24 13.28 48.30
CA ASN B 540 39.43 14.25 47.58
C ASN B 540 39.47 15.61 48.26
N THR B 541 39.14 16.64 47.49
CA THR B 541 39.00 18.00 48.01
C THR B 541 37.55 18.41 47.85
N PHE B 542 36.91 18.75 48.97
CA PHE B 542 35.51 19.18 48.99
C PHE B 542 35.49 20.68 49.29
N LYS B 543 35.25 21.49 48.27
CA LYS B 543 35.07 22.93 48.45
C LYS B 543 33.58 23.20 48.57
N VAL B 544 33.14 23.52 49.79
CA VAL B 544 31.72 23.65 50.10
C VAL B 544 31.43 25.07 50.56
N PHE B 545 30.22 25.53 50.24
CA PHE B 545 29.79 26.88 50.61
C PHE B 545 28.89 26.92 51.84
N ASP B 546 28.31 25.80 52.25
CA ASP B 546 27.50 25.76 53.46
C ASP B 546 27.64 24.38 54.09
N LYS B 547 26.71 24.03 54.98
CA LYS B 547 26.77 22.79 55.75
C LYS B 547 25.90 21.69 55.18
N ALA B 548 25.71 21.67 53.86
CA ALA B 548 25.01 20.57 53.23
C ALA B 548 25.79 19.28 53.43
N PRO B 549 25.11 18.13 53.43
CA PRO B 549 25.83 16.86 53.66
C PRO B 549 26.87 16.62 52.59
N ILE B 550 28.10 16.36 53.03
CA ILE B 550 29.10 15.82 52.14
C ILE B 550 28.79 14.35 51.83
N LEU B 551 28.43 13.60 52.86
CA LEU B 551 27.93 12.23 52.71
C LEU B 551 26.53 12.17 53.30
N ASN B 552 25.61 11.57 52.56
CA ASN B 552 24.25 11.28 53.03
C ASN B 552 23.96 9.83 52.66
N LEU B 553 24.17 8.93 53.61
CA LEU B 553 24.15 7.50 53.34
C LEU B 553 23.06 6.80 54.15
N PHE B 554 22.47 5.77 53.55
CA PHE B 554 21.67 4.82 54.30
C PHE B 554 21.82 3.44 53.66
N SER B 555 21.71 2.41 54.48
CA SER B 555 21.83 1.02 54.04
C SER B 555 23.18 0.76 53.37
N VAL B 556 24.23 1.41 53.86
CA VAL B 556 25.58 1.26 53.34
C VAL B 556 26.39 0.43 54.33
N SER B 557 27.17 -0.51 53.80
CA SER B 557 28.04 -1.34 54.62
C SER B 557 29.49 -1.10 54.20
N ASN B 558 30.35 -0.82 55.18
CA ASN B 558 31.78 -0.65 54.98
C ASN B 558 32.09 0.53 54.07
N LEU B 559 32.27 1.71 54.66
CA LEU B 559 32.67 2.91 53.92
C LEU B 559 33.72 3.65 54.74
N VAL B 560 34.80 4.06 54.08
CA VAL B 560 35.91 4.76 54.72
C VAL B 560 36.03 6.15 54.10
N PHE B 561 36.08 7.17 54.95
CA PHE B 561 36.22 8.56 54.54
C PHE B 561 37.49 9.11 55.21
N GLU B 562 38.59 9.11 54.48
CA GLU B 562 39.89 9.46 55.06
C GLU B 562 40.70 10.28 54.06
N ASN B 563 41.64 11.06 54.60
CA ASN B 563 42.62 11.80 53.81
C ASN B 563 41.97 12.80 52.85
N ASN B 564 40.81 13.32 53.21
CA ASN B 564 40.13 14.32 52.39
C ASN B 564 40.33 15.71 52.97
N ILE B 565 40.21 16.71 52.11
CA ILE B 565 40.30 18.12 52.49
C ILE B 565 38.92 18.75 52.29
N ILE B 566 38.42 19.41 53.33
CA ILE B 566 37.11 20.07 53.29
C ILE B 566 37.36 21.56 53.45
N GLU B 567 37.08 22.32 52.39
CA GLU B 567 37.38 23.74 52.33
C GLU B 567 36.10 24.54 52.30
N LYS B 568 35.99 25.53 53.18
CA LYS B 568 34.81 26.38 53.23
C LYS B 568 34.94 27.51 52.22
N THR B 569 33.88 27.73 51.45
CA THR B 569 33.80 28.83 50.49
C THR B 569 32.57 29.69 50.79
N THR B 570 32.46 30.78 50.05
CA THR B 570 31.28 31.66 50.08
C THR B 570 30.75 31.87 48.68
N GLU B 571 30.78 30.81 47.86
CA GLU B 571 30.38 30.95 46.46
C GLU B 571 28.88 31.19 46.32
N TYR B 572 28.08 30.56 47.18
CA TYR B 572 26.63 30.69 47.14
C TYR B 572 26.13 31.03 48.54
N PRO B 573 24.95 31.64 48.64
CA PRO B 573 24.36 31.89 49.97
C PRO B 573 24.15 30.59 50.72
N GLU B 574 24.45 30.62 52.02
CA GLU B 574 24.31 29.44 52.85
C GLU B 574 22.84 29.11 53.07
N ARG B 575 22.54 27.81 53.08
CA ARG B 575 21.17 27.32 53.23
C ARG B 575 20.96 26.89 54.68
N LYS B 576 20.01 27.54 55.36
CA LYS B 576 19.71 27.20 56.74
C LYS B 576 19.09 25.83 56.91
N LYS B 577 18.68 25.19 55.81
CA LYS B 577 18.13 23.84 55.87
C LYS B 577 19.14 22.86 56.47
N TYR B 578 20.42 23.06 56.18
CA TYR B 578 21.45 22.07 56.47
C TYR B 578 22.37 22.56 57.59
N ASN B 579 22.77 21.63 58.45
CA ASN B 579 23.76 21.92 59.49
C ASN B 579 24.48 20.63 59.89
N SER B 580 24.87 19.83 58.91
CA SER B 580 25.63 18.61 59.17
C SER B 580 26.25 18.08 57.88
N LEU B 581 27.58 17.94 57.87
CA LEU B 581 28.28 17.49 56.66
C LEU B 581 28.18 15.99 56.45
N PHE B 582 27.78 15.23 57.48
CA PHE B 582 27.75 13.77 57.40
C PHE B 582 26.44 13.28 58.01
N VAL B 583 25.50 12.90 57.16
CA VAL B 583 24.21 12.34 57.58
C VAL B 583 24.22 10.85 57.28
N ILE B 584 24.16 10.04 58.33
CA ILE B 584 24.27 8.58 58.20
C ILE B 584 23.11 7.94 58.95
N ASN B 585 22.42 7.02 58.28
CA ASN B 585 21.32 6.27 58.87
C ASN B 585 21.40 4.81 58.43
N ASN B 586 21.00 3.92 59.33
CA ASN B 586 20.82 2.50 59.03
C ASN B 586 22.01 1.93 58.26
N SER B 587 23.20 2.17 58.78
CA SER B 587 24.43 1.72 58.14
C SER B 587 25.31 1.02 59.17
N ASP B 588 26.45 0.53 58.71
CA ASP B 588 27.40 -0.16 59.58
C ASP B 588 28.79 -0.05 58.99
N ASN B 589 29.79 -0.11 59.86
CA ASN B 589 31.20 -0.07 59.46
C ASN B 589 31.51 1.19 58.64
N ILE B 590 30.98 2.32 59.08
CA ILE B 590 31.27 3.61 58.47
C ILE B 590 32.33 4.31 59.29
N THR B 591 33.37 4.81 58.63
CA THR B 591 34.50 5.44 59.29
C THR B 591 34.69 6.85 58.73
N ILE B 592 34.46 7.85 59.57
CA ILE B 592 34.81 9.24 59.27
C ILE B 592 36.11 9.49 60.03
N SER B 593 37.23 9.17 59.39
CA SER B 593 38.51 9.13 60.09
C SER B 593 38.95 10.52 60.55
N ILE B 594 39.73 10.54 61.63
CA ILE B 594 40.34 11.78 62.10
C ILE B 594 41.28 12.34 61.05
N ASN B 595 41.84 11.46 60.20
CA ASN B 595 42.71 11.88 59.11
C ASN B 595 41.90 12.57 58.02
N ASN B 596 41.36 13.74 58.32
CA ASN B 596 40.68 14.58 57.34
C ASN B 596 40.95 16.03 57.72
N ILE B 597 41.24 16.86 56.73
CA ILE B 597 41.66 18.24 56.95
C ILE B 597 40.49 19.15 56.61
N LEU B 598 40.20 20.09 57.51
CA LEU B 598 39.12 21.05 57.34
C LEU B 598 39.69 22.46 57.44
N GLN B 599 39.24 23.34 56.56
CA GLN B 599 39.83 24.67 56.43
C GLN B 599 38.73 25.70 56.19
N GLY B 600 38.74 26.76 57.00
CA GLY B 600 37.84 27.88 56.81
C GLY B 600 36.56 27.84 57.61
N PHE B 601 36.38 26.83 58.47
CA PHE B 601 35.18 26.72 59.29
C PHE B 601 35.41 27.32 60.66
N SER B 602 34.31 27.74 61.29
CA SER B 602 34.41 28.29 62.64
C SER B 602 34.47 27.19 63.69
N GLU B 603 33.65 26.15 63.54
CA GLU B 603 33.69 25.01 64.45
C GLU B 603 34.89 24.12 64.13
N GLY B 604 34.99 23.00 64.84
CA GLY B 604 36.10 22.08 64.69
C GLY B 604 35.64 20.68 64.33
N LYS B 605 36.63 19.79 64.23
CA LYS B 605 36.34 18.40 63.86
C LYS B 605 35.37 17.74 64.83
N SER B 606 35.37 18.16 66.10
CA SER B 606 34.52 17.54 67.10
C SER B 606 33.04 17.59 66.71
N GLN B 607 32.63 18.66 66.04
CA GLN B 607 31.25 18.81 65.58
C GLN B 607 31.07 18.48 64.11
N LEU B 608 31.94 19.00 63.25
CA LEU B 608 31.72 18.90 61.81
C LEU B 608 31.97 17.50 61.26
N LEU B 609 32.84 16.71 61.90
CA LEU B 609 33.11 15.35 61.46
C LEU B 609 32.26 14.32 62.20
N SER B 610 31.38 14.74 63.09
CA SER B 610 30.53 13.82 63.84
C SER B 610 29.23 13.61 63.08
N PRO B 611 28.86 12.38 62.76
CA PRO B 611 27.66 12.15 61.94
C PRO B 611 26.38 12.45 62.70
N THR B 612 25.32 12.73 61.92
CA THR B 612 23.97 12.90 62.43
C THR B 612 23.02 12.03 61.64
N THR B 613 21.81 11.86 62.18
CA THR B 613 20.77 11.12 61.47
C THR B 613 19.88 12.02 60.62
N THR B 614 19.88 13.32 60.88
CA THR B 614 19.08 14.29 60.15
C THR B 614 19.99 15.37 59.56
N TYR B 615 19.40 16.24 58.74
CA TYR B 615 20.14 17.40 58.25
C TYR B 615 20.55 18.34 59.38
N LYS B 616 19.83 18.32 60.50
CA LYS B 616 20.15 19.12 61.67
C LYS B 616 20.23 20.60 61.35
N ASP C 25 -63.45 22.85 7.15
CA ASP C 25 -64.26 23.79 6.39
C ASP C 25 -63.72 23.95 4.97
N LYS C 26 -62.57 24.61 4.85
CA LYS C 26 -61.96 24.79 3.54
CA LYS C 26 -61.97 24.80 3.54
C LYS C 26 -61.40 23.49 3.00
N VAL C 27 -60.75 22.70 3.84
CA VAL C 27 -60.15 21.43 3.45
C VAL C 27 -60.95 20.31 4.10
N ILE C 28 -61.37 19.35 3.29
CA ILE C 28 -62.13 18.19 3.77
C ILE C 28 -61.22 16.97 3.72
N ASP C 29 -61.01 16.37 4.89
CA ASP C 29 -60.27 15.12 4.97
C ASP C 29 -61.22 13.96 4.70
N VAL C 30 -60.91 13.15 3.68
CA VAL C 30 -61.81 12.07 3.29
C VAL C 30 -61.91 11.00 4.38
N SER C 31 -60.93 10.91 5.26
CA SER C 31 -61.00 9.92 6.35
C SER C 31 -62.07 10.30 7.38
N ASP C 32 -62.42 11.58 7.48
CA ASP C 32 -63.50 11.99 8.37
C ASP C 32 -64.86 11.49 7.91
N PHE C 33 -64.96 10.94 6.70
CA PHE C 33 -66.22 10.42 6.19
C PHE C 33 -66.20 8.90 6.05
N GLY C 34 -65.19 8.23 6.59
CA GLY C 34 -65.14 6.78 6.60
C GLY C 34 -64.19 6.15 5.60
N ALA C 35 -63.44 6.95 4.85
CA ALA C 35 -62.49 6.41 3.88
C ALA C 35 -61.19 6.08 4.61
N ILE C 36 -60.99 4.80 4.91
CA ILE C 36 -59.83 4.34 5.65
C ILE C 36 -58.82 3.77 4.66
N LYS C 37 -57.56 4.16 4.82
CA LYS C 37 -56.51 3.75 3.90
C LYS C 37 -55.96 2.38 4.27
N ASP C 38 -55.40 1.70 3.26
CA ASP C 38 -54.63 0.47 3.44
C ASP C 38 -55.45 -0.66 4.04
N THR C 39 -56.74 -0.71 3.75
CA THR C 39 -57.59 -1.78 4.25
C THR C 39 -58.14 -2.69 3.16
N GLY C 40 -58.14 -2.25 1.90
CA GLY C 40 -58.74 -3.02 0.83
C GLY C 40 -60.25 -2.93 0.74
N SER C 41 -60.90 -2.27 1.69
CA SER C 41 -62.34 -2.09 1.65
C SER C 41 -62.72 -1.04 0.62
N ASP C 42 -64.00 -1.04 0.25
CA ASP C 42 -64.51 -0.06 -0.69
C ASP C 42 -64.61 1.31 -0.05
N SER C 43 -63.97 2.30 -0.66
CA SER C 43 -64.03 3.68 -0.21
C SER C 43 -64.95 4.54 -1.05
N THR C 44 -65.74 3.93 -1.94
CA THR C 44 -66.52 4.70 -2.91
C THR C 44 -67.61 5.52 -2.22
N HIS C 45 -68.37 4.91 -1.31
CA HIS C 45 -69.49 5.63 -0.71
C HIS C 45 -69.00 6.72 0.24
N SER C 46 -67.96 6.43 1.03
CA SER C 46 -67.40 7.46 1.90
C SER C 46 -66.86 8.63 1.09
N LEU C 47 -66.26 8.35 -0.06
CA LEU C 47 -65.81 9.43 -0.94
C LEU C 47 -66.99 10.24 -1.45
N TYR C 48 -68.07 9.56 -1.83
CA TYR C 48 -69.26 10.27 -2.32
C TYR C 48 -69.80 11.23 -1.28
N LYS C 49 -69.90 10.77 -0.03
CA LYS C 49 -70.39 11.63 1.04
C LYS C 49 -69.47 12.83 1.26
N ALA C 50 -68.16 12.60 1.22
CA ALA C 50 -67.21 13.71 1.33
C ALA C 50 -67.34 14.68 0.17
N LEU C 51 -67.66 14.16 -1.02
CA LEU C 51 -67.83 15.03 -2.18
C LEU C 51 -69.06 15.92 -2.04
N GLN C 52 -70.17 15.37 -1.54
CA GLN C 52 -71.37 16.18 -1.39
C GLN C 52 -71.20 17.23 -0.30
N GLU C 53 -70.47 16.90 0.76
CA GLU C 53 -70.20 17.89 1.80
C GLU C 53 -69.35 19.02 1.25
N ALA C 54 -68.40 18.71 0.36
CA ALA C 54 -67.60 19.75 -0.27
C ALA C 54 -68.46 20.70 -1.10
N LYS C 55 -69.46 20.16 -1.80
CA LYS C 55 -70.37 21.02 -2.55
C LYS C 55 -71.30 21.79 -1.62
N LYS C 56 -71.69 21.20 -0.49
CA LYS C 56 -72.64 21.83 0.42
C LYS C 56 -72.06 23.12 1.02
N ILE C 57 -70.81 23.06 1.47
CA ILE C 57 -70.19 24.21 2.12
C ILE C 57 -69.20 24.93 1.21
N GLY C 58 -69.06 24.50 -0.03
CA GLY C 58 -68.11 25.15 -0.93
C GLY C 58 -66.67 24.93 -0.53
N ALA C 59 -66.33 23.75 -0.04
CA ALA C 59 -64.94 23.44 0.29
C ALA C 59 -64.07 23.54 -0.96
N THR C 60 -62.84 24.00 -0.78
CA THR C 60 -61.93 24.21 -1.89
C THR C 60 -60.93 23.09 -2.08
N LYS C 61 -60.83 22.15 -1.14
CA LYS C 61 -59.87 21.06 -1.27
C LYS C 61 -60.36 19.82 -0.54
N ILE C 62 -60.13 18.67 -1.15
CA ILE C 62 -60.33 17.37 -0.51
C ILE C 62 -58.99 16.64 -0.51
N THR C 63 -58.60 16.12 0.65
CA THR C 63 -57.31 15.44 0.80
C THR C 63 -57.53 13.98 1.17
N PHE C 64 -56.64 13.13 0.65
CA PHE C 64 -56.55 11.72 1.03
C PHE C 64 -55.33 11.53 1.91
N PRO C 65 -55.45 11.00 3.12
CA PRO C 65 -54.25 10.54 3.83
C PRO C 65 -53.50 9.51 2.99
N LYS C 66 -52.19 9.69 2.88
CA LYS C 66 -51.39 8.92 1.92
C LYS C 66 -51.51 7.43 2.19
N GLY C 67 -51.98 6.70 1.18
CA GLY C 67 -52.11 5.26 1.31
C GLY C 67 -52.78 4.68 0.08
N ARG C 68 -53.26 3.45 0.22
CA ARG C 68 -53.93 2.74 -0.86
C ARG C 68 -55.43 2.77 -0.63
N TYR C 69 -56.18 3.16 -1.65
CA TYR C 69 -57.64 3.23 -1.60
C TYR C 69 -58.22 2.40 -2.74
N ASP C 70 -59.13 1.50 -2.40
CA ASP C 70 -59.75 0.60 -3.37
C ASP C 70 -61.20 1.00 -3.60
N PHE C 71 -61.61 0.96 -4.86
CA PHE C 71 -62.96 1.35 -5.26
C PHE C 71 -63.59 0.25 -6.10
N TYR C 72 -64.84 -0.07 -5.82
CA TYR C 72 -65.56 -1.17 -6.46
C TYR C 72 -66.79 -0.63 -7.18
N GLU C 73 -67.50 -1.54 -7.87
CA GLU C 73 -68.63 -1.13 -8.70
C GLU C 73 -69.93 -1.03 -7.92
N GLU C 74 -70.05 -1.79 -6.82
CA GLU C 74 -71.36 -2.07 -6.23
C GLU C 74 -72.08 -0.81 -5.75
N ARG C 75 -71.34 0.21 -5.33
CA ARG C 75 -71.94 1.42 -4.78
C ARG C 75 -71.49 2.67 -5.53
N ALA C 76 -71.11 2.52 -6.79
CA ALA C 76 -70.71 3.63 -7.62
C ALA C 76 -71.90 4.21 -8.38
N ALA C 77 -71.90 5.52 -8.56
CA ALA C 77 -72.99 6.18 -9.25
C ALA C 77 -73.02 5.80 -10.73
N ASP C 78 -74.22 5.56 -11.24
CA ASP C 78 -74.42 5.18 -12.63
C ASP C 78 -75.00 6.36 -13.40
N ARG C 79 -74.38 6.67 -14.55
CA ARG C 79 -74.85 7.76 -15.39
C ARG C 79 -74.63 7.38 -16.85
N LEU C 80 -75.54 7.81 -17.71
CA LEU C 80 -75.32 7.69 -19.15
C LEU C 80 -74.26 8.70 -19.58
N MET C 81 -73.36 8.27 -20.47
CA MET C 81 -72.29 9.15 -20.93
C MET C 81 -71.94 8.82 -22.37
N TYR C 82 -71.80 9.85 -23.19
CA TYR C 82 -71.15 9.76 -24.49
C TYR C 82 -69.77 10.39 -24.36
N ILE C 83 -68.73 9.61 -24.66
CA ILE C 83 -67.35 10.05 -24.49
C ILE C 83 -66.67 9.94 -25.86
N SER C 84 -66.33 11.10 -26.44
CA SER C 84 -65.82 11.14 -27.80
C SER C 84 -64.59 10.26 -27.96
N ASN C 85 -64.53 9.54 -29.08
CA ASN C 85 -63.45 8.61 -29.40
C ASN C 85 -63.35 7.48 -28.39
N ASN C 86 -64.40 7.25 -27.61
CA ASN C 86 -64.48 6.14 -26.67
C ASN C 86 -65.89 5.56 -26.74
N ASP C 87 -66.12 4.48 -25.99
CA ASP C 87 -67.39 3.77 -26.07
C ASP C 87 -68.42 4.41 -25.15
N PRO C 88 -69.64 4.68 -25.63
CA PRO C 88 -70.69 5.22 -24.76
C PRO C 88 -71.50 4.12 -24.09
N GLY C 89 -72.25 4.52 -23.07
CA GLY C 89 -73.13 3.62 -22.37
C GLY C 89 -73.24 4.01 -20.91
N ILE C 90 -73.76 3.06 -20.12
CA ILE C 90 -73.85 3.27 -18.68
C ILE C 90 -72.45 3.21 -18.08
N LYS C 91 -72.10 4.24 -17.31
CA LYS C 91 -70.80 4.33 -16.67
C LYS C 91 -70.99 4.36 -15.16
N ARG C 92 -70.25 3.51 -14.46
CA ARG C 92 -70.12 3.59 -13.02
C ARG C 92 -68.91 4.46 -12.71
N ILE C 93 -69.11 5.54 -11.95
CA ILE C 93 -68.12 6.59 -11.78
C ILE C 93 -67.71 6.65 -10.32
N THR C 94 -66.41 6.56 -10.07
CA THR C 94 -65.89 6.66 -8.71
C THR C 94 -65.89 8.10 -8.22
N PHE C 95 -65.41 9.02 -9.06
CA PHE C 95 -65.40 10.45 -8.75
C PHE C 95 -66.38 11.17 -9.67
N PRO C 96 -67.67 11.18 -9.37
CA PRO C 96 -68.64 11.89 -10.25
C PRO C 96 -68.63 13.39 -10.00
N LEU C 97 -67.65 14.07 -10.60
CA LEU C 97 -67.47 15.52 -10.43
C LEU C 97 -68.37 16.25 -11.42
N SER C 98 -69.67 16.17 -11.16
CA SER C 98 -70.67 16.85 -11.97
C SER C 98 -71.07 18.15 -11.28
N SER C 99 -70.88 19.28 -11.99
CA SER C 99 -71.26 20.59 -11.49
C SER C 99 -70.51 20.94 -10.19
N PHE C 100 -69.23 20.61 -10.14
CA PHE C 100 -68.37 21.02 -9.04
C PHE C 100 -67.55 22.23 -9.46
N ASN C 101 -67.19 23.06 -8.49
CA ASN C 101 -66.52 24.31 -8.83
C ASN C 101 -65.51 24.66 -7.75
N ASN C 102 -64.34 25.14 -8.18
CA ASN C 102 -63.29 25.61 -7.28
C ASN C 102 -62.94 24.54 -6.25
N LEU C 103 -62.63 23.34 -6.74
CA LEU C 103 -62.34 22.20 -5.89
C LEU C 103 -61.03 21.56 -6.32
N GLU C 104 -60.16 21.32 -5.36
CA GLU C 104 -58.90 20.62 -5.60
C GLU C 104 -58.93 19.28 -4.87
N ILE C 105 -58.50 18.23 -5.55
CA ILE C 105 -58.39 16.90 -4.95
C ILE C 105 -56.91 16.55 -4.89
N ASP C 106 -56.38 16.49 -3.68
CA ASP C 106 -54.97 16.20 -3.43
C ASP C 106 -54.88 14.82 -2.79
N GLY C 107 -54.32 13.86 -3.52
CA GLY C 107 -54.21 12.51 -2.99
C GLY C 107 -53.02 12.27 -2.07
N ASN C 108 -52.14 13.26 -1.91
CA ASN C 108 -50.94 13.11 -1.10
C ASN C 108 -50.11 11.92 -1.56
N ASN C 109 -50.06 11.72 -2.88
CA ASN C 109 -49.36 10.60 -3.50
C ASN C 109 -49.97 9.26 -3.09
N SER C 110 -51.29 9.22 -2.98
CA SER C 110 -52.00 7.96 -2.74
C SER C 110 -51.98 7.11 -4.00
N THR C 111 -52.40 5.85 -3.84
CA THR C 111 -52.59 4.95 -4.96
C THR C 111 -54.06 4.51 -4.97
N PHE C 112 -54.74 4.78 -6.08
CA PHE C 112 -56.14 4.42 -6.25
C PHE C 112 -56.23 3.17 -7.11
N ILE C 113 -56.88 2.13 -6.58
CA ILE C 113 -57.06 0.87 -7.28
C ILE C 113 -58.55 0.70 -7.56
N PHE C 114 -58.88 0.51 -8.84
CA PHE C 114 -60.27 0.39 -9.27
C PHE C 114 -60.54 -1.03 -9.71
N HIS C 115 -61.60 -1.63 -9.19
CA HIS C 115 -61.92 -3.04 -9.41
C HIS C 115 -63.10 -3.13 -10.38
N GLY C 116 -62.83 -3.68 -11.56
CA GLY C 116 -63.87 -3.91 -12.54
C GLY C 116 -64.10 -2.75 -13.49
N GLY C 117 -65.33 -2.63 -14.00
CA GLY C 117 -65.64 -1.60 -14.97
C GLY C 117 -66.02 -0.27 -14.35
N LEU C 118 -65.02 0.54 -14.03
CA LEU C 118 -65.22 1.84 -13.40
C LEU C 118 -64.54 2.92 -14.21
N VAL C 119 -65.22 4.05 -14.37
CA VAL C 119 -64.59 5.27 -14.87
C VAL C 119 -64.09 6.07 -13.67
N PRO C 120 -62.79 6.17 -13.45
CA PRO C 120 -62.27 6.86 -12.26
C PRO C 120 -62.81 8.27 -12.07
N PHE C 121 -62.65 9.12 -13.08
CA PHE C 121 -63.02 10.53 -12.98
C PHE C 121 -63.87 10.93 -14.17
N ILE C 122 -64.99 11.59 -13.91
CA ILE C 122 -65.79 12.25 -14.92
C ILE C 122 -66.06 13.67 -14.45
N LEU C 123 -65.46 14.64 -15.11
CA LEU C 123 -65.74 16.05 -14.86
C LEU C 123 -66.81 16.49 -15.85
N ASP C 124 -68.01 16.74 -15.35
CA ASP C 124 -69.16 17.09 -16.18
C ASP C 124 -69.66 18.47 -15.78
N GLU C 125 -69.49 19.44 -16.67
CA GLU C 125 -69.94 20.82 -16.45
C GLU C 125 -69.43 21.36 -15.13
N SER C 126 -68.14 21.13 -14.88
CA SER C 126 -67.45 21.62 -13.70
C SER C 126 -66.41 22.66 -14.10
N SER C 127 -65.92 23.42 -13.12
CA SER C 127 -64.99 24.49 -13.41
C SER C 127 -63.96 24.61 -12.29
N HIS C 128 -62.76 25.02 -12.66
CA HIS C 128 -61.65 25.24 -11.73
C HIS C 128 -61.45 24.04 -10.82
N ILE C 129 -61.12 22.91 -11.45
CA ILE C 129 -60.88 21.65 -10.76
C ILE C 129 -59.40 21.32 -10.90
N VAL C 130 -58.78 20.94 -9.80
CA VAL C 130 -57.37 20.56 -9.77
C VAL C 130 -57.27 19.16 -9.17
N LEU C 131 -56.66 18.25 -9.92
CA LEU C 131 -56.37 16.90 -9.45
C LEU C 131 -54.86 16.76 -9.34
N ARG C 132 -54.37 16.37 -8.16
CA ARG C 132 -52.94 16.28 -7.97
C ARG C 132 -52.58 15.13 -7.02
N ASN C 133 -51.42 14.53 -7.30
CA ASN C 133 -50.72 13.65 -6.37
C ASN C 133 -51.50 12.36 -6.07
N PHE C 134 -51.76 11.58 -7.12
CA PHE C 134 -52.25 10.23 -6.92
C PHE C 134 -52.02 9.42 -8.18
N SER C 135 -52.19 8.10 -8.06
CA SER C 135 -52.04 7.18 -9.17
C SER C 135 -53.32 6.39 -9.38
N ILE C 136 -53.60 6.09 -10.64
CA ILE C 136 -54.79 5.36 -11.04
C ILE C 136 -54.36 4.04 -11.68
N ASP C 137 -55.00 2.95 -11.26
CA ASP C 137 -54.73 1.64 -11.83
C ASP C 137 -55.92 0.74 -11.55
N PHE C 138 -56.04 -0.31 -12.36
CA PHE C 138 -57.10 -1.30 -12.22
C PHE C 138 -56.50 -2.62 -11.73
N SER C 139 -57.27 -3.33 -10.91
CA SER C 139 -56.76 -4.56 -10.30
C SER C 139 -56.47 -5.63 -11.35
N ARG C 140 -57.19 -5.59 -12.47
CA ARG C 140 -56.93 -6.49 -13.59
C ARG C 140 -57.04 -5.68 -14.87
N ALA C 141 -55.97 -5.65 -15.66
CA ALA C 141 -55.97 -4.87 -16.89
C ALA C 141 -57.04 -5.36 -17.84
N PHE C 142 -57.57 -4.43 -18.65
CA PHE C 142 -58.55 -4.81 -19.65
C PHE C 142 -57.90 -5.48 -20.86
N HIS C 143 -56.67 -5.11 -21.17
CA HIS C 143 -55.86 -5.87 -22.11
C HIS C 143 -55.19 -7.03 -21.37
N SER C 144 -54.47 -7.87 -22.13
CA SER C 144 -53.74 -8.97 -21.54
C SER C 144 -52.40 -9.13 -22.25
N GLU C 145 -51.43 -9.69 -21.54
CA GLU C 145 -50.08 -9.86 -22.04
C GLU C 145 -49.60 -11.27 -21.75
N ALA C 146 -48.66 -11.75 -22.57
CA ALA C 146 -48.14 -13.09 -22.41
C ALA C 146 -46.71 -13.15 -22.94
N LEU C 147 -45.91 -14.02 -22.33
CA LEU C 147 -44.57 -14.30 -22.82
C LEU C 147 -44.65 -15.30 -23.96
N ILE C 148 -43.99 -14.98 -25.07
CA ILE C 148 -43.96 -15.87 -26.23
C ILE C 148 -42.89 -16.93 -25.99
N ALA C 149 -43.32 -18.17 -25.74
CA ALA C 149 -42.41 -19.27 -25.47
C ALA C 149 -42.17 -20.16 -26.69
N GLY C 150 -42.92 -19.97 -27.76
CA GLY C 150 -42.74 -20.76 -28.96
C GLY C 150 -43.52 -20.18 -30.11
N ALA C 151 -43.14 -20.57 -31.32
CA ALA C 151 -43.77 -20.04 -32.51
C ALA C 151 -43.65 -21.06 -33.64
N GLY C 152 -44.64 -21.06 -34.52
CA GLY C 152 -44.63 -21.91 -35.69
C GLY C 152 -45.71 -21.47 -36.64
N LYS C 153 -45.85 -22.25 -37.73
CA LYS C 153 -46.81 -21.91 -38.77
C LYS C 153 -48.23 -21.86 -38.22
N GLY C 154 -48.78 -20.65 -38.07
CA GLY C 154 -50.16 -20.50 -37.67
C GLY C 154 -50.44 -20.65 -36.20
N TYR C 155 -49.45 -20.46 -35.33
CA TYR C 155 -49.69 -20.56 -33.89
C TYR C 155 -48.58 -19.84 -33.13
N LEU C 156 -48.84 -19.62 -31.85
CA LEU C 156 -47.85 -19.11 -30.90
C LEU C 156 -48.06 -19.82 -29.57
N ASP C 157 -46.95 -20.13 -28.89
CA ASP C 157 -46.99 -20.74 -27.57
C ASP C 157 -46.76 -19.67 -26.52
N LEU C 158 -47.74 -19.47 -25.64
CA LEU C 158 -47.74 -18.35 -24.71
C LEU C 158 -47.75 -18.83 -23.26
N LYS C 159 -47.12 -18.05 -22.38
CA LYS C 159 -47.15 -18.26 -20.94
C LYS C 159 -47.72 -17.01 -20.29
N PHE C 160 -48.83 -17.17 -19.56
CA PHE C 160 -49.52 -16.05 -18.93
C PHE C 160 -49.15 -15.96 -17.46
N THR C 161 -48.83 -14.77 -17.00
CA THR C 161 -48.64 -14.54 -15.58
C THR C 161 -49.98 -14.52 -14.86
N ASP C 162 -49.92 -14.52 -13.52
CA ASP C 162 -51.13 -14.71 -12.73
C ASP C 162 -52.08 -13.52 -12.84
N GLN C 163 -51.56 -12.32 -13.11
CA GLN C 163 -52.42 -11.14 -13.14
C GLN C 163 -53.24 -11.04 -14.42
N PHE C 164 -53.14 -12.01 -15.33
CA PHE C 164 -53.96 -12.06 -16.54
C PHE C 164 -54.71 -13.39 -16.56
N PRO C 165 -55.71 -13.55 -15.70
CA PRO C 165 -56.46 -14.81 -15.68
C PRO C 165 -57.26 -15.01 -16.95
N TYR C 166 -57.42 -16.28 -17.33
CA TYR C 166 -58.06 -16.66 -18.58
C TYR C 166 -58.72 -18.01 -18.41
N LYS C 167 -59.43 -18.45 -19.44
CA LYS C 167 -59.95 -19.80 -19.49
C LYS C 167 -60.17 -20.18 -20.94
N ILE C 168 -60.06 -21.47 -21.23
CA ILE C 168 -60.35 -22.03 -22.54
C ILE C 168 -61.62 -22.87 -22.38
N ASN C 169 -62.72 -22.41 -22.97
CA ASN C 169 -64.00 -23.09 -22.78
C ASN C 169 -64.03 -24.39 -23.58
N GLU C 170 -65.16 -25.09 -23.50
CA GLU C 170 -65.30 -26.37 -24.20
C GLU C 170 -65.25 -26.18 -25.71
N ALA C 171 -65.61 -25.00 -26.20
CA ALA C 171 -65.48 -24.71 -27.62
C ALA C 171 -64.03 -24.52 -28.05
N GLY C 172 -63.08 -24.53 -27.11
CA GLY C 172 -61.69 -24.33 -27.46
C GLY C 172 -61.33 -22.90 -27.79
N ILE C 173 -61.96 -21.93 -27.13
CA ILE C 173 -61.75 -20.52 -27.39
C ILE C 173 -61.10 -19.87 -26.17
N LEU C 174 -60.09 -19.04 -26.41
CA LEU C 174 -59.43 -18.32 -25.33
C LEU C 174 -60.29 -17.13 -24.91
N LYS C 175 -60.68 -17.10 -23.63
CA LYS C 175 -61.48 -16.02 -23.07
C LYS C 175 -60.83 -15.57 -21.78
N PHE C 176 -60.45 -14.29 -21.72
CA PHE C 176 -59.85 -13.75 -20.51
C PHE C 176 -60.92 -13.45 -19.48
N GLN C 177 -60.54 -13.56 -18.21
CA GLN C 177 -61.47 -13.44 -17.10
C GLN C 177 -61.05 -12.32 -16.17
N SER C 178 -62.03 -11.76 -15.45
CA SER C 178 -61.71 -10.83 -14.37
C SER C 178 -60.99 -11.54 -13.23
N GLN C 179 -61.27 -12.83 -13.05
CA GLN C 179 -60.74 -13.63 -11.95
C GLN C 179 -61.11 -15.08 -12.21
N LEU C 180 -60.22 -15.98 -11.82
CA LEU C 180 -60.54 -17.41 -11.84
C LEU C 180 -61.51 -17.73 -10.72
N PHE C 181 -62.52 -18.53 -11.02
CA PHE C 181 -63.54 -18.90 -10.05
C PHE C 181 -62.97 -19.76 -8.93
N ASP C 190 -70.67 -21.62 -6.67
CA ASP C 190 -71.96 -20.94 -6.58
C ASP C 190 -72.43 -20.46 -7.96
N ARG C 191 -73.71 -20.71 -8.24
CA ARG C 191 -74.25 -20.37 -9.57
C ARG C 191 -74.24 -18.88 -9.81
N LEU C 192 -74.54 -18.08 -8.79
CA LEU C 192 -74.61 -16.63 -8.96
C LEU C 192 -73.23 -16.03 -9.20
N LYS C 193 -72.21 -16.52 -8.48
CA LYS C 193 -70.88 -15.96 -8.65
C LYS C 193 -70.31 -16.27 -10.03
N ARG C 194 -70.60 -17.46 -10.56
CA ARG C 194 -70.17 -17.77 -11.91
C ARG C 194 -70.91 -16.94 -12.94
N LYS C 195 -72.14 -16.53 -12.61
CA LYS C 195 -72.93 -15.68 -13.55
C LYS C 195 -72.28 -14.29 -13.63
N GLN C 196 -71.91 -13.71 -12.49
CA GLN C 196 -71.30 -12.39 -12.51
C GLN C 196 -69.92 -12.41 -13.15
N ILE C 197 -69.18 -13.49 -12.93
CA ILE C 197 -67.82 -13.63 -13.54
C ILE C 197 -67.99 -13.76 -15.06
N SER C 198 -69.04 -14.47 -15.48
CA SER C 198 -69.39 -14.68 -16.91
C SER C 198 -69.70 -13.35 -17.58
N GLN C 199 -70.41 -12.46 -16.87
CA GLN C 199 -70.78 -11.12 -17.37
C GLN C 199 -69.53 -10.21 -17.51
N ASP C 200 -68.47 -10.47 -16.75
CA ASP C 200 -67.20 -9.70 -16.84
C ASP C 200 -66.40 -10.03 -18.12
N GLU C 201 -66.66 -11.16 -18.77
CA GLU C 201 -65.87 -11.55 -19.95
C GLU C 201 -65.85 -10.46 -21.00
N TYR C 202 -66.93 -9.69 -21.11
CA TYR C 202 -67.00 -8.63 -22.12
C TYR C 202 -65.91 -7.60 -21.92
N LYS C 203 -65.60 -7.27 -20.66
CA LYS C 203 -64.64 -6.21 -20.36
C LYS C 203 -63.25 -6.54 -20.90
N TYR C 204 -62.94 -7.83 -21.07
CA TYR C 204 -61.59 -8.25 -21.41
C TYR C 204 -61.52 -8.93 -22.77
N GLU C 205 -62.49 -8.63 -23.64
CA GLU C 205 -62.42 -9.11 -25.02
C GLU C 205 -61.28 -8.42 -25.76
N TYR C 206 -60.68 -9.15 -26.68
CA TYR C 206 -59.60 -8.64 -27.52
C TYR C 206 -60.10 -8.53 -28.96
N LYS C 207 -59.23 -7.99 -29.83
CA LYS C 207 -59.60 -7.84 -31.23
C LYS C 207 -58.37 -7.94 -32.13
N ARG C 208 -57.19 -7.75 -31.56
CA ARG C 208 -55.95 -7.84 -32.32
C ARG C 208 -54.81 -8.05 -31.32
N VAL C 209 -53.66 -8.46 -31.85
CA VAL C 209 -52.48 -8.67 -31.04
C VAL C 209 -51.31 -7.87 -31.62
N LEU C 210 -50.38 -7.50 -30.75
CA LEU C 210 -49.20 -6.74 -31.14
C LEU C 210 -48.00 -7.27 -30.37
N GLU C 211 -46.88 -7.44 -31.07
CA GLU C 211 -45.67 -7.99 -30.49
C GLU C 211 -44.80 -6.86 -29.94
N PHE C 212 -44.33 -7.04 -28.71
CA PHE C 212 -43.48 -6.07 -28.03
C PHE C 212 -42.09 -6.62 -27.81
N ASN C 213 -41.07 -5.80 -28.08
CA ASN C 213 -39.69 -6.20 -27.84
C ASN C 213 -39.45 -6.34 -26.34
N PHE C 214 -38.89 -7.49 -25.93
CA PHE C 214 -38.74 -7.76 -24.51
C PHE C 214 -37.76 -6.78 -23.86
N ALA C 215 -36.56 -6.65 -24.43
CA ALA C 215 -35.54 -5.82 -23.81
C ALA C 215 -35.90 -4.34 -23.87
N LEU C 216 -36.42 -3.89 -24.99
CA LEU C 216 -36.70 -2.46 -25.17
C LEU C 216 -38.08 -2.05 -24.65
N ARG C 217 -38.97 -3.01 -24.39
CA ARG C 217 -40.31 -2.73 -23.85
C ARG C 217 -41.06 -1.74 -24.74
N GLU C 218 -40.99 -1.97 -26.05
CA GLU C 218 -41.62 -1.15 -27.07
C GLU C 218 -42.23 -2.08 -28.10
N PRO C 219 -43.13 -1.59 -28.94
CA PRO C 219 -43.60 -2.40 -30.06
C PRO C 219 -42.41 -2.88 -30.89
N GLU C 220 -42.44 -4.18 -31.23
CA GLU C 220 -41.31 -4.79 -31.93
C GLU C 220 -41.06 -4.07 -33.26
N TYR C 221 -39.77 -3.91 -33.59
CA TYR C 221 -39.36 -3.21 -34.80
C TYR C 221 -40.07 -3.75 -36.03
N MET C 222 -40.81 -2.87 -36.70
CA MET C 222 -41.53 -3.14 -37.94
C MET C 222 -42.69 -4.11 -37.76
N ALA C 223 -43.00 -4.52 -36.54
CA ALA C 223 -44.18 -5.34 -36.31
C ALA C 223 -45.44 -4.49 -36.49
N GLN C 224 -46.49 -5.13 -36.99
CA GLN C 224 -47.77 -4.47 -37.21
C GLN C 224 -48.85 -5.16 -36.40
N ASP C 225 -50.00 -4.50 -36.29
CA ASP C 225 -51.16 -5.12 -35.66
C ASP C 225 -51.59 -6.34 -36.46
N ILE C 226 -51.84 -7.44 -35.75
CA ILE C 226 -52.34 -8.67 -36.36
C ILE C 226 -53.79 -8.83 -35.90
N PHE C 227 -54.73 -8.57 -36.80
CA PHE C 227 -56.14 -8.68 -36.45
C PHE C 227 -56.52 -10.14 -36.21
N THR C 228 -57.28 -10.37 -35.14
CA THR C 228 -57.68 -11.72 -34.78
C THR C 228 -59.19 -11.82 -34.57
N GLY C 229 -59.80 -10.74 -34.11
CA GLY C 229 -61.17 -10.81 -33.60
C GLY C 229 -61.16 -11.21 -32.14
N ASN C 230 -62.36 -11.34 -31.59
CA ASN C 230 -62.50 -11.59 -30.16
C ASN C 230 -62.47 -13.07 -29.80
N ALA C 231 -62.18 -13.94 -30.76
CA ALA C 231 -62.25 -15.39 -30.54
C ALA C 231 -61.06 -16.05 -31.20
N LEU C 232 -60.09 -16.47 -30.39
CA LEU C 232 -58.92 -17.20 -30.87
C LEU C 232 -59.01 -18.65 -30.42
N ARG C 233 -58.85 -19.58 -31.37
CA ARG C 233 -58.73 -20.98 -31.00
C ARG C 233 -57.49 -21.17 -30.15
N ALA C 234 -57.63 -21.94 -29.08
CA ALA C 234 -56.55 -22.11 -28.11
C ALA C 234 -56.55 -23.53 -27.58
N GLU C 235 -55.38 -23.95 -27.08
CA GLU C 235 -55.19 -25.29 -26.56
C GLU C 235 -54.11 -25.25 -25.49
N LYS C 236 -54.42 -25.78 -24.31
CA LYS C 236 -53.44 -25.87 -23.24
C LYS C 236 -52.54 -27.07 -23.48
N LEU C 237 -51.24 -26.83 -23.58
CA LEU C 237 -50.28 -27.90 -23.85
C LEU C 237 -49.97 -28.75 -22.64
N ASN C 238 -50.50 -28.39 -21.47
CA ASN C 238 -50.31 -29.09 -20.18
C ASN C 238 -48.98 -29.83 -20.05
N ASP C 241 -49.69 -24.91 -18.20
CA ASP C 241 -48.68 -23.85 -18.27
C ASP C 241 -48.75 -23.09 -19.58
N VAL C 242 -48.33 -23.74 -20.66
CA VAL C 242 -48.23 -23.11 -21.97
C VAL C 242 -49.57 -23.20 -22.68
N VAL C 243 -49.97 -22.09 -23.29
CA VAL C 243 -51.20 -22.01 -24.08
C VAL C 243 -50.82 -21.74 -25.53
N ARG C 244 -51.35 -22.54 -26.44
CA ARG C 244 -51.12 -22.39 -27.87
C ARG C 244 -52.35 -21.76 -28.50
N ILE C 245 -52.19 -20.56 -29.06
CA ILE C 245 -53.25 -19.88 -29.79
C ILE C 245 -53.03 -20.10 -31.27
N PHE C 246 -54.13 -20.18 -32.03
CA PHE C 246 -54.08 -20.52 -33.45
C PHE C 246 -54.67 -19.39 -34.27
N HIS C 247 -53.92 -18.94 -35.28
CA HIS C 247 -54.38 -17.99 -36.28
C HIS C 247 -53.39 -17.97 -37.43
N PRO C 248 -53.87 -18.00 -38.68
CA PRO C 248 -52.95 -18.09 -39.83
C PRO C 248 -52.03 -16.90 -39.99
N ASN C 249 -52.33 -15.76 -39.37
CA ASN C 249 -51.52 -14.56 -39.53
C ASN C 249 -50.61 -14.28 -38.33
N LEU C 250 -50.49 -15.23 -37.40
CA LEU C 250 -49.66 -15.02 -36.23
C LEU C 250 -48.18 -15.10 -36.61
N LYS C 251 -47.42 -14.08 -36.22
CA LYS C 251 -45.99 -14.03 -36.46
C LYS C 251 -45.35 -13.17 -35.39
N ALA C 252 -44.33 -13.72 -34.73
CA ALA C 252 -43.65 -13.02 -33.65
C ALA C 252 -42.37 -13.75 -33.31
N LYS C 253 -41.46 -13.05 -32.63
CA LYS C 253 -40.20 -13.63 -32.19
C LYS C 253 -40.36 -14.27 -30.82
N VAL C 254 -39.75 -15.44 -30.64
CA VAL C 254 -39.76 -16.09 -29.34
C VAL C 254 -38.98 -15.25 -28.34
N GLY C 255 -39.52 -15.13 -27.14
CA GLY C 255 -38.94 -14.32 -26.10
C GLY C 255 -39.55 -12.94 -25.97
N ASN C 256 -40.30 -12.50 -26.98
CA ASN C 256 -40.98 -11.22 -26.91
C ASN C 256 -42.29 -11.34 -26.14
N ILE C 257 -42.94 -10.21 -25.93
CA ILE C 257 -44.22 -10.14 -25.23
C ILE C 257 -45.32 -9.91 -26.24
N LEU C 258 -46.37 -10.73 -26.18
CA LEU C 258 -47.54 -10.57 -27.03
C LEU C 258 -48.63 -9.87 -26.23
N VAL C 259 -49.14 -8.76 -26.77
CA VAL C 259 -50.18 -7.97 -26.10
C VAL C 259 -51.50 -8.21 -26.83
N PHE C 260 -52.53 -8.53 -26.05
CA PHE C 260 -53.88 -8.67 -26.58
C PHE C 260 -54.59 -7.33 -26.43
N GLN C 261 -54.80 -6.65 -27.55
CA GLN C 261 -55.41 -5.32 -27.52
C GLN C 261 -56.86 -5.40 -27.06
N ALA C 262 -57.22 -4.59 -26.07
CA ALA C 262 -58.58 -4.58 -25.56
C ALA C 262 -59.54 -4.12 -26.65
N LYS C 263 -60.65 -4.85 -26.79
CA LYS C 263 -61.60 -4.57 -27.87
C LYS C 263 -62.38 -3.28 -27.64
N HIS C 264 -62.58 -2.90 -26.38
CA HIS C 264 -63.48 -1.81 -26.04
C HIS C 264 -62.74 -0.66 -25.36
N ARG C 265 -63.37 0.51 -25.38
CA ARG C 265 -62.89 1.69 -24.68
C ARG C 265 -63.97 2.18 -23.73
N ASP C 266 -64.34 1.36 -22.75
CA ASP C 266 -65.49 1.66 -21.90
C ASP C 266 -65.14 2.46 -20.66
N TYR C 267 -63.88 2.45 -20.22
CA TYR C 267 -63.50 3.04 -18.93
C TYR C 267 -62.24 3.87 -19.08
N PRO C 268 -62.36 5.08 -19.64
CA PRO C 268 -61.22 6.00 -19.66
C PRO C 268 -60.90 6.49 -18.25
N GLY C 269 -59.65 6.91 -18.09
CA GLY C 269 -59.16 7.32 -16.78
C GLY C 269 -59.81 8.58 -16.25
N VAL C 270 -59.63 9.70 -16.95
CA VAL C 270 -60.16 10.99 -16.56
C VAL C 270 -60.94 11.56 -17.73
N VAL C 271 -62.22 11.82 -17.52
CA VAL C 271 -63.08 12.41 -18.55
C VAL C 271 -63.32 13.88 -18.21
N ILE C 272 -63.02 14.76 -19.14
CA ILE C 272 -63.27 16.19 -18.99
C ILE C 272 -64.31 16.57 -20.03
N SER C 273 -65.53 16.85 -19.56
CA SER C 273 -66.69 17.00 -20.42
C SER C 273 -67.39 18.32 -20.11
N ASP C 274 -67.47 19.19 -21.12
CA ASP C 274 -68.17 20.47 -21.01
C ASP C 274 -67.72 21.27 -19.79
N SER C 275 -66.43 21.21 -19.49
CA SER C 275 -65.88 21.81 -18.29
C SER C 275 -64.87 22.89 -18.67
N ASN C 276 -64.34 23.58 -17.66
CA ASN C 276 -63.36 24.63 -17.96
C ASN C 276 -62.37 24.75 -16.80
N ASN C 277 -61.15 25.16 -17.16
CA ASN C 277 -60.07 25.44 -16.22
C ASN C 277 -59.79 24.22 -15.33
N VAL C 278 -59.31 23.17 -15.99
CA VAL C 278 -59.00 21.90 -15.34
C VAL C 278 -57.50 21.71 -15.38
N GLU C 279 -56.92 21.31 -14.24
CA GLU C 279 -55.49 21.09 -14.14
C GLU C 279 -55.21 19.72 -13.54
N LEU C 280 -54.27 18.99 -14.14
CA LEU C 280 -53.78 17.73 -13.61
C LEU C 280 -52.30 17.90 -13.33
N HIS C 281 -51.90 17.66 -12.07
CA HIS C 281 -50.52 17.81 -11.64
C HIS C 281 -50.08 16.54 -10.93
N ASN C 282 -48.99 15.94 -11.40
CA ASN C 282 -48.41 14.74 -10.78
C ASN C 282 -49.46 13.64 -10.64
N ILE C 283 -50.17 13.37 -11.73
CA ILE C 283 -51.14 12.29 -11.79
C ILE C 283 -50.53 11.14 -12.57
N THR C 284 -50.46 9.96 -11.96
CA THR C 284 -49.96 8.76 -12.61
C THR C 284 -51.14 7.90 -13.05
N ILE C 285 -51.27 7.68 -14.34
CA ILE C 285 -52.31 6.82 -14.89
C ILE C 285 -51.61 5.55 -15.38
N HIS C 286 -51.67 4.49 -14.56
CA HIS C 286 -51.04 3.23 -14.93
C HIS C 286 -51.86 2.46 -15.96
N HIS C 287 -53.16 2.68 -16.01
CA HIS C 287 -54.03 1.89 -16.88
C HIS C 287 -55.37 2.57 -17.00
N ALA C 288 -56.10 2.20 -18.04
CA ALA C 288 -57.46 2.67 -18.29
C ALA C 288 -58.07 1.81 -19.38
N GLY C 289 -59.37 1.58 -19.30
CA GLY C 289 -60.10 0.92 -20.36
C GLY C 289 -60.37 1.89 -21.49
N GLY C 290 -59.32 2.22 -22.24
CA GLY C 290 -59.38 3.25 -23.25
C GLY C 290 -58.33 4.32 -23.00
N MET C 291 -58.73 5.57 -23.16
CA MET C 291 -57.79 6.68 -23.08
C MET C 291 -57.54 7.09 -21.63
N GLY C 292 -56.31 7.54 -21.36
CA GLY C 292 -55.97 8.01 -20.03
C GLY C 292 -56.74 9.26 -19.65
N VAL C 293 -56.65 10.30 -20.49
CA VAL C 293 -57.38 11.54 -20.29
C VAL C 293 -58.07 11.89 -21.60
N ILE C 294 -59.40 11.93 -21.60
CA ILE C 294 -60.18 12.33 -22.75
C ILE C 294 -60.96 13.59 -22.40
N ALA C 295 -60.85 14.61 -23.25
CA ALA C 295 -61.47 15.89 -23.02
C ALA C 295 -62.31 16.27 -24.23
N GLN C 296 -63.55 16.70 -23.98
CA GLN C 296 -64.48 17.09 -25.05
C GLN C 296 -65.16 18.39 -24.67
N ARG C 297 -65.15 19.34 -25.61
CA ARG C 297 -65.91 20.59 -25.49
C ARG C 297 -65.60 21.33 -24.19
N SER C 298 -64.31 21.36 -23.84
CA SER C 298 -63.88 21.96 -22.58
C SER C 298 -62.82 23.03 -22.83
N HIS C 299 -62.71 23.96 -21.89
CA HIS C 299 -61.94 25.19 -22.08
C HIS C 299 -60.84 25.30 -21.05
N ASN C 300 -59.60 25.48 -21.52
CA ASN C 300 -58.42 25.59 -20.66
C ASN C 300 -58.16 24.31 -19.87
N ILE C 301 -57.21 23.50 -20.32
CA ILE C 301 -56.85 22.25 -19.66
C ILE C 301 -55.34 22.15 -19.58
N THR C 302 -54.82 21.85 -18.39
CA THR C 302 -53.38 21.71 -18.18
C THR C 302 -53.08 20.35 -17.58
N ILE C 303 -52.13 19.63 -18.18
CA ILE C 303 -51.61 18.38 -17.65
C ILE C 303 -50.11 18.56 -17.48
N LYS C 304 -49.64 18.50 -16.23
CA LYS C 304 -48.27 18.86 -15.91
C LYS C 304 -47.68 17.84 -14.94
N ASP C 305 -46.40 17.52 -15.14
CA ASP C 305 -45.65 16.65 -14.23
C ASP C 305 -46.34 15.31 -14.02
N SER C 306 -47.14 14.89 -14.99
CA SER C 306 -47.93 13.67 -14.87
C SER C 306 -47.28 12.54 -15.65
N LYS C 307 -47.85 11.34 -15.50
CA LYS C 307 -47.18 10.14 -16.00
C LYS C 307 -48.22 9.12 -16.47
N VAL C 308 -48.03 8.62 -17.69
CA VAL C 308 -48.74 7.44 -18.18
C VAL C 308 -47.68 6.38 -18.40
N SER C 309 -47.72 5.32 -17.58
CA SER C 309 -46.66 4.33 -17.55
C SER C 309 -47.20 3.07 -16.90
N PRO C 310 -46.72 1.89 -17.29
CA PRO C 310 -47.31 0.65 -16.77
C PRO C 310 -47.00 0.46 -15.29
N SER C 311 -47.85 -0.34 -14.65
CA SER C 311 -47.59 -0.79 -13.29
C SER C 311 -46.78 -2.09 -13.34
N LYS C 312 -46.48 -2.64 -12.17
CA LYS C 312 -45.59 -3.79 -12.05
C LYS C 312 -46.14 -4.98 -12.84
N GLY C 313 -45.23 -5.71 -13.49
CA GLY C 313 -45.59 -6.90 -14.24
C GLY C 313 -46.22 -6.65 -15.59
N ARG C 314 -46.34 -5.39 -16.01
CA ARG C 314 -46.97 -5.06 -17.28
C ARG C 314 -46.00 -4.33 -18.19
N ILE C 315 -46.20 -4.51 -19.49
CA ILE C 315 -45.44 -3.79 -20.51
C ILE C 315 -46.26 -2.69 -21.16
N VAL C 316 -47.55 -2.61 -20.89
CA VAL C 316 -48.45 -1.65 -21.53
C VAL C 316 -49.17 -0.86 -20.44
N SER C 317 -49.36 0.44 -20.69
CA SER C 317 -50.10 1.28 -19.75
C SER C 317 -51.58 1.31 -20.10
N THR C 318 -52.07 2.43 -20.65
CA THR C 318 -53.47 2.52 -21.04
C THR C 318 -53.69 1.86 -22.39
N THR C 319 -54.92 1.38 -22.61
CA THR C 319 -55.24 0.63 -23.82
C THR C 319 -55.57 1.52 -25.01
N ALA C 320 -55.55 2.84 -24.84
CA ALA C 320 -55.74 3.77 -25.95
C ALA C 320 -54.90 5.01 -25.68
N ASP C 321 -55.28 6.13 -26.32
CA ASP C 321 -54.48 7.35 -26.28
C ASP C 321 -54.16 7.77 -24.85
N ALA C 322 -52.93 8.25 -24.65
CA ALA C 322 -52.57 8.81 -23.35
C ALA C 322 -53.44 10.03 -23.04
N THR C 323 -53.49 10.99 -23.95
CA THR C 323 -54.34 12.16 -23.82
C THR C 323 -55.04 12.41 -25.15
N HIS C 324 -56.13 13.18 -25.10
CA HIS C 324 -56.97 13.40 -26.27
C HIS C 324 -57.92 14.54 -25.99
N PHE C 325 -58.08 15.43 -26.97
CA PHE C 325 -58.87 16.65 -26.80
C PHE C 325 -59.75 16.85 -28.03
N VAL C 326 -61.06 16.95 -27.82
CA VAL C 326 -62.03 17.06 -28.90
C VAL C 326 -62.80 18.37 -28.72
N ASN C 327 -62.75 19.24 -29.73
CA ASN C 327 -63.49 20.50 -29.73
C ASN C 327 -63.19 21.36 -28.51
N CYS C 328 -61.97 21.29 -27.99
CA CYS C 328 -61.58 22.07 -26.83
C CYS C 328 -60.94 23.40 -27.23
N THR C 329 -61.12 24.39 -26.35
CA THR C 329 -60.72 25.76 -26.62
C THR C 329 -59.79 26.25 -25.50
N GLY C 330 -59.38 27.50 -25.61
CA GLY C 330 -58.49 28.07 -24.61
C GLY C 330 -57.07 27.56 -24.78
N LYS C 331 -56.38 27.38 -23.66
CA LYS C 331 -55.02 26.88 -23.67
C LYS C 331 -54.99 25.41 -23.27
N ILE C 332 -54.39 24.58 -24.12
CA ILE C 332 -54.16 23.17 -23.81
C ILE C 332 -52.67 23.01 -23.56
N LYS C 333 -52.30 22.74 -22.31
CA LYS C 333 -50.91 22.67 -21.90
C LYS C 333 -50.56 21.24 -21.50
N LEU C 334 -49.60 20.66 -22.19
CA LEU C 334 -48.98 19.38 -21.82
C LEU C 334 -47.53 19.72 -21.47
N ILE C 335 -47.23 19.78 -20.17
CA ILE C 335 -45.96 20.30 -19.69
C ILE C 335 -45.27 19.22 -18.85
N ASP C 336 -44.07 18.82 -19.29
CA ASP C 336 -43.15 18.01 -18.48
C ASP C 336 -43.79 16.69 -18.03
N ASN C 337 -44.49 16.02 -18.95
CA ASN C 337 -45.10 14.73 -18.66
C ASN C 337 -44.29 13.60 -19.29
N LEU C 338 -44.56 12.39 -18.81
CA LEU C 338 -44.02 11.17 -19.39
C LEU C 338 -45.18 10.33 -19.89
N PHE C 339 -45.28 10.15 -21.20
CA PHE C 339 -46.33 9.36 -21.83
C PHE C 339 -45.66 8.15 -22.49
N GLU C 340 -45.77 6.99 -21.86
CA GLU C 340 -45.11 5.80 -22.38
C GLU C 340 -46.01 4.58 -22.24
N SER C 341 -45.85 3.65 -23.19
CA SER C 341 -46.34 2.28 -23.16
C SER C 341 -47.83 2.14 -23.46
N GLN C 342 -48.51 3.21 -23.85
CA GLN C 342 -49.93 3.09 -24.15
C GLN C 342 -50.14 2.53 -25.55
N LYS C 343 -51.31 1.94 -25.76
CA LYS C 343 -51.60 1.27 -27.02
C LYS C 343 -52.06 2.22 -28.13
N ASN C 344 -51.71 3.50 -28.06
CA ASN C 344 -52.13 4.45 -29.08
C ASN C 344 -51.30 5.73 -28.95
N ASP C 345 -51.74 6.78 -29.63
CA ASP C 345 -51.00 8.04 -29.69
C ASP C 345 -50.89 8.67 -28.30
N ALA C 346 -49.89 9.54 -28.15
CA ALA C 346 -49.73 10.26 -26.90
C ALA C 346 -50.74 11.40 -26.77
N THR C 347 -51.05 12.07 -27.88
CA THR C 347 -52.07 13.12 -27.83
C THR C 347 -52.66 13.32 -29.23
N ASN C 348 -53.89 13.82 -29.25
CA ASN C 348 -54.59 14.18 -30.47
C ASN C 348 -55.51 15.34 -30.14
N ILE C 349 -55.27 16.49 -30.76
CA ILE C 349 -56.04 17.69 -30.52
C ILE C 349 -56.70 18.07 -31.84
N HIS C 350 -58.02 17.91 -31.90
CA HIS C 350 -58.74 18.03 -33.17
C HIS C 350 -60.16 18.52 -32.92
N GLY C 351 -60.89 18.69 -34.02
CA GLY C 351 -62.30 19.02 -33.96
C GLY C 351 -63.16 17.92 -34.56
N VAL C 352 -64.46 18.17 -34.72
CA VAL C 352 -65.40 17.16 -35.19
C VAL C 352 -65.98 17.61 -36.52
N TYR C 353 -65.88 16.73 -37.52
CA TYR C 353 -66.63 16.88 -38.76
C TYR C 353 -67.93 16.08 -38.63
N ALA C 354 -69.03 16.70 -39.05
CA ALA C 354 -70.32 16.03 -39.10
C ALA C 354 -70.82 16.08 -40.54
N ALA C 355 -71.11 14.91 -41.11
CA ALA C 355 -71.49 14.84 -42.50
C ALA C 355 -72.88 15.42 -42.72
N ILE C 356 -73.05 16.10 -43.85
CA ILE C 356 -74.36 16.62 -44.25
C ILE C 356 -75.16 15.44 -44.81
N ASP C 357 -76.10 14.93 -44.01
CA ASP C 357 -76.86 13.73 -44.37
C ASP C 357 -78.04 14.03 -45.27
N LYS C 358 -78.81 15.08 -44.98
CA LYS C 358 -80.00 15.40 -45.74
C LYS C 358 -80.11 16.90 -45.91
N ILE C 359 -80.44 17.34 -47.12
CA ILE C 359 -80.67 18.74 -47.43
C ILE C 359 -82.17 18.97 -47.40
N ILE C 360 -82.65 19.74 -46.42
CA ILE C 360 -84.09 19.97 -46.28
C ILE C 360 -84.55 21.06 -47.24
N ASP C 361 -83.93 22.25 -47.15
CA ASP C 361 -84.21 23.33 -48.09
C ASP C 361 -82.91 24.10 -48.32
N ASP C 362 -83.03 25.27 -48.93
CA ASP C 362 -81.84 26.06 -49.27
C ASP C 362 -81.13 26.63 -48.05
N LYS C 363 -81.74 26.54 -46.87
CA LYS C 363 -81.12 27.05 -45.64
C LYS C 363 -81.07 26.03 -44.52
N THR C 364 -81.54 24.81 -44.74
CA THR C 364 -81.70 23.82 -43.67
C THR C 364 -81.11 22.50 -44.12
N VAL C 365 -80.25 21.92 -43.27
CA VAL C 365 -79.69 20.60 -43.50
C VAL C 365 -79.82 19.79 -42.20
N GLU C 366 -79.65 18.48 -42.33
CA GLU C 366 -79.55 17.58 -41.20
C GLU C 366 -78.17 16.94 -41.22
N ILE C 367 -77.37 17.23 -40.20
CA ILE C 367 -76.04 16.65 -40.10
C ILE C 367 -76.13 15.34 -39.34
N LYS C 368 -75.16 14.46 -39.57
CA LYS C 368 -75.14 13.15 -38.94
C LYS C 368 -73.74 12.82 -38.48
N LEU C 369 -73.61 12.44 -37.22
CA LEU C 369 -72.35 11.93 -36.71
C LEU C 369 -72.06 10.58 -37.36
N GLN C 370 -70.80 10.37 -37.75
CA GLN C 370 -70.44 9.26 -38.62
C GLN C 370 -69.75 8.12 -37.87
N HIS C 371 -68.63 8.39 -37.22
CA HIS C 371 -67.93 7.33 -36.51
C HIS C 371 -68.73 6.91 -35.28
N PRO C 372 -68.84 5.60 -35.02
CA PRO C 372 -69.68 5.14 -33.90
C PRO C 372 -69.26 5.73 -32.56
N GLN C 373 -67.97 5.97 -32.34
CA GLN C 373 -67.51 6.56 -31.10
C GLN C 373 -67.67 8.08 -31.08
N GLN C 374 -68.28 8.65 -32.11
CA GLN C 374 -68.65 10.06 -32.13
C GLN C 374 -70.12 10.29 -31.80
N PHE C 375 -70.92 9.23 -31.70
CA PHE C 375 -72.35 9.37 -31.43
C PHE C 375 -72.57 10.08 -30.10
N GLY C 376 -73.64 10.88 -30.05
CA GLY C 376 -73.94 11.64 -28.85
C GLY C 376 -73.10 12.88 -28.65
N PHE C 377 -72.33 13.29 -29.65
CA PHE C 377 -71.50 14.49 -29.57
C PHE C 377 -72.32 15.67 -30.07
N ASP C 378 -72.94 16.40 -29.14
CA ASP C 378 -73.73 17.59 -29.47
C ASP C 378 -72.84 18.82 -29.34
N PHE C 379 -72.77 19.62 -30.41
CA PHE C 379 -71.86 20.76 -30.41
C PHE C 379 -72.41 21.93 -31.22
N ILE C 380 -73.44 21.71 -32.03
CA ILE C 380 -74.01 22.75 -32.87
C ILE C 380 -75.13 23.45 -32.11
N ALA C 381 -74.94 24.73 -31.83
CA ALA C 381 -75.87 25.54 -31.05
C ALA C 381 -76.25 26.79 -31.82
N PRO C 382 -77.37 27.43 -31.47
CA PRO C 382 -77.73 28.70 -32.13
C PRO C 382 -76.63 29.74 -31.98
N GLU C 383 -76.45 30.54 -33.03
CA GLU C 383 -75.45 31.59 -33.20
C GLU C 383 -74.05 31.05 -33.41
N ASP C 384 -73.86 29.73 -33.44
CA ASP C 384 -72.55 29.18 -33.75
C ASP C 384 -72.21 29.41 -35.21
N GLU C 385 -70.91 29.39 -35.50
CA GLU C 385 -70.39 29.52 -36.85
C GLU C 385 -69.86 28.18 -37.32
N LEU C 386 -70.25 27.76 -38.52
CA LEU C 386 -69.87 26.47 -39.06
C LEU C 386 -69.16 26.64 -40.39
N GLU C 387 -68.09 25.87 -40.58
CA GLU C 387 -67.50 25.71 -41.90
C GLU C 387 -68.32 24.71 -42.69
N LEU C 388 -68.51 24.98 -43.98
CA LEU C 388 -69.12 24.03 -44.91
C LEU C 388 -68.02 23.56 -45.83
N VAL C 389 -67.62 22.30 -45.66
CA VAL C 389 -66.37 21.78 -46.22
C VAL C 389 -66.68 20.72 -47.26
N HIS C 390 -66.00 20.81 -48.41
CA HIS C 390 -66.05 19.73 -49.39
C HIS C 390 -65.35 18.51 -48.83
N GLY C 391 -66.00 17.35 -48.94
CA GLY C 391 -65.53 16.17 -48.24
C GLY C 391 -64.23 15.60 -48.79
N ALA C 392 -64.18 15.37 -50.10
CA ALA C 392 -63.03 14.70 -50.71
C ALA C 392 -61.80 15.59 -50.78
N SER C 393 -61.95 16.91 -50.62
CA SER C 393 -60.83 17.83 -50.72
C SER C 393 -60.49 18.55 -49.42
N LEU C 394 -61.38 18.54 -48.43
CA LEU C 394 -61.23 19.30 -47.19
C LEU C 394 -61.06 20.80 -47.47
N ILE C 395 -61.59 21.26 -48.60
CA ILE C 395 -61.61 22.68 -48.94
C ILE C 395 -62.92 23.28 -48.46
N THR C 396 -62.82 24.36 -47.69
CA THR C 396 -64.01 25.00 -47.13
C THR C 396 -64.70 25.83 -48.21
N TYR C 397 -65.99 25.55 -48.42
CA TYR C 397 -66.78 26.37 -49.34
C TYR C 397 -67.03 27.74 -48.75
N GLU C 398 -67.49 27.81 -47.51
CA GLU C 398 -67.89 29.05 -46.88
C GLU C 398 -68.08 28.79 -45.39
N THR C 399 -68.27 29.88 -44.64
CA THR C 399 -68.70 29.82 -43.26
C THR C 399 -70.10 30.41 -43.15
N ASN C 400 -70.95 29.76 -42.36
CA ASN C 400 -72.33 30.19 -42.18
C ASN C 400 -72.70 30.07 -40.71
N LYS C 401 -73.58 30.96 -40.27
CA LYS C 401 -73.98 31.01 -38.87
C LYS C 401 -75.28 30.25 -38.66
N VAL C 402 -75.35 29.50 -37.57
CA VAL C 402 -76.53 28.75 -37.19
C VAL C 402 -77.52 29.67 -36.49
N VAL C 403 -78.80 29.54 -36.83
CA VAL C 403 -79.86 30.28 -36.15
C VAL C 403 -80.71 29.36 -35.28
N THR C 404 -80.97 28.13 -35.73
CA THR C 404 -81.62 27.12 -34.91
C THR C 404 -80.95 25.77 -35.13
N SER C 405 -81.05 24.90 -34.12
CA SER C 405 -80.57 23.53 -34.23
C SER C 405 -81.42 22.66 -33.30
N THR C 406 -81.78 21.48 -33.78
CA THR C 406 -82.64 20.57 -33.04
C THR C 406 -82.02 19.18 -33.05
N ARG C 407 -81.74 18.65 -31.87
CA ARG C 407 -81.16 17.32 -31.73
C ARG C 407 -82.24 16.27 -32.00
N VAL C 408 -82.06 15.47 -33.05
CA VAL C 408 -83.02 14.44 -33.40
C VAL C 408 -82.71 13.13 -32.69
N SER C 409 -81.43 12.77 -32.59
CA SER C 409 -81.01 11.51 -31.97
C SER C 409 -79.55 11.66 -31.57
N ASN C 410 -78.92 10.56 -31.16
CA ASN C 410 -77.50 10.62 -30.88
C ASN C 410 -76.65 10.60 -32.14
N GLU C 411 -77.28 10.61 -33.32
CA GLU C 411 -76.58 10.67 -34.60
C GLU C 411 -76.90 11.93 -35.38
N VAL C 412 -78.18 12.27 -35.50
CA VAL C 412 -78.65 13.29 -36.43
C VAL C 412 -79.08 14.53 -35.69
N THR C 413 -78.73 15.69 -36.24
CA THR C 413 -79.16 16.99 -35.73
C THR C 413 -79.55 17.87 -36.91
N ARG C 414 -80.72 18.50 -36.83
CA ARG C 414 -81.17 19.42 -37.87
C ARG C 414 -80.60 20.81 -37.59
N VAL C 415 -80.09 21.46 -38.63
CA VAL C 415 -79.44 22.75 -38.52
C VAL C 415 -80.04 23.70 -39.55
N GLN C 416 -80.40 24.89 -39.11
CA GLN C 416 -80.92 25.94 -39.98
C GLN C 416 -79.95 27.12 -39.98
N PHE C 417 -79.62 27.62 -41.15
CA PHE C 417 -78.64 28.69 -41.30
C PHE C 417 -79.32 30.05 -41.44
N ILE C 418 -78.51 31.10 -41.35
CA ILE C 418 -79.03 32.46 -41.44
C ILE C 418 -79.32 32.85 -42.89
N LYS C 419 -78.56 32.31 -43.83
CA LYS C 419 -78.69 32.63 -45.24
C LYS C 419 -78.59 31.34 -46.03
N PRO C 420 -79.03 31.34 -47.30
CA PRO C 420 -78.87 30.15 -48.14
C PRO C 420 -77.40 29.75 -48.25
N PHE C 421 -77.11 28.51 -47.87
CA PHE C 421 -75.74 28.03 -47.90
C PHE C 421 -75.27 27.85 -49.34
N ASP C 422 -73.97 27.58 -49.48
CA ASP C 422 -73.34 27.50 -50.80
C ASP C 422 -74.04 26.46 -51.67
N SER C 423 -74.43 26.87 -52.88
CA SER C 423 -75.14 26.00 -53.80
C SER C 423 -74.30 24.82 -54.26
N ARG C 424 -72.98 24.85 -54.04
CA ARG C 424 -72.13 23.71 -54.36
C ARG C 424 -72.17 22.62 -53.30
N ILE C 425 -72.78 22.89 -52.14
CA ILE C 425 -72.81 21.92 -51.06
C ILE C 425 -73.72 20.75 -51.44
N LYS C 426 -73.22 19.53 -51.27
CA LYS C 426 -73.97 18.33 -51.55
C LYS C 426 -74.05 17.46 -50.29
N GLU C 427 -74.98 16.51 -50.31
CA GLU C 427 -75.01 15.48 -49.29
C GLU C 427 -73.77 14.62 -49.42
N GLY C 428 -73.08 14.39 -48.30
CA GLY C 428 -71.78 13.78 -48.29
C GLY C 428 -70.67 14.74 -47.91
N ASP C 429 -70.91 16.04 -48.02
CA ASP C 429 -70.00 17.03 -47.45
C ASP C 429 -70.16 17.06 -45.94
N SER C 430 -69.36 17.88 -45.27
CA SER C 430 -69.36 17.92 -43.82
C SER C 430 -69.31 19.35 -43.32
N VAL C 431 -69.67 19.52 -42.05
CA VAL C 431 -69.58 20.81 -41.37
C VAL C 431 -68.69 20.66 -40.16
N SER C 432 -68.10 21.77 -39.74
CA SER C 432 -67.28 21.83 -38.54
C SER C 432 -67.54 23.16 -37.85
N LYS C 433 -67.55 23.13 -36.51
CA LYS C 433 -67.81 24.34 -35.74
C LYS C 433 -66.59 25.24 -35.77
N VAL C 434 -66.77 26.48 -36.23
CA VAL C 434 -65.70 27.48 -36.15
C VAL C 434 -65.53 27.87 -34.69
N ARG C 435 -64.45 27.42 -34.08
CA ARG C 435 -64.17 27.67 -32.67
C ARG C 435 -62.98 28.60 -32.53
N SER C 436 -62.82 29.12 -31.31
CA SER C 436 -61.55 29.73 -30.92
C SER C 436 -60.59 28.59 -30.63
N TYR C 437 -59.98 28.08 -31.71
CA TYR C 437 -59.20 26.86 -31.65
C TYR C 437 -58.14 26.94 -30.56
N ALA C 438 -57.96 25.83 -29.85
CA ALA C 438 -57.13 25.82 -28.66
C ALA C 438 -55.70 26.20 -28.98
N GLU C 439 -55.14 27.10 -28.18
CA GLU C 439 -53.72 27.39 -28.22
C GLU C 439 -52.97 26.24 -27.56
N VAL C 440 -52.17 25.52 -28.34
CA VAL C 440 -51.56 24.26 -27.92
C VAL C 440 -50.13 24.53 -27.48
N ILE C 441 -49.80 24.16 -26.25
CA ILE C 441 -48.48 24.35 -25.68
C ILE C 441 -48.01 23.00 -25.16
N ILE C 442 -47.10 22.35 -25.88
CA ILE C 442 -46.61 21.02 -25.55
C ILE C 442 -45.10 21.14 -25.36
N LYS C 443 -44.65 21.17 -24.11
CA LYS C 443 -43.24 21.40 -23.79
C LYS C 443 -42.77 20.41 -22.73
N GLY C 444 -41.55 19.90 -22.93
CA GLY C 444 -40.87 19.11 -21.91
C GLY C 444 -41.33 17.69 -21.73
N ASN C 445 -42.11 17.15 -22.66
CA ASN C 445 -42.66 15.81 -22.50
C ASN C 445 -41.71 14.75 -23.07
N ILE C 446 -41.89 13.53 -22.59
CA ILE C 446 -41.17 12.35 -23.07
C ILE C 446 -42.21 11.37 -23.60
N ILE C 447 -42.04 10.96 -24.86
CA ILE C 447 -43.04 10.18 -25.57
C ILE C 447 -42.34 9.00 -26.24
N ARG C 448 -42.63 7.80 -25.77
CA ARG C 448 -41.87 6.63 -26.17
C ARG C 448 -42.64 5.35 -25.85
N LYS C 449 -42.21 4.26 -26.47
CA LYS C 449 -42.63 2.90 -26.17
C LYS C 449 -44.11 2.64 -26.41
N ASN C 450 -44.84 3.60 -26.98
CA ASN C 450 -46.27 3.42 -27.20
C ASN C 450 -46.52 2.82 -28.57
N ARG C 451 -47.77 2.39 -28.79
CA ARG C 451 -48.20 1.97 -30.11
C ARG C 451 -48.57 3.19 -30.94
N ALA C 452 -48.34 3.08 -32.25
CA ALA C 452 -48.75 4.07 -33.25
C ALA C 452 -47.95 5.37 -33.15
N ARG C 453 -48.64 6.50 -33.24
CA ARG C 453 -47.99 7.80 -33.46
C ARG C 453 -47.68 8.48 -32.14
N GLY C 454 -46.90 9.57 -32.24
CA GLY C 454 -46.59 10.39 -31.09
C GLY C 454 -47.65 11.44 -30.83
N MET C 455 -47.73 12.44 -31.70
CA MET C 455 -48.71 13.51 -31.58
C MET C 455 -49.47 13.66 -32.90
N LEU C 456 -50.79 13.74 -32.82
CA LEU C 456 -51.61 14.12 -33.95
C LEU C 456 -51.91 15.60 -33.80
N LEU C 457 -51.22 16.42 -34.60
CA LEU C 457 -51.39 17.88 -34.55
C LEU C 457 -52.46 18.28 -35.55
N ASN C 458 -53.71 18.15 -35.10
CA ASN C 458 -54.87 18.62 -35.85
C ASN C 458 -55.41 19.93 -35.28
N SER C 459 -54.52 20.74 -34.71
CA SER C 459 -54.89 21.96 -34.00
C SER C 459 -54.72 23.15 -34.93
N ARG C 460 -55.83 23.82 -35.25
CA ARG C 460 -55.77 24.99 -36.12
C ARG C 460 -55.30 26.23 -35.39
N GLY C 461 -55.38 26.27 -34.06
CA GLY C 461 -54.87 27.37 -33.30
C GLY C 461 -53.36 27.39 -33.25
N LYS C 462 -52.82 28.42 -32.59
CA LYS C 462 -51.38 28.54 -32.42
C LYS C 462 -50.85 27.35 -31.64
N THR C 463 -49.89 26.63 -32.23
CA THR C 463 -49.38 25.39 -31.67
C THR C 463 -47.87 25.50 -31.49
N LEU C 464 -47.40 25.12 -30.30
CA LEU C 464 -45.97 25.13 -29.98
C LEU C 464 -45.57 23.75 -29.50
N ILE C 465 -44.64 23.12 -30.21
CA ILE C 465 -44.04 21.84 -29.82
C ILE C 465 -42.58 22.10 -29.54
N GLU C 466 -42.19 22.09 -28.27
CA GLU C 466 -40.85 22.52 -27.89
C GLU C 466 -40.29 21.59 -26.81
N ASN C 467 -39.03 21.18 -26.99
CA ASN C 467 -38.27 20.46 -25.97
C ASN C 467 -38.94 19.16 -25.58
N ASN C 468 -39.45 18.43 -26.56
CA ASN C 468 -40.04 17.11 -26.33
C ASN C 468 -39.13 16.03 -26.90
N TYR C 469 -39.17 14.86 -26.27
CA TYR C 469 -38.43 13.70 -26.73
C TYR C 469 -39.38 12.72 -27.39
N PHE C 470 -39.01 12.23 -28.56
CA PHE C 470 -39.82 11.29 -29.32
C PHE C 470 -39.02 10.02 -29.59
N HIS C 471 -39.62 8.87 -29.27
CA HIS C 471 -39.14 7.56 -29.74
C HIS C 471 -40.38 6.69 -29.94
N THR C 472 -40.98 6.82 -31.12
CA THR C 472 -42.24 6.17 -31.42
C THR C 472 -42.11 5.27 -32.64
N PRO C 473 -42.83 4.14 -32.67
CA PRO C 473 -42.80 3.29 -33.87
C PRO C 473 -43.52 3.91 -35.04
N GLY C 474 -44.55 4.70 -34.79
CA GLY C 474 -45.21 5.47 -35.83
C GLY C 474 -44.62 6.85 -35.96
N SER C 475 -45.27 7.65 -36.80
CA SER C 475 -44.85 9.04 -36.97
C SER C 475 -44.84 9.77 -35.64
N ALA C 476 -43.72 10.44 -35.34
CA ALA C 476 -43.64 11.23 -34.12
C ALA C 476 -44.67 12.34 -34.13
N ILE C 477 -44.82 13.03 -35.26
CA ILE C 477 -45.82 14.07 -35.44
C ILE C 477 -46.57 13.79 -36.73
N LEU C 478 -47.90 13.84 -36.67
CA LEU C 478 -48.75 13.56 -37.81
C LEU C 478 -49.82 14.61 -37.93
N PHE C 479 -49.93 15.22 -39.11
CA PHE C 479 -51.06 16.08 -39.46
C PHE C 479 -52.07 15.23 -40.22
N GLU C 480 -53.20 14.91 -39.58
CA GLU C 480 -54.17 14.02 -40.20
C GLU C 480 -55.52 14.70 -40.39
N GLY C 481 -56.58 14.10 -39.86
CA GLY C 481 -57.92 14.60 -40.09
C GLY C 481 -58.50 14.10 -41.40
N ASP C 482 -59.82 13.91 -41.45
CA ASP C 482 -60.48 13.49 -42.67
C ASP C 482 -61.97 13.75 -42.52
N ALA C 483 -62.68 13.66 -43.63
CA ALA C 483 -64.14 13.74 -43.66
C ALA C 483 -64.72 12.53 -44.36
N ASN C 484 -64.14 11.34 -44.11
CA ASN C 484 -64.63 10.12 -44.72
C ASN C 484 -64.62 8.90 -43.79
N PHE C 485 -63.90 8.91 -42.67
CA PHE C 485 -63.98 7.80 -41.72
C PHE C 485 -63.90 8.29 -40.29
N TRP C 486 -62.74 8.84 -39.89
CA TRP C 486 -62.60 9.37 -38.54
C TRP C 486 -63.46 10.62 -38.34
N PHE C 487 -63.65 11.40 -39.41
CA PHE C 487 -64.41 12.64 -39.37
C PHE C 487 -63.91 13.56 -38.25
N GLU C 488 -62.60 13.79 -38.26
CA GLU C 488 -61.95 14.68 -37.33
C GLU C 488 -61.43 15.89 -38.08
N GLN C 489 -61.73 17.08 -37.56
CA GLN C 489 -61.33 18.33 -38.20
C GLN C 489 -59.92 18.69 -37.75
N GLY C 490 -59.03 18.89 -38.71
CA GLY C 490 -57.66 19.29 -38.45
C GLY C 490 -57.30 20.52 -39.25
N GLY C 491 -56.10 20.51 -39.81
CA GLY C 491 -55.65 21.61 -40.63
C GLY C 491 -55.01 22.72 -39.82
N VAL C 492 -53.69 22.71 -39.72
CA VAL C 492 -53.00 23.69 -38.88
C VAL C 492 -52.85 25.01 -39.63
N SER C 493 -52.66 26.08 -38.87
CA SER C 493 -52.39 27.39 -39.44
C SER C 493 -51.25 28.14 -38.76
N ASP C 494 -50.67 27.59 -37.69
CA ASP C 494 -49.57 28.27 -36.99
C ASP C 494 -48.93 27.22 -36.07
N VAL C 495 -47.84 26.60 -36.52
CA VAL C 495 -47.18 25.53 -35.80
C VAL C 495 -45.70 25.84 -35.72
N THR C 496 -45.13 25.74 -34.52
CA THR C 496 -43.70 25.87 -34.29
C THR C 496 -43.20 24.60 -33.62
N ILE C 497 -42.28 23.90 -34.28
CA ILE C 497 -41.69 22.67 -33.76
C ILE C 497 -40.20 22.95 -33.56
N LYS C 498 -39.82 23.24 -32.32
CA LYS C 498 -38.47 23.74 -32.05
C LYS C 498 -37.81 22.98 -30.90
N ASN C 499 -36.53 22.67 -31.09
CA ASN C 499 -35.66 22.13 -30.03
C ASN C 499 -36.19 20.82 -29.46
N ASN C 500 -36.78 19.99 -30.32
CA ASN C 500 -37.17 18.64 -29.93
C ASN C 500 -36.09 17.65 -30.32
N VAL C 501 -36.20 16.44 -29.76
CA VAL C 501 -35.30 15.34 -30.09
C VAL C 501 -36.15 14.18 -30.64
N PHE C 502 -35.92 13.83 -31.89
CA PHE C 502 -36.59 12.70 -32.53
C PHE C 502 -35.55 11.59 -32.68
N GLU C 503 -35.57 10.65 -31.73
CA GLU C 503 -34.57 9.58 -31.69
C GLU C 503 -35.18 8.30 -32.23
N ASN C 504 -34.82 7.96 -33.48
CA ASN C 504 -35.19 6.69 -34.09
C ASN C 504 -36.70 6.47 -34.08
N SER C 505 -37.45 7.55 -34.34
CA SER C 505 -38.89 7.44 -34.44
C SER C 505 -39.29 6.93 -35.82
N PHE C 506 -40.56 6.56 -35.95
CA PHE C 506 -41.08 5.92 -37.16
C PHE C 506 -40.24 4.71 -37.53
N TYR C 507 -39.87 3.92 -36.53
CA TYR C 507 -39.13 2.69 -36.81
C TYR C 507 -40.03 1.54 -37.22
N SER C 508 -41.35 1.75 -37.25
CA SER C 508 -42.27 0.77 -37.82
C SER C 508 -43.12 1.43 -38.90
N GLN C 509 -44.41 1.10 -38.97
CA GLN C 509 -45.20 1.42 -40.15
C GLN C 509 -46.47 2.22 -39.84
N TRP C 510 -46.59 2.81 -38.66
CA TRP C 510 -47.77 3.59 -38.30
C TRP C 510 -47.60 5.04 -38.73
N GLY C 511 -47.58 5.25 -40.04
CA GLY C 511 -47.46 6.58 -40.59
C GLY C 511 -46.73 6.55 -41.92
N LYS C 512 -46.17 7.71 -42.29
CA LYS C 512 -45.47 7.87 -43.56
C LYS C 512 -44.14 8.61 -43.38
N GLY C 513 -43.61 8.65 -42.18
CA GLY C 513 -42.37 9.38 -41.91
C GLY C 513 -42.35 9.86 -40.48
N ILE C 514 -41.23 10.48 -40.12
CA ILE C 514 -41.08 11.00 -38.77
C ILE C 514 -42.07 12.13 -38.51
N ILE C 515 -42.12 13.09 -39.43
CA ILE C 515 -43.14 14.13 -39.43
C ILE C 515 -43.84 14.07 -40.78
N ALA C 516 -45.13 13.74 -40.79
CA ALA C 516 -45.81 13.42 -42.03
C ALA C 516 -47.20 14.03 -42.06
N VAL C 517 -47.70 14.23 -43.28
CA VAL C 517 -49.07 14.63 -43.55
C VAL C 517 -49.83 13.40 -44.04
N ASP C 518 -51.05 13.21 -43.55
CA ASP C 518 -51.89 12.12 -44.01
C ASP C 518 -53.36 12.50 -43.92
N ALA C 519 -53.67 13.76 -44.20
CA ALA C 519 -55.06 14.20 -44.19
C ALA C 519 -55.84 13.50 -45.29
N GLY C 520 -57.14 13.31 -45.05
CA GLY C 520 -58.00 12.64 -46.01
C GLY C 520 -58.33 13.48 -47.22
N ILE C 521 -57.31 13.79 -48.03
CA ILE C 521 -57.48 14.57 -49.26
C ILE C 521 -57.23 13.64 -50.43
N ASP C 522 -58.25 13.47 -51.28
CA ASP C 522 -58.11 12.63 -52.46
C ASP C 522 -57.03 13.17 -53.38
N ASP C 523 -56.41 12.26 -54.14
CA ASP C 523 -55.30 12.64 -55.00
C ASP C 523 -55.71 13.70 -56.01
N LYS C 524 -56.95 13.65 -56.49
CA LYS C 524 -57.43 14.62 -57.47
C LYS C 524 -57.50 16.03 -56.91
N PHE C 525 -57.42 16.21 -55.60
CA PHE C 525 -57.57 17.52 -54.98
C PHE C 525 -56.34 17.97 -54.19
N LYS C 526 -55.27 17.18 -54.17
CA LYS C 526 -54.09 17.57 -53.39
C LYS C 526 -53.45 18.84 -53.94
N GLU C 527 -53.48 19.01 -55.27
CA GLU C 527 -52.82 20.17 -55.86
C GLU C 527 -53.56 21.46 -55.55
N THR C 528 -54.88 21.39 -55.34
CA THR C 528 -55.67 22.60 -55.09
C THR C 528 -55.87 22.88 -53.61
N SER C 529 -55.97 21.84 -52.78
CA SER C 529 -56.25 22.05 -51.36
C SER C 529 -54.96 22.32 -50.60
N ARG C 530 -55.04 23.25 -49.64
CA ARG C 530 -53.92 23.58 -48.76
C ARG C 530 -54.45 23.50 -47.33
N TYR C 531 -54.43 22.28 -46.77
CA TYR C 531 -55.04 22.02 -45.48
C TYR C 531 -54.19 22.50 -44.31
N ASN C 532 -52.86 22.44 -44.43
CA ASN C 532 -51.95 22.82 -43.36
C ASN C 532 -51.05 23.95 -43.84
N LYS C 533 -50.87 24.96 -42.99
CA LYS C 533 -50.12 26.16 -43.37
C LYS C 533 -49.30 26.66 -42.20
N ASN C 534 -48.20 27.35 -42.52
CA ASN C 534 -47.39 28.13 -41.57
C ASN C 534 -46.82 27.23 -40.48
N ILE C 535 -45.87 26.40 -40.89
CA ILE C 535 -45.19 25.45 -40.02
C ILE C 535 -43.71 25.76 -40.02
N VAL C 536 -43.11 25.84 -38.82
CA VAL C 536 -41.69 26.10 -38.66
C VAL C 536 -41.10 24.94 -37.86
N ILE C 537 -40.08 24.30 -38.42
CA ILE C 537 -39.39 23.17 -37.79
C ILE C 537 -37.92 23.56 -37.71
N LYS C 538 -37.48 24.05 -36.56
CA LYS C 538 -36.13 24.56 -36.41
C LYS C 538 -35.53 24.10 -35.08
N GLY C 539 -34.21 23.98 -35.05
CA GLY C 539 -33.51 23.67 -33.82
C GLY C 539 -33.71 22.26 -33.30
N ASN C 540 -34.25 21.36 -34.10
CA ASN C 540 -34.50 19.99 -33.66
C ASN C 540 -33.33 19.09 -34.00
N THR C 541 -33.21 17.99 -33.25
CA THR C 541 -32.23 16.95 -33.51
C THR C 541 -32.96 15.70 -33.95
N PHE C 542 -32.69 15.26 -35.18
CA PHE C 542 -33.28 14.06 -35.75
C PHE C 542 -32.23 12.96 -35.77
N LYS C 543 -32.36 11.98 -34.89
CA LYS C 543 -31.50 10.81 -34.86
C LYS C 543 -32.20 9.71 -35.64
N VAL C 544 -31.72 9.44 -36.86
CA VAL C 544 -32.37 8.54 -37.79
C VAL C 544 -31.47 7.34 -38.03
N PHE C 545 -32.08 6.16 -38.20
CA PHE C 545 -31.34 4.93 -38.44
C PHE C 545 -31.33 4.51 -39.90
N ASP C 546 -32.25 5.02 -40.71
CA ASP C 546 -32.21 4.80 -42.15
C ASP C 546 -32.64 6.10 -42.84
N LYS C 547 -33.05 6.00 -44.10
CA LYS C 547 -33.42 7.16 -44.89
C LYS C 547 -34.91 7.23 -45.14
N ALA C 548 -35.70 6.85 -44.13
CA ALA C 548 -37.12 7.09 -44.15
C ALA C 548 -37.38 8.60 -44.11
N PRO C 549 -38.52 9.05 -44.63
CA PRO C 549 -38.76 10.51 -44.71
C PRO C 549 -38.73 11.16 -43.33
N ILE C 550 -37.89 12.19 -43.21
CA ILE C 550 -38.00 13.08 -42.06
C ILE C 550 -39.26 13.93 -42.19
N LEU C 551 -39.53 14.42 -43.39
CA LEU C 551 -40.77 15.11 -43.71
C LEU C 551 -41.44 14.41 -44.88
N ASN C 552 -42.73 14.13 -44.75
CA ASN C 552 -43.56 13.58 -45.82
C ASN C 552 -44.80 14.47 -45.91
N LEU C 553 -44.77 15.46 -46.81
CA LEU C 553 -45.78 16.50 -46.86
C LEU C 553 -46.57 16.45 -48.15
N PHE C 554 -47.84 16.79 -48.05
CA PHE C 554 -48.65 17.11 -49.22
C PHE C 554 -49.71 18.12 -48.83
N SER C 555 -50.05 19.00 -49.78
CA SER C 555 -51.08 20.02 -49.59
C SER C 555 -50.73 20.95 -48.42
N VAL C 556 -49.48 21.41 -48.41
CA VAL C 556 -48.95 22.27 -47.36
C VAL C 556 -48.43 23.56 -47.99
N SER C 557 -48.70 24.69 -47.34
CA SER C 557 -48.20 25.98 -47.76
C SER C 557 -47.37 26.59 -46.63
N ASN C 558 -46.23 27.18 -47.00
CA ASN C 558 -45.36 27.89 -46.07
C ASN C 558 -44.85 27.00 -44.94
N LEU C 559 -43.81 26.21 -45.23
CA LEU C 559 -43.15 25.38 -44.23
C LEU C 559 -41.65 25.61 -44.33
N VAL C 560 -41.01 25.89 -43.20
CA VAL C 560 -39.58 26.15 -43.13
C VAL C 560 -38.92 25.08 -42.27
N PHE C 561 -37.88 24.45 -42.79
CA PHE C 561 -37.11 23.42 -42.10
C PHE C 561 -35.66 23.87 -42.09
N GLU C 562 -35.21 24.42 -40.96
CA GLU C 562 -33.92 25.09 -40.89
C GLU C 562 -33.25 24.83 -39.55
N ASN C 563 -31.91 24.87 -39.56
CA ASN C 563 -31.09 24.74 -38.36
C ASN C 563 -31.47 23.50 -37.55
N ASN C 564 -31.63 22.37 -38.24
CA ASN C 564 -31.85 21.09 -37.59
C ASN C 564 -30.61 20.24 -37.73
N ILE C 565 -30.36 19.42 -36.72
CA ILE C 565 -29.24 18.48 -36.73
C ILE C 565 -29.79 17.10 -37.06
N ILE C 566 -29.28 16.50 -38.13
CA ILE C 566 -29.71 15.18 -38.60
C ILE C 566 -28.54 14.23 -38.43
N GLU C 567 -28.71 13.23 -37.57
CA GLU C 567 -27.63 12.34 -37.15
C GLU C 567 -27.99 10.90 -37.50
N LYS C 568 -27.12 10.25 -38.27
CA LYS C 568 -27.34 8.87 -38.66
C LYS C 568 -26.99 7.93 -37.52
N THR C 569 -27.87 6.97 -37.25
CA THR C 569 -27.66 5.95 -36.24
C THR C 569 -27.75 4.56 -36.89
N THR C 570 -27.49 3.53 -36.09
CA THR C 570 -27.65 2.14 -36.51
C THR C 570 -28.54 1.38 -35.52
N GLU C 571 -29.53 2.07 -34.95
CA GLU C 571 -30.32 1.47 -33.88
C GLU C 571 -31.17 0.31 -34.40
N TYR C 572 -31.68 0.42 -35.61
CA TYR C 572 -32.51 -0.61 -36.23
C TYR C 572 -31.99 -0.89 -37.63
N PRO C 573 -32.26 -2.08 -38.17
CA PRO C 573 -31.88 -2.36 -39.56
C PRO C 573 -32.52 -1.39 -40.52
N GLU C 574 -31.74 -0.96 -41.51
CA GLU C 574 -32.24 -0.02 -42.51
C GLU C 574 -33.26 -0.69 -43.42
N ARG C 575 -34.28 0.06 -43.80
CA ARG C 575 -35.35 -0.43 -44.66
C ARG C 575 -35.07 0.02 -46.09
N LYS C 576 -34.93 -0.94 -47.01
CA LYS C 576 -34.51 -0.64 -48.37
C LYS C 576 -35.55 0.17 -49.14
N LYS C 577 -36.82 0.09 -48.76
CA LYS C 577 -37.86 0.80 -49.50
C LYS C 577 -37.84 2.31 -49.27
N TYR C 578 -36.96 2.81 -48.40
CA TYR C 578 -36.85 4.23 -48.13
C TYR C 578 -35.51 4.75 -48.60
N ASN C 579 -35.53 5.83 -49.38
CA ASN C 579 -34.30 6.46 -49.87
C ASN C 579 -34.46 7.96 -50.03
N SER C 580 -35.27 8.59 -49.18
CA SER C 580 -35.52 10.03 -49.29
C SER C 580 -35.94 10.56 -47.93
N LEU C 581 -35.14 11.48 -47.39
CA LEU C 581 -35.48 12.10 -46.11
C LEU C 581 -36.55 13.18 -46.24
N PHE C 582 -36.88 13.60 -47.45
CA PHE C 582 -37.86 14.67 -47.67
C PHE C 582 -38.70 14.31 -48.88
N VAL C 583 -39.96 13.95 -48.65
CA VAL C 583 -40.91 13.64 -49.71
C VAL C 583 -42.00 14.71 -49.68
N ILE C 584 -42.09 15.48 -50.77
CA ILE C 584 -42.98 16.62 -50.85
C ILE C 584 -43.77 16.53 -52.15
N ASN C 585 -45.10 16.63 -52.04
CA ASN C 585 -45.99 16.62 -53.19
C ASN C 585 -47.05 17.70 -53.01
N ASN C 586 -47.44 18.34 -54.12
CA ASN C 586 -48.59 19.23 -54.16
C ASN C 586 -48.55 20.27 -53.05
N SER C 587 -47.39 20.90 -52.90
CA SER C 587 -47.18 21.91 -51.86
C SER C 587 -46.49 23.12 -52.46
N ASP C 588 -46.52 24.24 -51.72
CA ASP C 588 -45.92 25.48 -52.18
C ASP C 588 -45.21 26.16 -51.03
N ASN C 589 -44.15 26.91 -51.38
CA ASN C 589 -43.36 27.67 -50.40
C ASN C 589 -42.80 26.76 -49.30
N ILE C 590 -42.16 25.68 -49.71
CA ILE C 590 -41.51 24.74 -48.80
C ILE C 590 -40.02 24.99 -48.85
N THR C 591 -39.42 25.30 -47.70
CA THR C 591 -38.01 25.64 -47.61
C THR C 591 -37.29 24.56 -46.80
N ILE C 592 -36.51 23.73 -47.48
CA ILE C 592 -35.57 22.82 -46.84
C ILE C 592 -34.22 23.55 -46.88
N SER C 593 -33.95 24.32 -45.83
CA SER C 593 -32.82 25.24 -45.85
C SER C 593 -31.49 24.49 -45.89
N ILE C 594 -30.48 25.18 -46.44
CA ILE C 594 -29.14 24.59 -46.52
C ILE C 594 -28.37 24.65 -45.23
N ASN C 595 -28.86 25.41 -44.24
CA ASN C 595 -28.16 25.52 -42.96
C ASN C 595 -28.39 24.32 -42.05
N ASN C 596 -29.10 23.30 -42.52
CA ASN C 596 -29.28 22.09 -41.72
C ASN C 596 -27.99 21.27 -41.71
N ILE C 597 -27.71 20.65 -40.57
CA ILE C 597 -26.46 19.95 -40.35
C ILE C 597 -26.73 18.45 -40.42
N LEU C 598 -25.87 17.72 -41.13
CA LEU C 598 -25.98 16.27 -41.25
C LEU C 598 -24.68 15.64 -40.77
N GLN C 599 -24.81 14.64 -39.90
CA GLN C 599 -23.66 13.97 -39.28
C GLN C 599 -23.80 12.47 -39.45
N GLY C 600 -22.70 11.82 -39.84
CA GLY C 600 -22.66 10.38 -39.90
C GLY C 600 -23.14 9.75 -41.19
N PHE C 601 -23.43 10.54 -42.22
CA PHE C 601 -23.89 10.02 -43.49
C PHE C 601 -22.75 9.92 -44.49
N SER C 602 -22.82 8.91 -45.36
CA SER C 602 -21.83 8.73 -46.40
C SER C 602 -22.14 9.56 -47.65
N GLU C 603 -23.35 10.08 -47.77
CA GLU C 603 -23.72 10.94 -48.88
C GLU C 603 -23.64 12.41 -48.46
N GLY C 604 -23.46 13.27 -49.46
CA GLY C 604 -23.43 14.70 -49.19
C GLY C 604 -24.79 15.27 -48.90
N LYS C 605 -24.79 16.40 -48.18
CA LYS C 605 -26.06 17.00 -47.77
C LYS C 605 -26.81 17.64 -48.93
N SER C 606 -26.13 17.93 -50.05
CA SER C 606 -26.84 18.42 -51.22
C SER C 606 -27.73 17.35 -51.81
N GLN C 607 -27.35 16.07 -51.69
CA GLN C 607 -28.21 14.98 -52.11
C GLN C 607 -29.26 14.66 -51.05
N LEU C 608 -28.88 14.73 -49.77
CA LEU C 608 -29.79 14.30 -48.71
C LEU C 608 -30.88 15.32 -48.44
N LEU C 609 -30.60 16.60 -48.63
CA LEU C 609 -31.59 17.65 -48.42
C LEU C 609 -32.43 17.93 -49.65
N SER C 610 -32.22 17.20 -50.74
CA SER C 610 -32.97 17.42 -51.98
C SER C 610 -34.27 16.62 -51.92
N PRO C 611 -35.44 17.27 -51.94
CA PRO C 611 -36.70 16.55 -51.80
C PRO C 611 -37.06 15.78 -53.06
N THR C 612 -37.87 14.74 -52.86
CA THR C 612 -38.37 13.90 -53.95
C THR C 612 -39.89 13.81 -53.83
N THR C 613 -40.50 13.10 -54.78
CA THR C 613 -41.94 12.85 -54.77
C THR C 613 -42.30 11.45 -54.32
N THR C 614 -41.33 10.53 -54.26
CA THR C 614 -41.56 9.15 -53.86
C THR C 614 -40.59 8.77 -52.74
N TYR C 615 -40.83 7.59 -52.16
CA TYR C 615 -39.95 7.10 -51.10
C TYR C 615 -38.56 6.78 -51.65
N LYS C 616 -38.50 6.19 -52.84
CA LYS C 616 -37.25 5.66 -53.37
C LYS C 616 -37.02 6.09 -54.81
N ASP D 25 39.20 -13.14 28.08
CA ASP D 25 38.62 -11.94 27.49
C ASP D 25 38.82 -11.91 25.98
N LYS D 26 39.83 -11.18 25.53
CA LYS D 26 40.11 -11.06 24.10
C LYS D 26 40.71 -12.33 23.52
N VAL D 27 41.26 -13.20 24.35
CA VAL D 27 41.85 -14.47 23.91
C VAL D 27 41.08 -15.60 24.59
N ILE D 28 40.52 -16.50 23.78
CA ILE D 28 39.68 -17.58 24.27
C ILE D 28 40.44 -18.90 24.13
N ASP D 29 40.51 -19.64 25.23
CA ASP D 29 41.14 -20.96 25.25
C ASP D 29 40.08 -22.03 25.05
N VAL D 30 40.29 -22.91 24.07
CA VAL D 30 39.29 -23.93 23.77
C VAL D 30 39.13 -24.91 24.92
N SER D 31 40.19 -25.13 25.72
CA SER D 31 40.08 -26.05 26.84
C SER D 31 39.08 -25.56 27.87
N ASP D 32 38.90 -24.24 27.98
CA ASP D 32 37.88 -23.69 28.87
C ASP D 32 36.48 -24.09 28.45
N PHE D 33 36.31 -24.56 27.22
CA PHE D 33 35.00 -24.97 26.71
C PHE D 33 34.88 -26.47 26.53
N GLY D 34 35.80 -27.25 27.09
CA GLY D 34 35.69 -28.70 27.10
C GLY D 34 36.59 -29.43 26.12
N ALA D 35 37.25 -28.71 25.22
CA ALA D 35 38.14 -29.35 24.25
C ALA D 35 39.40 -29.81 24.97
N ILE D 36 39.57 -31.13 25.08
CA ILE D 36 40.70 -31.72 25.80
C ILE D 36 41.65 -32.34 24.79
N LYS D 37 42.93 -31.96 24.88
CA LYS D 37 43.94 -32.44 23.97
C LYS D 37 44.33 -33.88 24.28
N ASP D 38 44.81 -34.58 23.25
CA ASP D 38 45.47 -35.88 23.40
C ASP D 38 44.58 -36.94 24.03
N THR D 39 43.27 -36.90 23.75
CA THR D 39 42.36 -37.92 24.24
C THR D 39 41.73 -38.76 23.14
N GLY D 40 41.78 -38.32 21.89
CA GLY D 40 41.11 -39.01 20.82
C GLY D 40 39.61 -38.79 20.76
N SER D 41 39.05 -38.08 21.73
CA SER D 41 37.61 -37.80 21.75
C SER D 41 37.30 -36.65 20.80
N ASP D 42 36.01 -36.49 20.51
CA ASP D 42 35.55 -35.45 19.59
C ASP D 42 35.58 -34.09 20.29
N SER D 43 36.28 -33.12 19.68
CA SER D 43 36.32 -31.75 20.17
C SER D 43 35.46 -30.81 19.35
N THR D 44 34.57 -31.34 18.51
CA THR D 44 33.81 -30.51 17.58
C THR D 44 32.85 -29.57 18.32
N HIS D 45 32.05 -30.11 19.23
CA HIS D 45 31.04 -29.29 19.89
C HIS D 45 31.69 -28.28 20.84
N SER D 46 32.73 -28.69 21.56
CA SER D 46 33.45 -27.76 22.42
C SER D 46 34.03 -26.61 21.61
N LEU D 47 34.58 -26.90 20.43
CA LEU D 47 35.10 -25.85 19.57
C LEU D 47 34.00 -24.92 19.10
N TYR D 48 32.84 -25.48 18.74
CA TYR D 48 31.73 -24.66 18.28
C TYR D 48 31.29 -23.66 19.35
N LYS D 49 31.21 -24.11 20.60
CA LYS D 49 30.81 -23.20 21.68
C LYS D 49 31.85 -22.12 21.90
N ALA D 50 33.14 -22.45 21.76
CA ALA D 50 34.18 -21.44 21.87
C ALA D 50 34.10 -20.44 20.73
N LEU D 51 33.70 -20.89 19.53
CA LEU D 51 33.58 -19.98 18.40
C LEU D 51 32.42 -19.01 18.61
N GLN D 52 31.27 -19.51 19.06
CA GLN D 52 30.13 -18.63 19.29
C GLN D 52 30.40 -17.64 20.40
N GLU D 53 31.20 -18.02 21.40
CA GLU D 53 31.55 -17.09 22.47
C GLU D 53 32.48 -15.99 21.95
N ALA D 54 33.41 -16.35 21.06
CA ALA D 54 34.29 -15.35 20.48
C ALA D 54 33.51 -14.34 19.66
N LYS D 55 32.53 -14.81 18.89
CA LYS D 55 31.68 -13.91 18.12
C LYS D 55 30.80 -13.07 19.03
N LYS D 56 30.26 -13.67 20.10
CA LYS D 56 29.38 -12.95 20.99
C LYS D 56 30.10 -11.81 21.71
N ILE D 57 31.32 -12.07 22.17
CA ILE D 57 32.07 -11.08 22.95
C ILE D 57 33.05 -10.28 22.11
N GLY D 58 33.22 -10.63 20.84
CA GLY D 58 34.16 -9.91 20.00
C GLY D 58 35.61 -10.21 20.29
N ALA D 59 35.92 -11.42 20.72
CA ALA D 59 37.31 -11.80 20.97
C ALA D 59 38.12 -11.78 19.68
N THR D 60 39.40 -11.50 19.81
CA THR D 60 40.29 -11.38 18.66
C THR D 60 41.14 -12.62 18.41
N LYS D 61 41.13 -13.59 19.33
CA LYS D 61 41.97 -14.76 19.18
C LYS D 61 41.36 -15.96 19.90
N ILE D 62 41.49 -17.12 19.29
CA ILE D 62 41.18 -18.41 19.91
C ILE D 62 42.45 -19.26 19.85
N THR D 63 42.85 -19.81 21.00
CA THR D 63 44.07 -20.59 21.09
C THR D 63 43.76 -22.03 21.47
N PHE D 64 44.58 -22.94 20.93
CA PHE D 64 44.54 -24.35 21.29
C PHE D 64 45.77 -24.70 22.12
N PRO D 65 45.60 -25.30 23.29
CA PRO D 65 46.77 -25.90 23.96
C PRO D 65 47.40 -26.95 23.05
N LYS D 66 48.72 -26.86 22.91
CA LYS D 66 49.44 -27.71 21.95
C LYS D 66 49.18 -29.18 22.23
N GLY D 67 48.68 -29.89 21.22
CA GLY D 67 48.38 -31.30 21.36
C GLY D 67 47.63 -31.80 20.15
N ARG D 68 47.10 -33.01 20.28
CA ARG D 68 46.32 -33.63 19.22
C ARG D 68 44.84 -33.45 19.51
N TYR D 69 44.10 -33.00 18.50
CA TYR D 69 42.65 -32.83 18.59
C TYR D 69 42.00 -33.61 17.46
N ASP D 70 40.97 -34.38 17.80
CA ASP D 70 40.25 -35.20 16.83
C ASP D 70 38.85 -34.65 16.64
N PHE D 71 38.38 -34.65 15.40
CA PHE D 71 37.07 -34.13 15.04
C PHE D 71 36.32 -35.16 14.20
N TYR D 72 35.04 -35.36 14.53
CA TYR D 72 34.22 -36.39 13.91
C TYR D 72 33.02 -35.75 13.22
N GLU D 73 32.24 -36.60 12.52
CA GLU D 73 31.12 -36.11 11.73
C GLU D 73 29.87 -35.86 12.56
N GLU D 74 29.70 -36.61 13.65
CA GLU D 74 28.38 -36.76 14.28
C GLU D 74 27.81 -35.43 14.77
N ARG D 75 28.67 -34.51 15.21
CA ARG D 75 28.21 -33.26 15.80
C ARG D 75 28.73 -32.04 15.04
N ALA D 76 29.03 -32.21 13.76
CA ALA D 76 29.53 -31.11 12.93
C ALA D 76 28.37 -30.43 12.22
N ALA D 77 28.41 -29.10 12.16
CA ALA D 77 27.34 -28.34 11.54
C ALA D 77 27.25 -28.67 10.05
N ASP D 78 26.02 -28.82 9.57
CA ASP D 78 25.75 -29.18 8.18
C ASP D 78 25.24 -27.96 7.42
N ARG D 79 25.80 -27.72 6.24
CA ARG D 79 25.40 -26.62 5.39
C ARG D 79 25.48 -27.05 3.94
N LEU D 80 24.62 -26.46 3.10
CA LEU D 80 24.76 -26.58 1.66
C LEU D 80 25.86 -25.65 1.17
N MET D 81 26.71 -26.15 0.27
CA MET D 81 27.82 -25.38 -0.24
C MET D 81 28.07 -25.68 -1.71
N TYR D 82 28.30 -24.63 -2.47
CA TYR D 82 28.84 -24.72 -3.84
C TYR D 82 30.28 -24.23 -3.79
N ILE D 83 31.22 -25.11 -4.11
CA ILE D 83 32.65 -24.83 -4.01
C ILE D 83 33.24 -25.00 -5.40
N SER D 84 33.61 -23.89 -6.03
CA SER D 84 34.04 -23.92 -7.42
C SER D 84 35.25 -24.81 -7.61
N ASN D 85 35.25 -25.56 -8.72
CA ASN D 85 36.28 -26.54 -9.06
C ASN D 85 36.35 -27.68 -8.03
N ASN D 86 35.32 -27.81 -7.20
CA ASN D 86 35.18 -28.92 -6.27
C ASN D 86 33.73 -29.38 -6.29
N ASP D 87 33.42 -30.42 -5.52
CA ASP D 87 32.09 -31.03 -5.59
C ASP D 87 31.13 -30.35 -4.63
N PRO D 88 29.94 -29.96 -5.07
CA PRO D 88 28.96 -29.34 -4.19
C PRO D 88 28.09 -30.38 -3.48
N GLY D 89 27.41 -29.92 -2.44
CA GLY D 89 26.47 -30.76 -1.73
C GLY D 89 26.44 -30.40 -0.25
N ILE D 90 25.90 -31.33 0.53
CA ILE D 90 25.87 -31.15 1.98
C ILE D 90 27.25 -31.35 2.55
N LYS D 91 27.73 -30.36 3.31
CA LYS D 91 29.05 -30.41 3.92
C LYS D 91 28.90 -30.41 5.44
N ARG D 92 29.71 -31.25 6.09
CA ARG D 92 29.88 -31.20 7.54
C ARG D 92 31.18 -30.45 7.81
N ILE D 93 31.09 -29.36 8.58
CA ILE D 93 32.17 -28.40 8.72
C ILE D 93 32.61 -28.35 10.17
N THR D 94 33.90 -28.62 10.41
CA THR D 94 34.43 -28.58 11.76
C THR D 94 34.58 -27.13 12.25
N PHE D 95 35.10 -26.25 11.40
CA PHE D 95 35.20 -24.83 11.71
C PHE D 95 34.24 -24.05 10.83
N PRO D 96 32.96 -23.95 11.20
CA PRO D 96 32.01 -23.18 10.36
C PRO D 96 32.13 -21.68 10.60
N LEU D 97 33.10 -21.07 9.93
CA LEU D 97 33.40 -19.65 10.12
C LEU D 97 32.50 -18.81 9.21
N SER D 98 31.23 -18.75 9.59
CA SER D 98 30.22 -17.96 8.91
C SER D 98 30.05 -16.62 9.62
N SER D 99 30.33 -15.54 8.90
CA SER D 99 30.13 -14.18 9.40
C SER D 99 30.96 -13.92 10.66
N PHE D 100 32.19 -14.42 10.67
CA PHE D 100 33.15 -14.09 11.71
C PHE D 100 34.03 -12.95 11.25
N ASN D 101 34.52 -12.16 12.21
CA ASN D 101 35.24 -10.95 11.88
C ASN D 101 36.35 -10.72 12.90
N ASN D 102 37.53 -10.33 12.40
CA ASN D 102 38.65 -9.93 13.24
C ASN D 102 39.00 -11.01 14.26
N LEU D 103 39.18 -12.24 13.77
CA LEU D 103 39.41 -13.39 14.62
C LEU D 103 40.66 -14.12 14.15
N GLU D 104 41.54 -14.44 15.09
CA GLU D 104 42.71 -15.26 14.83
C GLU D 104 42.54 -16.60 15.54
N ILE D 105 42.91 -17.68 14.86
CA ILE D 105 42.90 -19.02 15.43
C ILE D 105 44.34 -19.52 15.43
N ASP D 106 44.94 -19.56 16.61
CA ASP D 106 46.32 -20.00 16.79
C ASP D 106 46.29 -21.38 17.43
N GLY D 107 46.69 -22.39 16.66
CA GLY D 107 46.69 -23.74 17.17
C GLY D 107 47.91 -24.12 18.00
N ASN D 108 48.90 -23.24 18.08
CA ASN D 108 50.14 -23.51 18.82
C ASN D 108 50.80 -24.80 18.34
N ASN D 109 50.79 -25.00 17.01
CA ASN D 109 51.38 -26.17 16.38
C ASN D 109 50.70 -27.45 16.85
N SER D 110 49.39 -27.38 17.09
CA SER D 110 48.62 -28.57 17.39
C SER D 110 48.41 -29.40 16.13
N THR D 111 47.96 -30.63 16.33
CA THR D 111 47.64 -31.55 15.25
C THR D 111 46.13 -31.78 15.22
N PHE D 112 45.51 -31.50 14.08
CA PHE D 112 44.08 -31.69 13.89
C PHE D 112 43.85 -32.90 13.01
N ILE D 113 43.13 -33.89 13.53
CA ILE D 113 42.82 -35.12 12.82
C ILE D 113 41.32 -35.17 12.59
N PHE D 114 40.91 -35.26 11.33
CA PHE D 114 39.51 -35.27 10.95
C PHE D 114 39.12 -36.67 10.51
N HIS D 115 38.01 -37.17 11.06
CA HIS D 115 37.58 -38.55 10.86
C HIS D 115 36.37 -38.56 9.93
N GLY D 116 36.57 -39.08 8.71
CA GLY D 116 35.48 -39.24 7.77
C GLY D 116 35.33 -38.07 6.81
N GLY D 117 34.10 -37.81 6.39
CA GLY D 117 33.82 -36.77 5.44
C GLY D 117 33.55 -35.42 6.07
N LEU D 118 34.62 -34.68 6.36
CA LEU D 118 34.52 -33.37 7.00
C LEU D 118 35.28 -32.35 6.16
N VAL D 119 34.72 -31.15 6.05
CA VAL D 119 35.45 -29.98 5.56
C VAL D 119 36.03 -29.27 6.78
N PRO D 120 37.36 -29.22 6.93
CA PRO D 120 37.92 -28.60 8.15
C PRO D 120 37.51 -27.15 8.35
N PHE D 121 37.73 -26.30 7.35
CA PHE D 121 37.47 -24.87 7.47
C PHE D 121 36.64 -24.41 6.29
N ILE D 122 35.57 -23.66 6.56
CA ILE D 122 34.83 -22.93 5.55
C ILE D 122 34.66 -21.50 6.05
N LEU D 123 35.27 -20.56 5.36
CA LEU D 123 35.12 -19.13 5.66
C LEU D 123 34.06 -18.58 4.71
N ASP D 124 32.92 -18.20 5.27
CA ASP D 124 31.77 -17.73 4.50
C ASP D 124 31.37 -16.35 4.99
N GLU D 125 31.51 -15.35 4.13
CA GLU D 125 31.19 -13.96 4.47
C GLU D 125 31.91 -13.52 5.74
N SER D 126 33.18 -13.92 5.86
CA SER D 126 34.00 -13.56 6.99
C SER D 126 35.01 -12.49 6.58
N SER D 127 35.65 -11.89 7.58
CA SER D 127 36.55 -10.77 7.34
C SER D 127 37.65 -10.73 8.39
N HIS D 128 38.88 -10.50 7.94
CA HIS D 128 40.05 -10.37 8.81
C HIS D 128 40.21 -11.61 9.69
N ILE D 129 40.40 -12.75 9.02
CA ILE D 129 40.59 -14.04 9.69
C ILE D 129 42.03 -14.46 9.51
N VAL D 130 42.67 -14.87 10.60
CA VAL D 130 44.03 -15.39 10.58
C VAL D 130 44.02 -16.80 11.17
N LEU D 131 44.57 -17.75 10.43
CA LEU D 131 44.74 -19.12 10.89
C LEU D 131 46.23 -19.41 10.94
N ARG D 132 46.72 -19.87 12.10
CA ARG D 132 48.15 -20.10 12.22
C ARG D 132 48.44 -21.26 13.16
N ASN D 133 49.52 -21.99 12.84
CA ASN D 133 50.17 -22.94 13.74
C ASN D 133 49.29 -24.16 14.03
N PHE D 134 48.95 -24.91 12.98
CA PHE D 134 48.37 -26.23 13.17
C PHE D 134 48.47 -27.02 11.88
N SER D 135 48.25 -28.33 12.00
CA SER D 135 48.27 -29.25 10.87
C SER D 135 46.89 -29.87 10.68
N ILE D 136 46.58 -30.20 9.43
CA ILE D 136 45.30 -30.79 9.06
C ILE D 136 45.58 -32.13 8.39
N ASP D 137 44.86 -33.17 8.81
CA ASP D 137 44.99 -34.48 8.20
C ASP D 137 43.73 -35.29 8.51
N PHE D 138 43.51 -36.31 7.70
CA PHE D 138 42.39 -37.22 7.86
C PHE D 138 42.91 -38.59 8.30
N SER D 139 42.10 -39.28 9.12
CA SER D 139 42.51 -40.57 9.66
C SER D 139 42.69 -41.61 8.55
N ARG D 140 41.91 -41.51 7.48
CA ARG D 140 42.08 -42.35 6.31
C ARG D 140 42.05 -41.46 5.07
N ALA D 141 43.06 -41.59 4.23
CA ALA D 141 43.13 -40.79 3.01
C ALA D 141 42.01 -41.17 2.06
N PHE D 142 41.51 -40.16 1.34
CA PHE D 142 40.46 -40.43 0.36
C PHE D 142 41.03 -41.12 -0.88
N HIS D 143 42.30 -40.87 -1.20
CA HIS D 143 43.01 -41.66 -2.19
C HIS D 143 43.59 -42.90 -1.51
N SER D 144 44.24 -43.74 -2.30
CA SER D 144 44.91 -44.93 -1.77
C SER D 144 46.21 -45.14 -2.52
N GLU D 145 47.15 -45.81 -1.85
CA GLU D 145 48.48 -46.06 -2.39
C GLU D 145 48.85 -47.52 -2.17
N ALA D 146 49.69 -48.04 -3.06
CA ALA D 146 50.10 -49.43 -2.98
C ALA D 146 51.49 -49.61 -3.57
N LEU D 147 52.28 -50.48 -2.95
CA LEU D 147 53.56 -50.88 -3.53
C LEU D 147 53.31 -51.85 -4.67
N ILE D 148 53.95 -51.60 -5.81
CA ILE D 148 53.80 -52.45 -6.98
C ILE D 148 54.76 -53.63 -6.83
N ALA D 149 54.21 -54.81 -6.51
CA ALA D 149 55.03 -55.99 -6.28
C ALA D 149 55.19 -56.86 -7.52
N GLY D 150 54.30 -56.73 -8.50
CA GLY D 150 54.39 -57.52 -9.71
C GLY D 150 53.74 -56.79 -10.87
N ALA D 151 53.99 -57.30 -12.07
CA ALA D 151 53.47 -56.70 -13.28
C ALA D 151 53.41 -57.74 -14.38
N GLY D 152 52.40 -57.62 -15.23
CA GLY D 152 52.26 -58.50 -16.37
C GLY D 152 51.25 -57.93 -17.35
N LYS D 153 51.00 -58.69 -18.41
CA LYS D 153 50.07 -58.25 -19.45
C LYS D 153 48.67 -58.05 -18.87
N GLY D 154 48.26 -56.80 -18.71
CA GLY D 154 46.91 -56.49 -18.28
C GLY D 154 46.65 -56.57 -16.80
N TYR D 155 47.69 -56.56 -15.97
CA TYR D 155 47.47 -56.61 -14.52
C TYR D 155 48.67 -56.00 -13.80
N LEU D 156 48.46 -55.75 -12.50
CA LEU D 156 49.50 -55.34 -11.58
C LEU D 156 49.26 -56.01 -10.23
N ASP D 157 50.33 -56.41 -9.57
CA ASP D 157 50.26 -57.00 -8.24
C ASP D 157 50.66 -55.95 -7.21
N LEU D 158 49.78 -55.70 -6.24
CA LEU D 158 49.92 -54.59 -5.32
C LEU D 158 49.93 -55.07 -3.87
N LYS D 159 50.68 -54.36 -3.03
CA LYS D 159 50.70 -54.57 -1.59
C LYS D 159 50.24 -53.29 -0.91
N PHE D 160 49.14 -53.38 -0.16
CA PHE D 160 48.58 -52.24 0.54
C PHE D 160 49.00 -52.25 2.00
N THR D 161 49.38 -51.09 2.52
CA THR D 161 49.65 -50.97 3.94
C THR D 161 48.34 -50.86 4.71
N ASP D 162 48.45 -50.92 6.05
CA ASP D 162 47.26 -51.03 6.89
C ASP D 162 46.41 -49.77 6.85
N GLN D 163 47.01 -48.61 6.58
CA GLN D 163 46.23 -47.36 6.56
C GLN D 163 45.41 -47.19 5.31
N PHE D 164 45.42 -48.16 4.39
CA PHE D 164 44.58 -48.13 3.18
C PHE D 164 43.71 -49.38 3.16
N PRO D 165 42.71 -49.46 4.04
CA PRO D 165 41.86 -50.65 4.07
C PRO D 165 41.03 -50.77 2.80
N TYR D 166 40.72 -52.03 2.46
CA TYR D 166 40.01 -52.33 1.22
C TYR D 166 39.26 -53.64 1.40
N LYS D 167 38.34 -53.90 0.47
CA LYS D 167 37.68 -55.19 0.38
C LYS D 167 37.49 -55.53 -1.09
N ILE D 168 37.46 -56.83 -1.37
CA ILE D 168 37.13 -57.35 -2.69
C ILE D 168 35.82 -58.13 -2.53
N ASN D 169 34.76 -57.62 -3.13
CA ASN D 169 33.44 -58.19 -2.92
C ASN D 169 33.27 -59.47 -3.74
N GLU D 170 32.10 -60.10 -3.58
CA GLU D 170 31.81 -61.33 -4.32
C GLU D 170 31.79 -61.11 -5.83
N ALA D 171 31.52 -59.88 -6.27
CA ALA D 171 31.62 -59.57 -7.70
C ALA D 171 33.05 -59.52 -8.19
N GLY D 172 34.02 -59.59 -7.29
CA GLY D 172 35.42 -59.50 -7.68
C GLY D 172 35.87 -58.10 -8.00
N ILE D 173 35.42 -57.10 -7.24
CA ILE D 173 35.71 -55.70 -7.49
C ILE D 173 36.46 -55.13 -6.30
N LEU D 174 37.52 -54.38 -6.58
CA LEU D 174 38.30 -53.73 -5.53
C LEU D 174 37.55 -52.48 -5.06
N LYS D 175 37.29 -52.41 -3.75
CA LYS D 175 36.58 -51.28 -3.17
C LYS D 175 37.26 -50.89 -1.87
N PHE D 176 37.79 -49.66 -1.81
CA PHE D 176 38.46 -49.18 -0.62
C PHE D 176 37.44 -48.80 0.45
N GLN D 177 37.85 -48.94 1.70
CA GLN D 177 36.96 -48.78 2.84
C GLN D 177 37.46 -47.69 3.77
N SER D 178 36.53 -47.13 4.54
CA SER D 178 36.92 -46.25 5.64
C SER D 178 37.70 -47.00 6.69
N GLN D 179 37.37 -48.27 6.89
CA GLN D 179 37.97 -49.11 7.92
C GLN D 179 37.54 -50.55 7.66
N LEU D 180 38.24 -51.49 8.29
CA LEU D 180 37.79 -52.87 8.31
C LEU D 180 36.73 -53.05 9.39
N PHE D 181 35.73 -53.88 9.09
CA PHE D 181 34.64 -54.10 10.03
C PHE D 181 35.10 -54.94 11.21
N ASP D 190 25.59 -54.15 15.04
CA ASP D 190 26.45 -54.77 14.05
C ASP D 190 25.95 -54.52 12.64
N ARG D 191 24.65 -54.76 12.42
CA ARG D 191 24.05 -54.48 11.12
C ARG D 191 24.12 -52.99 10.81
N LEU D 192 23.88 -52.14 11.81
CA LEU D 192 23.94 -50.70 11.58
C LEU D 192 25.36 -50.23 11.30
N LYS D 193 26.34 -50.80 12.00
CA LYS D 193 27.73 -50.38 11.79
C LYS D 193 28.23 -50.79 10.42
N ARG D 194 27.84 -51.99 9.96
CA ARG D 194 28.20 -52.41 8.61
C ARG D 194 27.53 -51.53 7.56
N LYS D 195 26.33 -51.02 7.85
CA LYS D 195 25.68 -50.10 6.94
C LYS D 195 26.40 -48.76 6.90
N GLN D 196 26.88 -48.29 8.05
CA GLN D 196 27.62 -47.02 8.08
C GLN D 196 28.94 -47.13 7.32
N ILE D 197 29.62 -48.27 7.44
CA ILE D 197 30.87 -48.47 6.70
C ILE D 197 30.59 -48.54 5.20
N SER D 198 29.52 -49.23 4.82
CA SER D 198 29.19 -49.35 3.40
C SER D 198 28.85 -48.00 2.78
N GLN D 199 28.22 -47.12 3.55
CA GLN D 199 27.93 -45.78 3.04
C GLN D 199 29.21 -44.96 2.84
N ASP D 200 30.26 -45.29 3.58
CA ASP D 200 31.54 -44.60 3.42
C ASP D 200 32.27 -44.98 2.15
N GLU D 201 31.83 -46.05 1.45
CA GLU D 201 32.52 -46.50 0.26
C GLU D 201 32.59 -45.41 -0.81
N TYR D 202 31.56 -44.56 -0.89
CA TYR D 202 31.54 -43.50 -1.88
C TYR D 202 32.72 -42.54 -1.70
N LYS D 203 33.13 -42.29 -0.46
CA LYS D 203 34.17 -41.31 -0.20
C LYS D 203 35.52 -41.74 -0.78
N TYR D 204 35.75 -43.04 -0.93
CA TYR D 204 37.06 -43.57 -1.32
C TYR D 204 37.03 -44.21 -2.70
N GLU D 205 36.08 -43.81 -3.54
CA GLU D 205 36.08 -44.26 -4.92
C GLU D 205 37.26 -43.66 -5.68
N TYR D 206 37.77 -44.41 -6.65
CA TYR D 206 38.84 -44.00 -7.52
C TYR D 206 38.31 -43.80 -8.94
N LYS D 207 39.18 -43.34 -9.83
CA LYS D 207 38.78 -43.17 -11.22
C LYS D 207 39.97 -43.36 -12.16
N ARG D 208 41.18 -43.33 -11.63
CA ARG D 208 42.38 -43.53 -12.42
C ARG D 208 43.54 -43.82 -11.48
N VAL D 209 44.65 -44.28 -12.05
CA VAL D 209 45.86 -44.58 -11.30
C VAL D 209 47.03 -43.83 -11.92
N LEU D 210 48.03 -43.53 -11.08
CA LEU D 210 49.25 -42.88 -11.52
C LEU D 210 50.44 -43.49 -10.80
N GLU D 211 51.48 -43.81 -11.56
CA GLU D 211 52.67 -44.47 -11.04
C GLU D 211 53.64 -43.44 -10.49
N PHE D 212 54.19 -43.70 -9.31
CA PHE D 212 55.12 -42.80 -8.64
C PHE D 212 56.46 -43.50 -8.49
N ASN D 213 57.54 -42.77 -8.81
CA ASN D 213 58.88 -43.31 -8.62
C ASN D 213 59.18 -43.47 -7.13
N PHE D 214 59.64 -44.66 -6.74
CA PHE D 214 59.83 -44.95 -5.33
C PHE D 214 60.92 -44.08 -4.72
N ALA D 215 62.05 -43.94 -5.40
CA ALA D 215 63.18 -43.22 -4.83
C ALA D 215 62.92 -41.72 -4.77
N LEU D 216 62.46 -41.15 -5.88
CA LEU D 216 62.26 -39.71 -5.96
C LEU D 216 60.92 -39.24 -5.39
N ARG D 217 60.01 -40.18 -5.09
CA ARG D 217 58.72 -39.85 -4.49
C ARG D 217 57.98 -38.78 -5.29
N GLU D 218 58.00 -38.96 -6.60
CA GLU D 218 57.39 -38.05 -7.56
C GLU D 218 56.67 -38.88 -8.62
N PRO D 219 55.79 -38.28 -9.42
CA PRO D 219 55.24 -39.02 -10.56
C PRO D 219 56.35 -39.57 -11.44
N GLU D 220 56.24 -40.84 -11.80
CA GLU D 220 57.29 -41.53 -12.55
C GLU D 220 57.55 -40.83 -13.87
N TYR D 221 58.84 -40.72 -14.22
CA TYR D 221 59.29 -40.05 -15.42
C TYR D 221 58.49 -40.50 -16.64
N MET D 222 57.82 -39.54 -17.27
CA MET D 222 57.03 -39.72 -18.49
C MET D 222 55.82 -40.62 -18.32
N ALA D 223 55.50 -41.03 -17.09
CA ALA D 223 54.29 -41.78 -16.86
C ALA D 223 53.08 -40.86 -16.92
N GLN D 224 51.96 -41.39 -17.41
CA GLN D 224 50.73 -40.63 -17.55
C GLN D 224 49.62 -41.28 -16.72
N ASP D 225 48.54 -40.55 -16.53
CA ASP D 225 47.37 -41.09 -15.87
C ASP D 225 46.82 -42.26 -16.67
N ILE D 226 46.40 -43.30 -15.97
CA ILE D 226 45.78 -44.47 -16.57
C ILE D 226 44.34 -44.52 -16.09
N PHE D 227 43.40 -44.22 -16.98
CA PHE D 227 41.99 -44.22 -16.59
C PHE D 227 41.51 -45.65 -16.38
N THR D 228 40.72 -45.84 -15.31
CA THR D 228 40.25 -47.16 -14.94
C THR D 228 38.75 -47.16 -14.68
N GLY D 229 38.20 -46.02 -14.27
CA GLY D 229 36.87 -45.99 -13.71
C GLY D 229 36.90 -46.33 -12.23
N ASN D 230 35.72 -46.39 -11.63
CA ASN D 230 35.62 -46.64 -10.21
C ASN D 230 35.50 -48.11 -9.85
N ALA D 231 35.66 -49.01 -10.82
CA ALA D 231 35.45 -50.44 -10.60
C ALA D 231 36.56 -51.21 -11.30
N LEU D 232 37.50 -51.74 -10.52
CA LEU D 232 38.61 -52.53 -11.03
C LEU D 232 38.43 -53.98 -10.61
N ARG D 233 38.47 -54.89 -11.58
CA ARG D 233 38.50 -56.32 -11.25
C ARG D 233 39.75 -56.63 -10.43
N ALA D 234 39.57 -57.40 -9.37
CA ALA D 234 40.64 -57.65 -8.42
C ALA D 234 40.59 -59.08 -7.90
N GLU D 235 41.76 -59.61 -7.57
CA GLU D 235 41.90 -60.94 -6.98
C GLU D 235 42.94 -60.86 -5.88
N LYS D 236 42.65 -61.54 -4.76
CA LYS D 236 43.64 -61.74 -3.71
C LYS D 236 44.38 -63.03 -3.99
N LEU D 237 45.70 -62.94 -4.20
CA LEU D 237 46.49 -64.10 -4.58
C LEU D 237 46.67 -65.09 -3.43
N ASN D 238 46.26 -64.74 -2.22
CA ASN D 238 46.32 -65.67 -1.10
C ASN D 238 44.94 -66.23 -0.79
N ASP D 241 48.68 -61.52 0.82
CA ASP D 241 48.41 -60.11 1.07
C ASP D 241 48.52 -59.30 -0.22
N VAL D 242 48.85 -59.96 -1.32
CA VAL D 242 49.02 -59.30 -2.60
C VAL D 242 47.69 -59.25 -3.33
N VAL D 243 47.34 -58.07 -3.85
CA VAL D 243 46.11 -57.86 -4.61
C VAL D 243 46.50 -57.66 -6.08
N ARG D 244 45.88 -58.46 -6.95
CA ARG D 244 46.09 -58.34 -8.39
C ARG D 244 44.89 -57.64 -8.99
N ILE D 245 45.12 -56.48 -9.63
CA ILE D 245 44.08 -55.71 -10.30
C ILE D 245 44.25 -55.91 -11.81
N PHE D 246 43.13 -55.97 -12.51
CA PHE D 246 43.11 -56.26 -13.94
C PHE D 246 42.58 -55.06 -14.72
N HIS D 247 43.34 -54.63 -15.72
CA HIS D 247 42.92 -53.62 -16.68
C HIS D 247 43.87 -53.68 -17.87
N PRO D 248 43.34 -53.65 -19.11
CA PRO D 248 44.22 -53.81 -20.27
C PRO D 248 45.26 -52.71 -20.42
N ASN D 249 45.06 -51.54 -19.82
CA ASN D 249 45.97 -50.42 -19.97
C ASN D 249 46.90 -50.22 -18.77
N LEU D 250 46.98 -51.21 -17.88
CA LEU D 250 47.85 -51.10 -16.72
C LEU D 250 49.29 -51.32 -17.13
N LYS D 251 50.15 -50.33 -16.86
CA LYS D 251 51.58 -50.44 -17.14
C LYS D 251 52.32 -49.67 -16.06
N ALA D 252 53.31 -50.32 -15.45
CA ALA D 252 54.07 -49.71 -14.36
C ALA D 252 55.31 -50.55 -14.11
N LYS D 253 56.26 -49.96 -13.39
CA LYS D 253 57.50 -50.63 -13.02
C LYS D 253 57.35 -51.26 -11.65
N VAL D 254 57.80 -52.52 -11.51
CA VAL D 254 57.79 -53.17 -10.22
C VAL D 254 58.70 -52.43 -9.26
N GLY D 255 58.24 -52.26 -8.02
CA GLY D 255 58.96 -51.51 -7.02
C GLY D 255 58.50 -50.09 -6.86
N ASN D 256 57.77 -49.55 -7.82
CA ASN D 256 57.23 -48.21 -7.72
C ASN D 256 55.94 -48.23 -6.89
N ILE D 257 55.36 -47.04 -6.69
CA ILE D 257 54.15 -46.88 -5.92
C ILE D 257 53.01 -46.51 -6.86
N LEU D 258 51.89 -47.21 -6.74
CA LEU D 258 50.70 -46.91 -7.53
C LEU D 258 49.71 -46.15 -6.66
N VAL D 259 49.29 -44.98 -7.12
CA VAL D 259 48.34 -44.13 -6.41
C VAL D 259 47.00 -44.20 -7.11
N PHE D 260 45.94 -44.44 -6.34
CA PHE D 260 44.57 -44.44 -6.85
C PHE D 260 44.00 -43.03 -6.66
N GLN D 261 43.76 -42.33 -7.75
CA GLN D 261 43.24 -40.97 -7.67
C GLN D 261 41.81 -40.98 -7.15
N ALA D 262 41.57 -40.20 -6.10
CA ALA D 262 40.22 -40.06 -5.57
C ALA D 262 39.29 -39.48 -6.63
N LYS D 263 38.12 -40.08 -6.78
CA LYS D 263 37.19 -39.65 -7.81
C LYS D 263 36.48 -38.36 -7.45
N HIS D 264 36.33 -38.05 -6.17
CA HIS D 264 35.53 -36.93 -5.73
C HIS D 264 36.39 -35.84 -5.07
N ARG D 265 35.85 -34.63 -5.07
CA ARG D 265 36.44 -33.50 -4.36
C ARG D 265 35.42 -32.93 -3.37
N ASP D 266 35.03 -33.74 -2.39
CA ASP D 266 33.94 -33.36 -1.50
C ASP D 266 34.41 -32.64 -0.24
N TYR D 267 35.67 -32.79 0.15
CA TYR D 267 36.16 -32.27 1.43
C TYR D 267 37.47 -31.53 1.23
N PRO D 268 37.41 -30.32 0.68
CA PRO D 268 38.62 -29.48 0.61
C PRO D 268 39.06 -29.05 2.00
N GLY D 269 40.33 -28.69 2.10
CA GLY D 269 40.92 -28.34 3.38
C GLY D 269 40.41 -27.04 3.96
N VAL D 270 40.64 -25.93 3.26
CA VAL D 270 40.21 -24.61 3.71
C VAL D 270 39.46 -23.95 2.56
N VAL D 271 38.20 -23.60 2.81
CA VAL D 271 37.36 -22.92 1.82
C VAL D 271 37.23 -21.47 2.23
N ILE D 272 37.59 -20.57 1.32
CA ILE D 272 37.45 -19.13 1.53
C ILE D 272 36.42 -18.63 0.52
N SER D 273 35.22 -18.31 1.00
CA SER D 273 34.11 -17.99 0.12
C SER D 273 33.52 -16.64 0.52
N ASP D 274 33.47 -15.71 -0.44
CA ASP D 274 32.86 -14.40 -0.26
C ASP D 274 33.41 -13.69 0.98
N SER D 275 34.69 -13.89 1.24
CA SER D 275 35.37 -13.35 2.41
C SER D 275 36.43 -12.34 1.99
N ASN D 276 37.01 -11.67 2.98
CA ASN D 276 38.05 -10.71 2.68
C ASN D 276 39.10 -10.71 3.79
N ASN D 277 40.34 -10.39 3.40
CA ASN D 277 41.48 -10.24 4.32
C ASN D 277 41.67 -11.50 5.17
N VAL D 278 42.02 -12.57 4.47
CA VAL D 278 42.27 -13.87 5.08
C VAL D 278 43.77 -14.16 4.98
N GLU D 279 44.35 -14.64 6.09
CA GLU D 279 45.76 -14.97 6.15
C GLU D 279 45.93 -16.36 6.74
N LEU D 280 46.82 -17.15 6.12
CA LEU D 280 47.23 -18.45 6.63
C LEU D 280 48.72 -18.41 6.89
N HIS D 281 49.14 -18.77 8.11
CA HIS D 281 50.54 -18.77 8.49
C HIS D 281 50.87 -20.10 9.14
N ASN D 282 51.89 -20.77 8.63
CA ASN D 282 52.37 -22.04 9.20
C ASN D 282 51.23 -23.04 9.34
N ILE D 283 50.46 -23.21 8.27
CA ILE D 283 49.39 -24.19 8.22
C ILE D 283 49.88 -25.38 7.41
N THR D 284 49.87 -26.56 8.01
CA THR D 284 50.29 -27.78 7.33
C THR D 284 49.05 -28.56 6.93
N ILE D 285 48.82 -28.69 5.63
CA ILE D 285 47.70 -29.45 5.10
C ILE D 285 48.28 -30.75 4.56
N HIS D 286 48.16 -31.82 5.36
CA HIS D 286 48.67 -33.12 4.94
C HIS D 286 47.77 -33.80 3.93
N HIS D 287 46.48 -33.49 3.94
CA HIS D 287 45.52 -34.21 3.12
C HIS D 287 44.22 -33.43 3.05
N ALA D 288 43.47 -33.67 1.97
CA ALA D 288 42.14 -33.12 1.79
C ALA D 288 41.44 -33.90 0.71
N GLY D 289 40.12 -33.99 0.82
CA GLY D 289 39.31 -34.59 -0.23
C GLY D 289 39.10 -33.60 -1.36
N GLY D 290 40.14 -33.37 -2.14
CA GLY D 290 40.12 -32.31 -3.12
C GLY D 290 41.26 -31.34 -2.90
N MET D 291 40.96 -30.04 -2.91
CA MET D 291 42.00 -29.02 -2.86
C MET D 291 42.34 -28.64 -1.43
N GLY D 292 43.60 -28.26 -1.24
CA GLY D 292 44.04 -27.83 0.08
C GLY D 292 43.40 -26.52 0.50
N VAL D 293 43.50 -25.50 -0.34
CA VAL D 293 42.88 -24.20 -0.11
C VAL D 293 42.19 -23.79 -1.40
N ILE D 294 40.87 -23.62 -1.35
CA ILE D 294 40.08 -23.15 -2.49
C ILE D 294 39.39 -21.86 -2.07
N ALA D 295 39.62 -20.80 -2.85
CA ALA D 295 39.05 -19.48 -2.58
C ALA D 295 38.21 -19.04 -3.77
N GLN D 296 37.00 -18.57 -3.49
CA GLN D 296 36.10 -18.07 -4.52
C GLN D 296 35.54 -16.72 -4.10
N ARG D 297 35.57 -15.76 -5.02
CA ARG D 297 34.93 -14.44 -4.86
C ARG D 297 35.37 -13.77 -3.56
N SER D 298 36.68 -13.77 -3.31
CA SER D 298 37.23 -13.24 -2.07
C SER D 298 38.35 -12.26 -2.36
N HIS D 299 38.56 -11.35 -1.41
CA HIS D 299 39.40 -10.17 -1.59
C HIS D 299 40.53 -10.18 -0.57
N ASN D 300 41.77 -10.06 -1.05
CA ASN D 300 42.97 -10.07 -0.22
C ASN D 300 43.14 -11.38 0.53
N ILE D 301 44.02 -12.25 0.05
CA ILE D 301 44.29 -13.54 0.68
C ILE D 301 45.81 -13.72 0.74
N THR D 302 46.30 -14.15 1.91
CA THR D 302 47.72 -14.38 2.12
C THR D 302 47.93 -15.79 2.65
N ILE D 303 48.82 -16.54 2.02
CA ILE D 303 49.25 -17.85 2.50
C ILE D 303 50.76 -17.82 2.63
N LYS D 304 51.27 -17.95 3.86
CA LYS D 304 52.68 -17.78 4.15
C LYS D 304 53.18 -18.90 5.05
N ASP D 305 54.39 -19.38 4.76
CA ASP D 305 55.10 -20.35 5.62
C ASP D 305 54.28 -21.62 5.84
N SER D 306 53.40 -21.95 4.90
CA SER D 306 52.51 -23.09 5.04
C SER D 306 52.99 -24.23 4.13
N LYS D 307 52.53 -25.44 4.46
CA LYS D 307 53.04 -26.64 3.81
C LYS D 307 51.88 -27.54 3.40
N VAL D 308 51.88 -27.94 2.13
CA VAL D 308 51.06 -29.05 1.64
C VAL D 308 52.02 -30.20 1.35
N SER D 309 51.98 -31.23 2.21
CA SER D 309 52.98 -32.29 2.17
C SER D 309 52.40 -33.50 2.87
N PRO D 310 52.74 -34.71 2.43
CA PRO D 310 52.09 -35.91 2.97
C PRO D 310 52.44 -36.16 4.43
N SER D 311 51.59 -36.95 5.08
CA SER D 311 51.85 -37.46 6.41
C SER D 311 52.58 -38.81 6.29
N LYS D 312 52.91 -39.40 7.44
CA LYS D 312 53.76 -40.59 7.46
C LYS D 312 53.07 -41.75 6.74
N GLY D 313 53.88 -42.54 6.03
CA GLY D 313 53.38 -43.69 5.31
C GLY D 313 52.69 -43.37 3.99
N ARG D 314 52.64 -42.10 3.60
CA ARG D 314 51.98 -41.68 2.38
C ARG D 314 52.97 -41.01 1.44
N ILE D 315 52.72 -41.16 0.14
CA ILE D 315 53.50 -40.49 -0.89
C ILE D 315 52.78 -39.31 -1.51
N VAL D 316 51.50 -39.12 -1.18
CA VAL D 316 50.66 -38.10 -1.78
C VAL D 316 50.07 -37.23 -0.68
N SER D 317 49.99 -35.92 -0.92
CA SER D 317 49.37 -35.00 0.03
C SER D 317 47.88 -34.89 -0.21
N THR D 318 47.42 -33.79 -0.81
CA THR D 318 46.02 -33.60 -1.11
C THR D 318 45.67 -34.22 -2.47
N THR D 319 44.39 -34.54 -2.64
CA THR D 319 43.96 -35.23 -3.85
C THR D 319 43.68 -34.30 -5.02
N ALA D 320 43.79 -32.98 -4.82
CA ALA D 320 43.67 -32.03 -5.93
C ALA D 320 44.60 -30.85 -5.63
N ASP D 321 44.31 -29.69 -6.23
CA ASP D 321 45.22 -28.56 -6.21
C ASP D 321 45.63 -28.19 -4.78
N ALA D 322 46.89 -27.77 -4.64
CA ALA D 322 47.34 -27.24 -3.35
C ALA D 322 46.59 -25.97 -2.99
N THR D 323 46.54 -25.01 -3.91
CA THR D 323 45.78 -23.78 -3.74
C THR D 323 45.05 -23.47 -5.04
N HIS D 324 44.03 -22.61 -4.93
CA HIS D 324 43.18 -22.30 -6.07
C HIS D 324 42.33 -21.07 -5.78
N PHE D 325 42.26 -20.14 -6.72
CA PHE D 325 41.57 -18.88 -6.52
C PHE D 325 40.70 -18.58 -7.73
N VAL D 326 39.41 -18.34 -7.49
CA VAL D 326 38.42 -18.14 -8.54
C VAL D 326 37.73 -16.80 -8.32
N ASN D 327 37.82 -15.92 -9.31
CA ASN D 327 37.16 -14.60 -9.26
C ASN D 327 37.56 -13.81 -8.02
N CYS D 328 38.81 -13.94 -7.60
CA CYS D 328 39.31 -13.29 -6.41
C CYS D 328 40.00 -11.98 -6.78
N THR D 329 39.91 -11.01 -5.87
CA THR D 329 40.39 -9.65 -6.13
C THR D 329 41.39 -9.25 -5.04
N GLY D 330 41.91 -8.03 -5.17
CA GLY D 330 42.88 -7.56 -4.19
C GLY D 330 44.24 -8.21 -4.42
N LYS D 331 44.95 -8.46 -3.32
CA LYS D 331 46.27 -9.05 -3.38
C LYS D 331 46.18 -10.52 -2.99
N ILE D 332 46.69 -11.39 -3.86
CA ILE D 332 46.85 -12.81 -3.59
C ILE D 332 48.33 -13.07 -3.39
N LYS D 333 48.73 -13.38 -2.17
CA LYS D 333 50.13 -13.57 -1.82
C LYS D 333 50.35 -15.04 -1.45
N LEU D 334 51.27 -15.70 -2.16
CA LEU D 334 51.76 -17.03 -1.81
C LEU D 334 53.24 -16.85 -1.49
N ILE D 335 53.58 -16.89 -0.20
CA ILE D 335 54.91 -16.50 0.27
C ILE D 335 55.52 -17.67 1.03
N ASP D 336 56.67 -18.16 0.55
CA ASP D 336 57.53 -19.08 1.29
C ASP D 336 56.79 -20.34 1.72
N ASN D 337 55.95 -20.88 0.82
CA ASN D 337 55.22 -22.10 1.11
C ASN D 337 55.94 -23.31 0.52
N LEU D 338 55.55 -24.49 0.99
CA LEU D 338 55.97 -25.75 0.41
C LEU D 338 54.75 -26.47 -0.11
N PHE D 339 54.66 -26.62 -1.43
CA PHE D 339 53.57 -27.34 -2.09
C PHE D 339 54.17 -28.56 -2.76
N GLU D 340 53.96 -29.74 -2.17
CA GLU D 340 54.55 -30.95 -2.70
C GLU D 340 53.57 -32.12 -2.58
N SER D 341 53.65 -33.03 -3.55
CA SER D 341 53.04 -34.36 -3.57
C SER D 341 51.54 -34.35 -3.84
N GLN D 342 50.93 -33.21 -4.14
CA GLN D 342 49.51 -33.19 -4.39
C GLN D 342 49.20 -33.68 -5.80
N LYS D 343 47.99 -34.20 -5.99
CA LYS D 343 47.62 -34.82 -7.26
C LYS D 343 47.20 -33.80 -8.32
N ASN D 344 47.63 -32.54 -8.21
CA ASN D 344 47.25 -31.52 -9.20
C ASN D 344 48.18 -30.32 -9.05
N ASP D 345 47.81 -29.22 -9.70
CA ASP D 345 48.66 -28.05 -9.75
C ASP D 345 48.82 -27.42 -8.37
N ALA D 346 49.94 -26.72 -8.18
CA ALA D 346 50.17 -26.03 -6.91
C ALA D 346 49.26 -24.82 -6.76
N THR D 347 48.95 -24.13 -7.86
CA THR D 347 48.00 -23.02 -7.79
C THR D 347 47.39 -22.78 -9.16
N ASN D 348 46.25 -22.09 -9.14
CA ASN D 348 45.54 -21.66 -10.33
C ASN D 348 44.73 -20.43 -9.94
N ILE D 349 45.00 -19.30 -10.57
CA ILE D 349 44.34 -18.05 -10.27
C ILE D 349 43.65 -17.58 -11.53
N HIS D 350 42.32 -17.66 -11.55
CA HIS D 350 41.57 -17.46 -12.79
C HIS D 350 40.21 -16.88 -12.51
N GLY D 351 39.48 -16.58 -13.58
CA GLY D 351 38.10 -16.17 -13.52
C GLY D 351 37.18 -17.23 -14.11
N VAL D 352 35.90 -16.88 -14.17
CA VAL D 352 34.85 -17.80 -14.61
C VAL D 352 34.31 -17.32 -15.95
N TYR D 353 34.30 -18.20 -16.94
CA TYR D 353 33.55 -18.01 -18.17
C TYR D 353 32.21 -18.71 -18.04
N ALA D 354 31.14 -18.02 -18.40
CA ALA D 354 29.81 -18.60 -18.48
C ALA D 354 29.31 -18.47 -19.90
N ALA D 355 28.87 -19.59 -20.48
CA ALA D 355 28.43 -19.61 -21.87
C ALA D 355 27.08 -18.94 -22.02
N ILE D 356 26.87 -18.29 -23.16
CA ILE D 356 25.59 -17.68 -23.49
C ILE D 356 24.68 -18.81 -24.00
N ASP D 357 23.76 -19.26 -23.14
CA ASP D 357 22.94 -20.41 -23.47
C ASP D 357 21.76 -20.02 -24.36
N LYS D 358 21.17 -18.85 -24.14
CA LYS D 358 20.01 -18.44 -24.91
C LYS D 358 19.96 -16.92 -25.00
N ILE D 359 19.75 -16.40 -26.21
CA ILE D 359 19.57 -14.98 -26.42
C ILE D 359 18.08 -14.67 -26.36
N ILE D 360 17.68 -13.88 -25.37
CA ILE D 360 16.26 -13.57 -25.19
C ILE D 360 15.83 -12.46 -26.13
N ASP D 361 16.54 -11.34 -26.11
CA ASP D 361 16.31 -10.25 -27.06
C ASP D 361 17.64 -9.58 -27.34
N ASP D 362 17.60 -8.37 -27.90
CA ASP D 362 18.84 -7.68 -28.25
C ASP D 362 19.61 -7.21 -27.03
N LYS D 363 19.01 -7.21 -25.85
CA LYS D 363 19.66 -6.78 -24.63
C LYS D 363 19.70 -7.84 -23.53
N THR D 364 19.06 -9.00 -23.75
CA THR D 364 18.88 -9.98 -22.70
C THR D 364 19.37 -11.34 -23.16
N VAL D 365 20.15 -12.01 -22.31
CA VAL D 365 20.62 -13.36 -22.55
C VAL D 365 20.48 -14.16 -21.26
N GLU D 366 20.51 -15.48 -21.41
CA GLU D 366 20.60 -16.39 -20.28
C GLU D 366 21.93 -17.13 -20.38
N ILE D 367 22.77 -16.96 -19.36
CA ILE D 367 24.06 -17.63 -19.30
C ILE D 367 23.90 -18.92 -18.52
N LYS D 368 24.77 -19.90 -18.79
CA LYS D 368 24.72 -21.17 -18.10
C LYS D 368 26.12 -21.61 -17.72
N LEU D 369 26.32 -21.92 -16.45
CA LEU D 369 27.57 -22.51 -15.99
C LEU D 369 27.74 -23.89 -16.63
N GLN D 370 28.93 -24.14 -17.17
CA GLN D 370 29.16 -25.30 -18.03
C GLN D 370 29.80 -26.48 -17.30
N HIS D 371 30.92 -26.27 -16.63
CA HIS D 371 31.54 -27.40 -15.97
C HIS D 371 30.76 -27.75 -14.69
N PRO D 372 30.54 -29.04 -14.43
CA PRO D 372 29.71 -29.43 -13.27
C PRO D 372 30.21 -28.90 -11.95
N GLN D 373 31.53 -28.77 -11.78
CA GLN D 373 32.07 -28.23 -10.54
C GLN D 373 32.05 -26.71 -10.50
N GLN D 374 31.40 -26.07 -11.48
CA GLN D 374 31.14 -24.65 -11.47
C GLN D 374 29.69 -24.32 -11.10
N PHE D 375 28.82 -25.32 -11.03
CA PHE D 375 27.41 -25.07 -10.75
C PHE D 375 27.24 -24.34 -9.42
N GLY D 376 26.26 -23.44 -9.36
CA GLY D 376 26.02 -22.67 -8.16
C GLY D 376 26.97 -21.52 -7.94
N PHE D 377 27.79 -21.16 -8.94
CA PHE D 377 28.71 -20.04 -8.84
C PHE D 377 27.99 -18.79 -9.32
N ASP D 378 27.45 -18.02 -8.38
CA ASP D 378 26.76 -16.78 -8.69
C ASP D 378 27.75 -15.62 -8.60
N PHE D 379 27.76 -14.78 -9.64
CA PHE D 379 28.76 -13.70 -9.68
C PHE D 379 28.30 -12.51 -10.52
N ILE D 380 27.23 -12.65 -11.27
CA ILE D 380 26.72 -11.57 -12.12
C ILE D 380 25.64 -10.81 -11.37
N ALA D 381 25.90 -9.55 -11.08
CA ALA D 381 25.02 -8.69 -10.30
C ALA D 381 24.80 -7.39 -11.05
N PRO D 382 23.73 -6.66 -10.73
CA PRO D 382 23.50 -5.36 -11.37
C PRO D 382 24.69 -4.43 -11.18
N GLU D 383 24.91 -3.57 -12.18
CA GLU D 383 25.99 -2.60 -12.29
C GLU D 383 27.34 -3.25 -12.61
N ASP D 384 27.41 -4.58 -12.70
CA ASP D 384 28.66 -5.22 -13.07
C ASP D 384 28.95 -5.01 -14.56
N GLU D 385 30.23 -5.01 -14.89
CA GLU D 385 30.69 -4.95 -16.27
C GLU D 385 31.11 -6.35 -16.72
N LEU D 386 30.66 -6.76 -17.90
CA LEU D 386 30.93 -8.09 -18.41
C LEU D 386 31.66 -8.01 -19.74
N GLU D 387 32.66 -8.88 -19.90
CA GLU D 387 33.27 -9.10 -21.21
C GLU D 387 32.40 -10.06 -22.01
N LEU D 388 32.20 -9.76 -23.29
CA LEU D 388 31.51 -10.67 -24.20
C LEU D 388 32.54 -11.17 -25.20
N VAL D 389 32.81 -12.47 -25.16
CA VAL D 389 33.99 -13.06 -25.78
C VAL D 389 33.56 -14.11 -26.80
N HIS D 390 34.26 -14.15 -27.93
CA HIS D 390 34.08 -15.21 -28.92
C HIS D 390 34.76 -16.47 -28.41
N GLY D 391 34.01 -17.57 -28.34
CA GLY D 391 34.48 -18.75 -27.63
C GLY D 391 35.72 -19.38 -28.26
N ALA D 392 35.68 -19.60 -29.57
CA ALA D 392 36.75 -20.32 -30.24
C ALA D 392 38.04 -19.51 -30.34
N SER D 393 37.97 -18.18 -30.18
CA SER D 393 39.13 -17.32 -30.31
C SER D 393 39.58 -16.67 -29.01
N LEU D 394 38.71 -16.63 -28.00
CA LEU D 394 38.97 -15.90 -26.76
C LEU D 394 39.21 -14.43 -27.01
N ILE D 395 38.66 -13.90 -28.10
CA ILE D 395 38.74 -12.49 -28.43
C ILE D 395 37.50 -11.79 -27.89
N THR D 396 37.70 -10.70 -27.17
CA THR D 396 36.60 -9.96 -26.58
C THR D 396 35.92 -9.10 -27.64
N TYR D 397 34.61 -9.28 -27.79
CA TYR D 397 33.85 -8.41 -28.69
C TYR D 397 33.73 -7.00 -28.11
N GLU D 398 33.30 -6.90 -26.86
CA GLU D 398 33.00 -5.63 -26.23
C GLU D 398 32.83 -5.86 -24.73
N THR D 399 32.61 -4.77 -24.00
CA THR D 399 32.20 -4.83 -22.61
C THR D 399 30.83 -4.16 -22.47
N ASN D 400 29.99 -4.72 -21.63
CA ASN D 400 28.63 -4.23 -21.42
C ASN D 400 28.29 -4.33 -19.95
N LYS D 401 27.47 -3.39 -19.47
CA LYS D 401 27.10 -3.35 -18.06
C LYS D 401 25.74 -4.01 -17.84
N VAL D 402 25.60 -4.67 -16.70
CA VAL D 402 24.39 -5.38 -16.31
C VAL D 402 23.46 -4.42 -15.59
N VAL D 403 22.18 -4.46 -15.94
CA VAL D 403 21.15 -3.75 -15.19
C VAL D 403 20.28 -4.70 -14.38
N THR D 404 20.06 -5.93 -14.84
CA THR D 404 19.22 -6.89 -14.13
C THR D 404 19.91 -8.25 -14.16
N SER D 405 19.75 -9.00 -13.07
CA SER D 405 20.34 -10.33 -12.95
C SER D 405 19.39 -11.19 -12.11
N THR D 406 18.97 -12.32 -12.65
CA THR D 406 18.03 -13.21 -11.98
C THR D 406 18.55 -14.63 -12.02
N ARG D 407 18.86 -15.19 -10.86
CA ARG D 407 19.34 -16.57 -10.75
C ARG D 407 18.16 -17.52 -10.94
N VAL D 408 18.19 -18.28 -12.03
CA VAL D 408 17.10 -19.21 -12.33
C VAL D 408 17.35 -20.58 -11.73
N SER D 409 18.58 -21.08 -11.82
CA SER D 409 18.94 -22.39 -11.31
C SER D 409 20.37 -22.32 -10.81
N ASN D 410 20.93 -23.46 -10.39
CA ASN D 410 22.35 -23.51 -10.09
C ASN D 410 23.20 -23.56 -11.35
N GLU D 411 22.59 -23.47 -12.53
CA GLU D 411 23.27 -23.40 -13.80
C GLU D 411 22.98 -22.12 -14.57
N VAL D 412 21.72 -21.68 -14.60
CA VAL D 412 21.26 -20.63 -15.51
C VAL D 412 21.01 -19.35 -14.74
N THR D 413 21.44 -18.22 -15.30
CA THR D 413 21.14 -16.90 -14.80
C THR D 413 20.78 -16.01 -15.99
N ARG D 414 19.68 -15.26 -15.87
CA ARG D 414 19.26 -14.35 -16.92
C ARG D 414 19.89 -12.98 -16.70
N VAL D 415 20.50 -12.43 -17.75
CA VAL D 415 21.21 -11.16 -17.68
C VAL D 415 20.67 -10.24 -18.75
N GLN D 416 20.29 -9.02 -18.35
CA GLN D 416 19.90 -7.97 -19.28
C GLN D 416 20.90 -6.83 -19.19
N PHE D 417 21.33 -6.33 -20.33
CA PHE D 417 22.36 -5.31 -20.41
C PHE D 417 21.74 -3.92 -20.55
N ILE D 418 22.57 -2.90 -20.36
CA ILE D 418 22.12 -1.52 -20.46
C ILE D 418 21.97 -1.07 -21.91
N LYS D 419 22.65 -1.73 -22.84
CA LYS D 419 22.58 -1.42 -24.25
C LYS D 419 22.62 -2.72 -25.04
N PRO D 420 22.10 -2.73 -26.26
CA PRO D 420 22.16 -3.94 -27.08
C PRO D 420 23.60 -4.40 -27.27
N PHE D 421 23.85 -5.68 -26.94
CA PHE D 421 25.19 -6.23 -27.07
C PHE D 421 25.56 -6.38 -28.55
N ASP D 422 26.85 -6.62 -28.78
CA ASP D 422 27.38 -6.73 -30.13
C ASP D 422 26.59 -7.76 -30.94
N SER D 423 26.24 -7.38 -32.17
CA SER D 423 25.40 -8.23 -33.01
C SER D 423 26.11 -9.50 -33.46
N ARG D 424 27.44 -9.54 -33.39
CA ARG D 424 28.17 -10.74 -33.76
C ARG D 424 28.10 -11.82 -32.69
N ILE D 425 27.62 -11.49 -31.49
CA ILE D 425 27.53 -12.46 -30.41
C ILE D 425 26.49 -13.51 -30.76
N LYS D 426 26.84 -14.78 -30.58
CA LYS D 426 25.95 -15.89 -30.83
C LYS D 426 25.90 -16.78 -29.59
N GLU D 427 24.89 -17.64 -29.56
CA GLU D 427 24.83 -18.66 -28.52
C GLU D 427 26.03 -19.58 -28.64
N GLY D 428 26.67 -19.86 -27.51
CA GLY D 428 27.94 -20.57 -27.49
C GLY D 428 29.11 -19.70 -27.12
N ASP D 429 29.02 -18.39 -27.35
CA ASP D 429 30.00 -17.46 -26.82
C ASP D 429 29.90 -17.42 -25.29
N SER D 430 30.84 -16.71 -24.67
CA SER D 430 30.93 -16.68 -23.22
C SER D 430 30.96 -15.24 -22.73
N VAL D 431 30.59 -15.08 -21.46
CA VAL D 431 30.73 -13.80 -20.76
C VAL D 431 31.63 -14.02 -19.56
N SER D 432 32.34 -12.95 -19.17
CA SER D 432 33.21 -12.97 -18.01
C SER D 432 33.08 -11.64 -17.29
N LYS D 433 33.15 -11.68 -15.96
CA LYS D 433 32.97 -10.48 -15.16
C LYS D 433 34.25 -9.65 -15.17
N VAL D 434 34.13 -8.40 -15.60
CA VAL D 434 35.25 -7.46 -15.53
C VAL D 434 35.48 -7.11 -14.07
N ARG D 435 36.58 -7.58 -13.50
CA ARG D 435 36.88 -7.38 -12.10
C ARG D 435 38.17 -6.59 -11.95
N SER D 436 38.40 -6.11 -10.73
CA SER D 436 39.72 -5.63 -10.31
C SER D 436 40.58 -6.86 -10.08
N TYR D 437 41.12 -7.39 -11.18
CA TYR D 437 41.82 -8.66 -11.18
C TYR D 437 42.91 -8.67 -10.11
N ALA D 438 43.08 -9.83 -9.50
CA ALA D 438 43.93 -9.95 -8.33
C ALA D 438 45.38 -9.63 -8.67
N GLU D 439 46.02 -8.83 -7.83
CA GLU D 439 47.46 -8.65 -7.89
C GLU D 439 48.12 -9.87 -7.26
N VAL D 440 48.90 -10.59 -8.05
CA VAL D 440 49.42 -11.89 -7.67
C VAL D 440 50.88 -11.74 -7.29
N ILE D 441 51.21 -12.12 -6.06
CA ILE D 441 52.57 -12.08 -5.54
C ILE D 441 52.92 -13.49 -5.06
N ILE D 442 53.75 -14.18 -5.82
CA ILE D 442 54.13 -15.57 -5.54
C ILE D 442 55.64 -15.61 -5.37
N LYS D 443 56.10 -15.70 -4.14
CA LYS D 443 57.53 -15.58 -3.83
C LYS D 443 57.97 -16.64 -2.84
N GLY D 444 59.15 -17.21 -3.09
CA GLY D 444 59.80 -18.06 -2.12
C GLY D 444 59.19 -19.44 -1.96
N ASN D 445 58.35 -19.87 -2.88
CA ASN D 445 57.67 -21.15 -2.74
C ASN D 445 58.49 -22.29 -3.34
N ILE D 446 58.23 -23.49 -2.82
CA ILE D 446 58.86 -24.72 -3.30
C ILE D 446 57.75 -25.60 -3.87
N ILE D 447 57.88 -25.95 -5.15
CA ILE D 447 56.86 -26.68 -5.87
C ILE D 447 57.51 -27.90 -6.52
N ARG D 448 57.13 -29.09 -6.06
CA ARG D 448 57.81 -30.31 -6.47
C ARG D 448 56.94 -31.52 -6.18
N LYS D 449 57.27 -32.63 -6.83
CA LYS D 449 56.73 -33.96 -6.54
C LYS D 449 55.22 -34.09 -6.77
N ASN D 450 54.58 -33.05 -7.26
CA ASN D 450 53.13 -33.08 -7.45
C ASN D 450 52.78 -33.65 -8.82
N ARG D 451 51.52 -34.00 -8.99
CA ARG D 451 51.00 -34.34 -10.30
C ARG D 451 50.68 -33.07 -11.08
N ALA D 452 50.86 -33.14 -12.40
CA ALA D 452 50.49 -32.08 -13.34
C ALA D 452 51.40 -30.86 -13.22
N ARG D 453 50.81 -29.67 -13.32
CA ARG D 453 51.55 -28.44 -13.55
C ARG D 453 52.00 -27.81 -12.24
N GLY D 454 52.82 -26.77 -12.37
CA GLY D 454 53.24 -25.99 -11.22
C GLY D 454 52.22 -24.90 -10.89
N MET D 455 52.24 -23.81 -11.64
CA MET D 455 51.30 -22.72 -11.47
C MET D 455 50.57 -22.46 -12.78
N LEU D 456 49.25 -22.36 -12.71
CA LEU D 456 48.45 -21.91 -13.84
C LEU D 456 48.25 -20.41 -13.70
N LEU D 457 48.95 -19.64 -14.54
CA LEU D 457 48.90 -18.18 -14.47
C LEU D 457 47.80 -17.68 -15.41
N ASN D 458 46.57 -17.71 -14.90
CA ASN D 458 45.42 -17.14 -15.59
C ASN D 458 45.00 -15.80 -14.98
N SER D 459 45.96 -15.07 -14.41
CA SER D 459 45.70 -13.84 -13.69
C SER D 459 45.95 -12.65 -14.61
N ARG D 460 44.88 -11.90 -14.90
CA ARG D 460 45.01 -10.71 -15.74
C ARG D 460 45.58 -9.53 -14.98
N GLY D 461 45.55 -9.56 -13.65
CA GLY D 461 46.12 -8.49 -12.86
C GLY D 461 47.64 -8.54 -12.84
N LYS D 462 48.22 -7.54 -12.21
CA LYS D 462 49.68 -7.48 -12.06
C LYS D 462 50.18 -8.71 -11.33
N THR D 463 51.08 -9.46 -11.97
CA THR D 463 51.52 -10.76 -11.48
C THR D 463 53.04 -10.76 -11.34
N LEU D 464 53.53 -11.19 -10.19
CA LEU D 464 54.96 -11.31 -9.92
C LEU D 464 55.25 -12.73 -9.45
N ILE D 465 56.11 -13.43 -10.17
CA ILE D 465 56.57 -14.77 -9.82
C ILE D 465 58.07 -14.66 -9.57
N GLU D 466 58.48 -14.75 -8.31
CA GLU D 466 59.87 -14.45 -7.94
C GLU D 466 60.37 -15.44 -6.91
N ASN D 467 61.61 -15.91 -7.12
CA ASN D 467 62.35 -16.68 -6.12
C ASN D 467 61.64 -17.97 -5.74
N ASN D 468 60.99 -18.60 -6.71
CA ASN D 468 60.34 -19.89 -6.49
C ASN D 468 61.19 -21.01 -7.08
N TYR D 469 61.05 -22.20 -6.51
CA TYR D 469 61.72 -23.40 -7.02
C TYR D 469 60.69 -24.31 -7.66
N PHE D 470 60.99 -24.78 -8.86
CA PHE D 470 60.10 -25.65 -9.62
C PHE D 470 60.77 -26.96 -9.94
N HIS D 471 60.11 -28.07 -9.59
CA HIS D 471 60.47 -29.40 -10.10
C HIS D 471 59.16 -30.16 -10.30
N THR D 472 58.53 -29.95 -11.45
CA THR D 472 57.23 -30.54 -11.74
C THR D 472 57.31 -31.46 -12.96
N PRO D 473 56.52 -32.54 -12.97
CA PRO D 473 56.46 -33.38 -14.18
C PRO D 473 55.78 -32.67 -15.34
N GLY D 474 54.81 -31.82 -15.07
CA GLY D 474 54.17 -31.01 -16.08
C GLY D 474 54.84 -29.65 -16.19
N SER D 475 54.18 -28.78 -16.95
CA SER D 475 54.67 -27.41 -17.13
C SER D 475 54.80 -26.73 -15.78
N ALA D 476 55.97 -26.11 -15.54
CA ALA D 476 56.16 -25.35 -14.31
C ALA D 476 55.25 -24.14 -14.28
N ILE D 477 55.06 -23.48 -15.42
CA ILE D 477 54.18 -22.33 -15.55
C ILE D 477 53.36 -22.51 -16.82
N LEU D 478 52.03 -22.44 -16.69
CA LEU D 478 51.14 -22.63 -17.82
C LEU D 478 50.15 -21.49 -17.90
N PHE D 479 50.05 -20.88 -19.09
CA PHE D 479 48.99 -19.95 -19.41
C PHE D 479 47.89 -20.72 -20.12
N GLU D 480 46.79 -20.98 -19.42
CA GLU D 480 45.72 -21.77 -20.01
C GLU D 480 44.45 -20.95 -20.18
N GLY D 481 43.34 -21.46 -19.64
CA GLY D 481 42.05 -20.83 -19.83
C GLY D 481 41.40 -21.29 -21.13
N ASP D 482 40.08 -21.45 -21.11
CA ASP D 482 39.34 -21.80 -22.31
C ASP D 482 37.90 -21.41 -22.11
N ALA D 483 37.15 -21.40 -23.22
CA ALA D 483 35.70 -21.20 -23.21
C ALA D 483 35.01 -22.35 -23.92
N ASN D 484 35.47 -23.58 -23.67
CA ASN D 484 34.89 -24.76 -24.30
C ASN D 484 34.80 -25.97 -23.38
N PHE D 485 35.53 -26.03 -22.27
CA PHE D 485 35.41 -27.14 -21.34
C PHE D 485 35.54 -26.67 -19.89
N TRP D 486 36.74 -26.27 -19.49
CA TRP D 486 36.94 -25.77 -18.13
C TRP D 486 36.23 -24.45 -17.91
N PHE D 487 36.09 -23.65 -18.97
CA PHE D 487 35.43 -22.34 -18.91
C PHE D 487 36.05 -21.47 -17.81
N GLU D 488 37.37 -21.35 -17.86
CA GLU D 488 38.13 -20.53 -16.93
C GLU D 488 38.69 -19.34 -17.69
N GLN D 489 38.46 -18.13 -17.16
CA GLN D 489 38.95 -16.93 -17.79
C GLN D 489 40.40 -16.68 -17.38
N GLY D 490 41.28 -16.57 -18.38
CA GLY D 490 42.67 -16.26 -18.13
C GLY D 490 43.13 -15.03 -18.87
N GLY D 491 44.27 -15.12 -19.54
CA GLY D 491 44.76 -14.02 -20.34
C GLY D 491 45.45 -12.95 -19.53
N VAL D 492 46.77 -13.03 -19.42
CA VAL D 492 47.52 -12.12 -18.57
C VAL D 492 47.75 -10.80 -19.30
N SER D 493 48.11 -9.77 -18.53
CA SER D 493 48.46 -8.48 -19.08
C SER D 493 49.70 -7.84 -18.45
N ASP D 494 50.26 -8.43 -17.39
CA ASP D 494 51.40 -7.83 -16.69
C ASP D 494 52.00 -8.90 -15.79
N VAL D 495 52.94 -9.66 -16.34
CA VAL D 495 53.56 -10.79 -15.65
C VAL D 495 55.06 -10.58 -15.60
N THR D 496 55.62 -10.74 -14.40
CA THR D 496 57.07 -10.70 -14.19
C THR D 496 57.49 -12.01 -13.53
N ILE D 497 58.37 -12.75 -14.22
CA ILE D 497 58.90 -14.02 -13.74
C ILE D 497 60.40 -13.84 -13.58
N LYS D 498 60.86 -13.65 -12.34
CA LYS D 498 62.24 -13.27 -12.09
C LYS D 498 62.84 -14.10 -10.96
N ASN D 499 64.12 -14.47 -11.14
CA ASN D 499 64.93 -15.09 -10.08
C ASN D 499 64.35 -16.40 -9.58
N ASN D 500 63.68 -17.16 -10.44
CA ASN D 500 63.20 -18.48 -10.08
C ASN D 500 64.19 -19.55 -10.54
N VAL D 501 64.04 -20.74 -9.99
CA VAL D 501 64.89 -21.89 -10.33
C VAL D 501 63.98 -22.98 -10.87
N PHE D 502 64.13 -23.31 -12.16
CA PHE D 502 63.40 -24.38 -12.81
C PHE D 502 64.38 -25.55 -12.98
N GLU D 503 64.31 -26.52 -12.09
CA GLU D 503 65.21 -27.66 -12.11
C GLU D 503 64.49 -28.89 -12.65
N ASN D 504 64.82 -29.26 -13.89
CA ASN D 504 64.33 -30.48 -14.52
C ASN D 504 62.81 -30.57 -14.46
N SER D 505 62.16 -29.43 -14.66
CA SER D 505 60.71 -29.39 -14.72
C SER D 505 60.23 -29.86 -16.09
N PHE D 506 58.93 -30.14 -16.19
CA PHE D 506 58.33 -30.71 -17.39
C PHE D 506 59.07 -31.98 -17.82
N TYR D 507 59.37 -32.84 -16.86
CA TYR D 507 60.01 -34.10 -17.19
C TYR D 507 59.01 -35.17 -17.62
N SER D 508 57.72 -34.86 -17.61
CA SER D 508 56.70 -35.73 -18.18
C SER D 508 55.88 -34.99 -19.23
N GLN D 509 54.56 -35.20 -19.26
CA GLN D 509 53.76 -34.80 -20.41
C GLN D 509 52.59 -33.88 -20.07
N TRP D 510 52.48 -33.39 -18.83
CA TRP D 510 51.38 -32.51 -18.45
C TRP D 510 51.69 -31.07 -18.85
N GLY D 511 51.63 -30.83 -20.15
CA GLY D 511 51.88 -29.52 -20.69
C GLY D 511 52.58 -29.60 -22.02
N LYS D 512 53.18 -28.49 -22.44
CA LYS D 512 53.87 -28.40 -23.72
C LYS D 512 55.23 -27.73 -23.60
N GLY D 513 55.80 -27.70 -22.41
CA GLY D 513 57.07 -27.05 -22.18
C GLY D 513 57.20 -26.61 -20.74
N ILE D 514 58.39 -26.10 -20.41
CA ILE D 514 58.64 -25.64 -19.06
C ILE D 514 57.75 -24.45 -18.72
N ILE D 515 57.73 -23.45 -19.60
CA ILE D 515 56.78 -22.35 -19.55
C ILE D 515 56.05 -22.33 -20.89
N ALA D 516 54.74 -22.56 -20.86
CA ALA D 516 54.00 -22.80 -22.09
C ALA D 516 52.63 -22.16 -22.05
N VAL D 517 52.11 -21.85 -23.23
CA VAL D 517 50.74 -21.39 -23.43
C VAL D 517 49.91 -22.57 -23.92
N ASP D 518 48.71 -22.71 -23.38
CA ASP D 518 47.77 -23.72 -23.87
C ASP D 518 46.34 -23.21 -23.75
N ALA D 519 46.15 -21.92 -24.02
CA ALA D 519 44.80 -21.36 -23.99
C ALA D 519 43.92 -22.01 -25.06
N GLY D 520 42.63 -22.10 -24.76
CA GLY D 520 41.68 -22.71 -25.68
C GLY D 520 41.37 -21.85 -26.88
N ILE D 521 42.37 -21.61 -27.73
CA ILE D 521 42.22 -20.83 -28.95
C ILE D 521 42.37 -21.76 -30.13
N ASP D 522 41.35 -21.82 -30.99
CA ASP D 522 41.42 -22.65 -32.18
C ASP D 522 42.55 -22.20 -33.09
N ASP D 523 43.03 -23.12 -33.91
CA ASP D 523 44.14 -22.81 -34.82
C ASP D 523 43.77 -21.71 -35.81
N LYS D 524 42.49 -21.57 -36.14
CA LYS D 524 42.05 -20.54 -37.06
C LYS D 524 42.37 -19.14 -36.53
N PHE D 525 42.32 -18.94 -35.21
CA PHE D 525 42.38 -17.62 -34.61
C PHE D 525 43.68 -17.36 -33.86
N LYS D 526 44.64 -18.29 -33.91
CA LYS D 526 45.90 -18.06 -33.18
C LYS D 526 46.64 -16.84 -33.71
N GLU D 527 46.56 -16.58 -35.02
CA GLU D 527 47.30 -15.47 -35.60
C GLU D 527 46.71 -14.12 -35.22
N THR D 528 45.39 -14.04 -35.06
CA THR D 528 44.73 -12.77 -34.77
C THR D 528 44.46 -12.53 -33.29
N SER D 529 44.29 -13.60 -32.50
CA SER D 529 44.02 -13.44 -31.08
C SER D 529 45.32 -13.24 -30.32
N ARG D 530 45.28 -12.35 -29.32
CA ARG D 530 46.42 -12.08 -28.44
C ARG D 530 45.90 -12.14 -27.01
N TYR D 531 45.83 -13.36 -26.47
CA TYR D 531 45.23 -13.58 -25.16
C TYR D 531 46.15 -13.16 -24.01
N ASN D 532 47.45 -13.35 -24.17
CA ASN D 532 48.43 -13.04 -23.12
C ASN D 532 49.41 -11.99 -23.62
N LYS D 533 49.69 -11.00 -22.78
CA LYS D 533 50.51 -9.85 -23.17
C LYS D 533 51.41 -9.43 -22.03
N ASN D 534 52.54 -8.80 -22.39
CA ASN D 534 53.43 -8.10 -21.48
C ASN D 534 54.00 -9.04 -20.41
N ILE D 535 54.94 -9.86 -20.84
CA ILE D 535 55.55 -10.89 -19.99
C ILE D 535 57.06 -10.70 -20.01
N VAL D 536 57.64 -10.58 -18.82
CA VAL D 536 59.09 -10.44 -18.66
C VAL D 536 59.61 -11.66 -17.91
N ILE D 537 60.58 -12.35 -18.51
CA ILE D 537 61.21 -13.53 -17.94
C ILE D 537 62.70 -13.23 -17.84
N LYS D 538 63.18 -12.97 -16.63
CA LYS D 538 64.55 -12.52 -16.43
C LYS D 538 65.13 -13.11 -15.16
N GLY D 539 66.46 -13.26 -15.15
CA GLY D 539 67.18 -13.65 -13.96
C GLY D 539 66.90 -15.05 -13.44
N ASN D 540 66.22 -15.89 -14.22
CA ASN D 540 65.91 -17.25 -13.78
C ASN D 540 67.01 -18.21 -14.18
N THR D 541 67.08 -19.33 -13.46
CA THR D 541 67.98 -20.42 -13.78
C THR D 541 67.15 -21.61 -14.26
N PHE D 542 67.40 -22.04 -15.48
CA PHE D 542 66.72 -23.19 -16.07
C PHE D 542 67.70 -24.34 -16.15
N LYS D 543 67.55 -25.34 -15.27
CA LYS D 543 68.32 -26.57 -15.35
C LYS D 543 67.49 -27.58 -16.13
N VAL D 544 67.96 -27.94 -17.31
CA VAL D 544 67.20 -28.77 -18.25
C VAL D 544 68.01 -30.02 -18.56
N PHE D 545 67.31 -31.14 -18.72
CA PHE D 545 67.97 -32.41 -19.02
C PHE D 545 67.90 -32.80 -20.49
N ASP D 546 67.01 -32.19 -21.27
CA ASP D 546 66.95 -32.46 -22.71
C ASP D 546 66.58 -31.16 -23.42
N LYS D 547 66.16 -31.27 -24.68
CA LYS D 547 65.87 -30.12 -25.52
C LYS D 547 64.37 -29.79 -25.56
N ALA D 548 63.66 -30.06 -24.47
CA ALA D 548 62.26 -29.67 -24.38
C ALA D 548 62.15 -28.14 -24.39
N PRO D 549 61.03 -27.59 -24.84
CA PRO D 549 60.90 -26.13 -24.92
C PRO D 549 60.93 -25.49 -23.54
N ILE D 550 61.87 -24.55 -23.35
CA ILE D 550 61.79 -23.68 -22.20
C ILE D 550 60.58 -22.76 -22.32
N LEU D 551 60.36 -22.22 -23.52
CA LEU D 551 59.17 -21.45 -23.84
C LEU D 551 58.47 -22.12 -25.02
N ASN D 552 57.16 -22.29 -24.89
CA ASN D 552 56.30 -22.78 -25.98
C ASN D 552 55.08 -21.86 -25.98
N LEU D 553 55.13 -20.83 -26.81
CA LEU D 553 54.14 -19.76 -26.78
C LEU D 553 53.35 -19.73 -28.09
N PHE D 554 52.09 -19.31 -27.97
CA PHE D 554 51.33 -18.91 -29.14
C PHE D 554 50.36 -17.80 -28.73
N SER D 555 50.06 -16.92 -29.67
CA SER D 555 49.14 -15.81 -29.45
C SER D 555 49.56 -14.94 -28.27
N VAL D 556 50.87 -14.71 -28.17
CA VAL D 556 51.46 -13.86 -27.13
C VAL D 556 51.97 -12.59 -27.79
N SER D 557 51.77 -11.46 -27.13
CA SER D 557 52.28 -10.18 -27.59
C SER D 557 53.18 -9.57 -26.52
N ASN D 558 54.37 -9.15 -26.93
CA ASN D 558 55.33 -8.47 -26.06
C ASN D 558 55.84 -9.38 -24.94
N LEU D 559 56.91 -10.13 -25.21
CA LEU D 559 57.56 -10.98 -24.21
C LEU D 559 59.06 -10.80 -24.31
N VAL D 560 59.72 -10.69 -23.15
CA VAL D 560 61.16 -10.52 -23.08
C VAL D 560 61.74 -11.66 -22.27
N PHE D 561 62.71 -12.37 -22.84
CA PHE D 561 63.42 -13.47 -22.19
C PHE D 561 64.90 -13.08 -22.20
N GLU D 562 65.41 -12.64 -21.04
CA GLU D 562 66.74 -12.06 -20.98
C GLU D 562 67.38 -12.38 -19.63
N ASN D 563 68.72 -12.39 -19.62
CA ASN D 563 69.51 -12.54 -18.40
C ASN D 563 69.17 -13.81 -17.63
N ASN D 564 68.82 -14.88 -18.35
CA ASN D 564 68.54 -16.16 -17.73
C ASN D 564 69.74 -17.09 -17.90
N ILE D 565 69.89 -18.01 -16.94
CA ILE D 565 70.93 -19.02 -16.98
C ILE D 565 70.28 -20.34 -17.36
N ILE D 566 70.76 -20.95 -18.44
CA ILE D 566 70.28 -22.25 -18.90
C ILE D 566 71.42 -23.25 -18.74
N GLU D 567 71.19 -24.28 -17.94
CA GLU D 567 72.22 -25.24 -17.58
C GLU D 567 71.76 -26.64 -17.95
N LYS D 568 72.63 -27.39 -18.62
CA LYS D 568 72.32 -28.75 -19.04
C LYS D 568 72.54 -29.73 -17.90
N THR D 569 71.60 -30.66 -17.74
CA THR D 569 71.70 -31.73 -16.76
C THR D 569 71.51 -33.06 -17.46
N THR D 570 71.71 -34.14 -16.71
CA THR D 570 71.45 -35.51 -17.17
C THR D 570 70.56 -36.23 -16.17
N GLU D 571 69.59 -35.51 -15.60
CA GLU D 571 68.78 -36.06 -14.52
C GLU D 571 67.83 -37.14 -15.03
N TYR D 572 67.24 -36.94 -16.20
CA TYR D 572 66.32 -37.89 -16.82
C TYR D 572 66.79 -38.18 -18.24
N PRO D 573 66.39 -39.33 -18.79
CA PRO D 573 66.75 -39.63 -20.18
C PRO D 573 66.22 -38.57 -21.14
N GLU D 574 67.05 -38.22 -22.11
CA GLU D 574 66.66 -37.22 -23.11
C GLU D 574 65.56 -37.77 -24.01
N ARG D 575 64.60 -36.91 -24.36
CA ARG D 575 63.46 -37.29 -25.17
C ARG D 575 63.72 -36.88 -26.61
N LYS D 576 63.70 -37.85 -27.53
CA LYS D 576 64.10 -37.61 -28.91
C LYS D 576 63.12 -36.71 -29.66
N LYS D 577 61.88 -36.57 -29.18
CA LYS D 577 60.90 -35.77 -29.91
C LYS D 577 61.06 -34.27 -29.69
N TYR D 578 61.99 -33.85 -28.83
CA TYR D 578 62.22 -32.44 -28.57
C TYR D 578 63.61 -32.05 -29.06
N ASN D 579 63.69 -30.96 -29.82
CA ASN D 579 64.98 -30.44 -30.26
C ASN D 579 64.89 -28.92 -30.43
N SER D 580 64.24 -28.24 -29.49
CA SER D 580 64.08 -26.79 -29.57
C SER D 580 63.72 -26.27 -28.19
N LEU D 581 64.54 -25.36 -27.67
CA LEU D 581 64.27 -24.75 -26.38
C LEU D 581 63.27 -23.60 -26.45
N PHE D 582 62.98 -23.10 -27.64
CA PHE D 582 62.07 -21.96 -27.80
C PHE D 582 61.19 -22.23 -29.02
N VAL D 583 59.91 -22.52 -28.78
CA VAL D 583 58.94 -22.80 -29.82
C VAL D 583 57.92 -21.67 -29.79
N ILE D 584 57.88 -20.86 -30.84
CA ILE D 584 57.03 -19.68 -30.89
C ILE D 584 56.20 -19.73 -32.17
N ASN D 585 54.91 -19.44 -32.04
CA ASN D 585 53.98 -19.43 -33.16
C ASN D 585 52.96 -18.31 -32.95
N ASN D 586 52.55 -17.68 -34.05
CA ASN D 586 51.44 -16.72 -34.05
C ASN D 586 51.57 -15.68 -32.93
N SER D 587 52.77 -15.10 -32.82
CA SER D 587 53.05 -14.14 -31.76
C SER D 587 53.76 -12.93 -32.36
N ASP D 588 53.90 -11.87 -31.55
CA ASP D 588 54.54 -10.65 -32.00
C ASP D 588 55.31 -10.02 -30.85
N ASN D 589 56.41 -9.33 -31.22
CA ASN D 589 57.27 -8.64 -30.26
CA ASN D 589 57.27 -8.64 -30.26
C ASN D 589 57.79 -9.60 -29.19
N ILE D 590 58.30 -10.74 -29.63
CA ILE D 590 58.90 -11.74 -28.75
C ILE D 590 60.41 -11.58 -28.84
N THR D 591 61.05 -11.26 -27.72
CA THR D 591 62.49 -11.03 -27.68
C THR D 591 63.14 -12.15 -26.87
N ILE D 592 63.83 -13.05 -27.57
CA ILE D 592 64.70 -14.03 -26.94
C ILE D 592 66.10 -13.45 -27.02
N SER D 593 66.48 -12.71 -25.98
CA SER D 593 67.65 -11.85 -26.03
C SER D 593 68.95 -12.66 -26.15
N ILE D 594 69.93 -12.04 -26.81
CA ILE D 594 71.27 -12.61 -26.87
C ILE D 594 71.91 -12.63 -25.48
N ASN D 595 71.43 -11.81 -24.56
CA ASN D 595 72.04 -11.68 -23.24
C ASN D 595 71.55 -12.77 -22.28
N ASN D 596 71.55 -14.02 -22.74
CA ASN D 596 71.27 -15.16 -21.89
C ASN D 596 72.51 -16.05 -21.84
N ILE D 597 72.64 -16.80 -20.74
CA ILE D 597 73.83 -17.60 -20.47
C ILE D 597 73.47 -19.07 -20.61
N LEU D 598 74.32 -19.82 -21.29
CA LEU D 598 74.14 -21.25 -21.49
C LEU D 598 75.38 -22.00 -21.00
N GLN D 599 75.16 -23.06 -20.23
CA GLN D 599 76.23 -23.81 -19.60
C GLN D 599 76.02 -25.30 -19.85
N GLY D 600 77.10 -25.99 -20.25
CA GLY D 600 77.05 -27.42 -20.44
C GLY D 600 76.48 -27.90 -21.75
N PHE D 601 76.40 -27.03 -22.75
CA PHE D 601 75.87 -27.40 -24.06
C PHE D 601 76.98 -27.47 -25.09
N SER D 602 76.77 -28.30 -26.11
CA SER D 602 77.77 -28.49 -27.15
C SER D 602 77.75 -27.35 -28.17
N GLU D 603 76.61 -26.68 -28.34
CA GLU D 603 76.48 -25.59 -29.28
C GLU D 603 76.48 -24.25 -28.56
N GLY D 604 76.71 -23.18 -29.33
CA GLY D 604 76.69 -21.85 -28.78
C GLY D 604 75.28 -21.32 -28.58
N LYS D 605 75.21 -20.19 -27.88
CA LYS D 605 73.90 -19.63 -27.54
C LYS D 605 73.17 -19.11 -28.78
N SER D 606 73.90 -18.71 -29.82
CA SER D 606 73.25 -18.23 -31.03
C SER D 606 72.42 -19.31 -31.69
N GLN D 607 72.82 -20.58 -31.54
CA GLN D 607 72.04 -21.68 -32.08
C GLN D 607 70.87 -22.03 -31.17
N LEU D 608 71.11 -22.12 -29.87
CA LEU D 608 70.12 -22.64 -28.94
C LEU D 608 69.06 -21.62 -28.55
N LEU D 609 69.30 -20.33 -28.81
CA LEU D 609 68.34 -19.28 -28.47
C LEU D 609 67.45 -18.89 -29.64
N SER D 610 67.68 -19.43 -30.83
CA SER D 610 66.86 -19.05 -31.98
C SER D 610 65.58 -19.88 -32.00
N PRO D 611 64.41 -19.25 -32.11
CA PRO D 611 63.16 -19.99 -31.99
C PRO D 611 62.83 -20.81 -33.22
N THR D 612 61.89 -21.75 -33.02
CA THR D 612 61.34 -22.58 -34.08
C THR D 612 59.82 -22.58 -33.97
N THR D 613 59.18 -23.19 -34.96
CA THR D 613 57.72 -23.35 -34.94
C THR D 613 57.27 -24.74 -34.54
N THR D 614 58.18 -25.71 -34.53
CA THR D 614 57.85 -27.09 -34.17
C THR D 614 58.83 -27.59 -33.13
N TYR D 615 58.46 -28.69 -32.46
CA TYR D 615 59.38 -29.36 -31.55
C TYR D 615 60.61 -29.87 -32.31
N LYS D 616 60.37 -30.53 -33.45
CA LYS D 616 61.40 -31.20 -34.23
C LYS D 616 62.24 -32.15 -33.37
#